data_7T6Y
# 
_entry.id   7T6Y 
# 
_audit_conform.dict_name       mmcif_pdbx.dic 
_audit_conform.dict_version    5.380 
_audit_conform.dict_location   http://mmcif.pdb.org/dictionaries/ascii/mmcif_pdbx.dic 
# 
loop_
_database_2.database_id 
_database_2.database_code 
_database_2.pdbx_database_accession 
_database_2.pdbx_DOI 
PDB   7T6Y         pdb_00007t6y 10.2210/pdb7t6y/pdb 
WWPDB D_1000261749 ?            ?                   
# 
_pdbx_database_PDB_obs_spr.id               SPRSDE 
_pdbx_database_PDB_obs_spr.date             2021-12-22 
_pdbx_database_PDB_obs_spr.pdb_id           7T6Y 
_pdbx_database_PDB_obs_spr.replace_pdb_id   7SB9 
_pdbx_database_PDB_obs_spr.details          ? 
# 
_pdbx_database_related.db_name        PDB 
_pdbx_database_related.details        . 
_pdbx_database_related.db_id          7SB8 
_pdbx_database_related.content_type   unspecified 
# 
_pdbx_database_status.status_code                     REL 
_pdbx_database_status.status_code_sf                  REL 
_pdbx_database_status.status_code_mr                  ? 
_pdbx_database_status.entry_id                        7T6Y 
_pdbx_database_status.recvd_initial_deposition_date   2021-12-14 
_pdbx_database_status.SG_entry                        N 
_pdbx_database_status.deposit_site                    RCSB 
_pdbx_database_status.process_site                    RCSB 
_pdbx_database_status.status_code_cs                  ? 
_pdbx_database_status.status_code_nmr_data            ? 
_pdbx_database_status.methods_development_category    ? 
_pdbx_database_status.pdb_format_compatible           Y 
# 
loop_
_audit_author.name 
_audit_author.pdbx_ordinal 
_audit_author.identifier_ORCID 
'Luteran, E.M.'    1 ? 
'Paukstelis, P.J.' 2 ? 
# 
_citation.abstract                  ? 
_citation.abstract_id_CAS           ? 
_citation.book_id_ISBN              ? 
_citation.book_publisher            ? 
_citation.book_publisher_city       ? 
_citation.book_title                ? 
_citation.coordinate_linkage        ? 
_citation.country                   ? 
_citation.database_id_Medline       ? 
_citation.details                   ? 
_citation.id                        primary 
_citation.journal_abbrev            'Acta Crystallogr D Struct Biol' 
_citation.journal_id_ASTM           ? 
_citation.journal_id_CSD            ? 
_citation.journal_id_ISSN           2059-7983 
_citation.journal_full              ? 
_citation.journal_issue             ? 
_citation.journal_volume            78 
_citation.language                  ? 
_citation.page_first                299 
_citation.page_last                 309 
_citation.title                     
'The parallel-stranded d(CGA) duplex is a highly predictable structural motif with two conformationally distinct strands.' 
_citation.year                      2022 
_citation.database_id_CSD           ? 
_citation.pdbx_database_id_DOI      10.1107/S2059798322000304 
_citation.pdbx_database_id_PubMed   35234144 
_citation.pdbx_database_id_patent   ? 
_citation.unpublished_flag          ? 
# 
loop_
_citation_author.citation_id 
_citation_author.name 
_citation_author.ordinal 
_citation_author.identifier_ORCID 
primary 'Luteran, E.M.'    1 ? 
primary 'Paukstelis, P.J.' 2 ? 
# 
_cell.angle_alpha                  90.000 
_cell.angle_alpha_esd              ? 
_cell.angle_beta                   91.030 
_cell.angle_beta_esd               ? 
_cell.angle_gamma                  90.000 
_cell.angle_gamma_esd              ? 
_cell.entry_id                     7T6Y 
_cell.details                      ? 
_cell.formula_units_Z              ? 
_cell.length_a                     84.499 
_cell.length_a_esd                 ? 
_cell.length_b                     32.350 
_cell.length_b_esd                 ? 
_cell.length_c                     32.260 
_cell.length_c_esd                 ? 
_cell.volume                       ? 
_cell.volume_esd                   ? 
_cell.Z_PDB                        8 
_cell.reciprocal_angle_alpha       ? 
_cell.reciprocal_angle_beta        ? 
_cell.reciprocal_angle_gamma       ? 
_cell.reciprocal_angle_alpha_esd   ? 
_cell.reciprocal_angle_beta_esd    ? 
_cell.reciprocal_angle_gamma_esd   ? 
_cell.reciprocal_length_a          ? 
_cell.reciprocal_length_b          ? 
_cell.reciprocal_length_c          ? 
_cell.reciprocal_length_a_esd      ? 
_cell.reciprocal_length_b_esd      ? 
_cell.reciprocal_length_c_esd      ? 
_cell.pdbx_unique_axis             ? 
# 
_symmetry.entry_id                         7T6Y 
_symmetry.cell_setting                     ? 
_symmetry.Int_Tables_number                5 
_symmetry.space_group_name_Hall            ? 
_symmetry.space_group_name_H-M             'C 1 2 1' 
_symmetry.pdbx_full_space_group_name_H-M   ? 
# 
loop_
_entity.id 
_entity.type 
_entity.src_method 
_entity.pdbx_description 
_entity.formula_weight 
_entity.pdbx_number_of_molecules 
_entity.pdbx_ec 
_entity.pdbx_mutation 
_entity.pdbx_fragment 
_entity.details 
1 polymer     man 
;DNA (5'-D(*CP*GP*AP*CP*GP*AP*CP*GP*AP*CP*GP*AP*CP*GP*AP*TP*GP*A)-3')
;
5559.620 2   ? ? ? ? 
2 non-polymer syn 'BARIUM ION'                                                           137.327  7   ? ? ? ? 
3 water       nat water                                                                  18.015   119 ? ? ? ? 
# 
_entity_poly.entity_id                      1 
_entity_poly.type                           polydeoxyribonucleotide 
_entity_poly.nstd_linkage                   no 
_entity_poly.nstd_monomer                   no 
_entity_poly.pdbx_seq_one_letter_code       '(DC)(DG)(DA)(DC)(DG)(DA)(DC)(DG)(DA)(DC)(DG)(DA)(DC)(DG)(DA)(DT)(DG)(DA)' 
_entity_poly.pdbx_seq_one_letter_code_can   CGACGACGACGACGATGA 
_entity_poly.pdbx_strand_id                 A,B 
_entity_poly.pdbx_target_identifier         ? 
# 
loop_
_entity_poly_seq.entity_id 
_entity_poly_seq.num 
_entity_poly_seq.mon_id 
_entity_poly_seq.hetero 
1 1  DC n 
1 2  DG n 
1 3  DA n 
1 4  DC n 
1 5  DG n 
1 6  DA n 
1 7  DC n 
1 8  DG n 
1 9  DA n 
1 10 DC n 
1 11 DG n 
1 12 DA n 
1 13 DC n 
1 14 DG n 
1 15 DA n 
1 16 DT n 
1 17 DG n 
1 18 DA n 
# 
_entity_src_gen.entity_id                          1 
_entity_src_gen.pdbx_src_id                        1 
_entity_src_gen.pdbx_alt_source_flag               sample 
_entity_src_gen.pdbx_seq_type                      'Biological sequence' 
_entity_src_gen.pdbx_beg_seq_num                   1 
_entity_src_gen.pdbx_end_seq_num                   18 
_entity_src_gen.gene_src_common_name               ? 
_entity_src_gen.gene_src_genus                     ? 
_entity_src_gen.pdbx_gene_src_gene                 ? 
_entity_src_gen.gene_src_species                   ? 
_entity_src_gen.gene_src_strain                    ? 
_entity_src_gen.gene_src_tissue                    ? 
_entity_src_gen.gene_src_tissue_fraction           ? 
_entity_src_gen.gene_src_details                   ? 
_entity_src_gen.pdbx_gene_src_fragment             ? 
_entity_src_gen.pdbx_gene_src_scientific_name      'synthetic construct' 
_entity_src_gen.pdbx_gene_src_ncbi_taxonomy_id     32630 
_entity_src_gen.pdbx_gene_src_variant              ? 
_entity_src_gen.pdbx_gene_src_cell_line            ? 
_entity_src_gen.pdbx_gene_src_atcc                 ? 
_entity_src_gen.pdbx_gene_src_organ                ? 
_entity_src_gen.pdbx_gene_src_organelle            ? 
_entity_src_gen.pdbx_gene_src_cell                 ? 
_entity_src_gen.pdbx_gene_src_cellular_location    ? 
_entity_src_gen.host_org_common_name               ? 
_entity_src_gen.pdbx_host_org_scientific_name      'synthetic construct' 
_entity_src_gen.pdbx_host_org_ncbi_taxonomy_id     32630 
_entity_src_gen.host_org_genus                     ? 
_entity_src_gen.pdbx_host_org_gene                 ? 
_entity_src_gen.pdbx_host_org_organ                ? 
_entity_src_gen.host_org_species                   ? 
_entity_src_gen.pdbx_host_org_tissue               ? 
_entity_src_gen.pdbx_host_org_tissue_fraction      ? 
_entity_src_gen.pdbx_host_org_strain               ? 
_entity_src_gen.pdbx_host_org_variant              ? 
_entity_src_gen.pdbx_host_org_cell_line            ? 
_entity_src_gen.pdbx_host_org_atcc                 ? 
_entity_src_gen.pdbx_host_org_culture_collection   ? 
_entity_src_gen.pdbx_host_org_cell                 ? 
_entity_src_gen.pdbx_host_org_organelle            ? 
_entity_src_gen.pdbx_host_org_cellular_location    ? 
_entity_src_gen.pdbx_host_org_vector_type          ? 
_entity_src_gen.pdbx_host_org_vector               ? 
_entity_src_gen.host_org_details                   ? 
_entity_src_gen.expression_system_id               ? 
_entity_src_gen.plasmid_name                       ? 
_entity_src_gen.plasmid_details                    ? 
_entity_src_gen.pdbx_description                   ? 
# 
_struct_ref.id                         1 
_struct_ref.db_name                    PDB 
_struct_ref.db_code                    7T6Y 
_struct_ref.pdbx_db_accession          7T6Y 
_struct_ref.pdbx_db_isoform            ? 
_struct_ref.entity_id                  1 
_struct_ref.pdbx_seq_one_letter_code   ? 
_struct_ref.pdbx_align_begin           1 
# 
loop_
_struct_ref_seq.align_id 
_struct_ref_seq.ref_id 
_struct_ref_seq.pdbx_PDB_id_code 
_struct_ref_seq.pdbx_strand_id 
_struct_ref_seq.seq_align_beg 
_struct_ref_seq.pdbx_seq_align_beg_ins_code 
_struct_ref_seq.seq_align_end 
_struct_ref_seq.pdbx_seq_align_end_ins_code 
_struct_ref_seq.pdbx_db_accession 
_struct_ref_seq.db_align_beg 
_struct_ref_seq.pdbx_db_align_beg_ins_code 
_struct_ref_seq.db_align_end 
_struct_ref_seq.pdbx_db_align_end_ins_code 
_struct_ref_seq.pdbx_auth_seq_align_beg 
_struct_ref_seq.pdbx_auth_seq_align_end 
1 1 7T6Y A 1 ? 18 ? 7T6Y 1 ? 18 ? 1 18 
2 1 7T6Y B 1 ? 18 ? 7T6Y 1 ? 18 ? 1 18 
# 
loop_
_chem_comp.id 
_chem_comp.type 
_chem_comp.mon_nstd_flag 
_chem_comp.name 
_chem_comp.pdbx_synonyms 
_chem_comp.formula 
_chem_comp.formula_weight 
BA  non-polymer   . 'BARIUM ION'                         ? 'Ba 2'            137.327 
DA  'DNA linking' y "2'-DEOXYADENOSINE-5'-MONOPHOSPHATE" ? 'C10 H14 N5 O6 P' 331.222 
DC  'DNA linking' y "2'-DEOXYCYTIDINE-5'-MONOPHOSPHATE"  ? 'C9 H14 N3 O7 P'  307.197 
DG  'DNA linking' y "2'-DEOXYGUANOSINE-5'-MONOPHOSPHATE" ? 'C10 H14 N5 O7 P' 347.221 
DT  'DNA linking' y "THYMIDINE-5'-MONOPHOSPHATE"         ? 'C10 H15 N2 O8 P' 322.208 
HOH non-polymer   . WATER                                ? 'H2 O'            18.015  
# 
_exptl.absorpt_coefficient_mu     ? 
_exptl.absorpt_correction_T_max   ? 
_exptl.absorpt_correction_T_min   ? 
_exptl.absorpt_correction_type    ? 
_exptl.absorpt_process_details    ? 
_exptl.entry_id                   7T6Y 
_exptl.crystals_number            1 
_exptl.details                    ? 
_exptl.method                     'X-RAY DIFFRACTION' 
_exptl.method_details             ? 
# 
_exptl_crystal.colour                      ? 
_exptl_crystal.density_diffrn              ? 
_exptl_crystal.density_Matthews            1.98 
_exptl_crystal.density_method              ? 
_exptl_crystal.density_percent_sol         37.95 
_exptl_crystal.description                 ? 
_exptl_crystal.F_000                       ? 
_exptl_crystal.id                          1 
_exptl_crystal.preparation                 ? 
_exptl_crystal.size_max                    ? 
_exptl_crystal.size_mid                    ? 
_exptl_crystal.size_min                    ? 
_exptl_crystal.size_rad                    ? 
_exptl_crystal.colour_lustre               ? 
_exptl_crystal.colour_modifier             ? 
_exptl_crystal.colour_primary              ? 
_exptl_crystal.density_meas                ? 
_exptl_crystal.density_meas_esd            ? 
_exptl_crystal.density_meas_gt             ? 
_exptl_crystal.density_meas_lt             ? 
_exptl_crystal.density_meas_temp           ? 
_exptl_crystal.density_meas_temp_esd       ? 
_exptl_crystal.density_meas_temp_gt        ? 
_exptl_crystal.density_meas_temp_lt        ? 
_exptl_crystal.pdbx_crystal_image_url      ? 
_exptl_crystal.pdbx_crystal_image_format   ? 
_exptl_crystal.pdbx_mosaicity              ? 
_exptl_crystal.pdbx_mosaicity_esd          ? 
# 
_exptl_crystal_grow.apparatus       ? 
_exptl_crystal_grow.atmosphere      ? 
_exptl_crystal_grow.crystal_id      1 
_exptl_crystal_grow.details         ? 
_exptl_crystal_grow.method          'VAPOR DIFFUSION, SITTING DROP' 
_exptl_crystal_grow.method_ref      ? 
_exptl_crystal_grow.pH              5.5 
_exptl_crystal_grow.pressure        ? 
_exptl_crystal_grow.pressure_esd    ? 
_exptl_crystal_grow.seeding         ? 
_exptl_crystal_grow.seeding_ref     ? 
_exptl_crystal_grow.temp            295 
_exptl_crystal_grow.temp_details    ? 
_exptl_crystal_grow.temp_esd        ? 
_exptl_crystal_grow.time            ? 
_exptl_crystal_grow.pdbx_details    '20% MPD, 120 mM barium chloride, 30 mM sodium cacodylate, equilibrated against 30% MPD' 
_exptl_crystal_grow.pdbx_pH_range   ? 
# 
_diffrn.ambient_environment              ? 
_diffrn.ambient_temp                     100 
_diffrn.ambient_temp_details             ? 
_diffrn.ambient_temp_esd                 ? 
_diffrn.crystal_id                       1 
_diffrn.crystal_support                  ? 
_diffrn.crystal_treatment                ? 
_diffrn.details                          ? 
_diffrn.id                               1 
_diffrn.ambient_pressure                 ? 
_diffrn.ambient_pressure_esd             ? 
_diffrn.ambient_pressure_gt              ? 
_diffrn.ambient_pressure_lt              ? 
_diffrn.ambient_temp_gt                  ? 
_diffrn.ambient_temp_lt                  ? 
_diffrn.pdbx_serial_crystal_experiment   N 
# 
_diffrn_detector.details                      ? 
_diffrn_detector.detector                     PIXEL 
_diffrn_detector.diffrn_id                    1 
_diffrn_detector.type                         'DECTRIS EIGER X 16M' 
_diffrn_detector.area_resol_mean              ? 
_diffrn_detector.dtime                        ? 
_diffrn_detector.pdbx_frames_total            ? 
_diffrn_detector.pdbx_collection_time_total   ? 
_diffrn_detector.pdbx_collection_date         2019-11-24 
_diffrn_detector.pdbx_frequency               ? 
# 
_diffrn_radiation.collimation                      ? 
_diffrn_radiation.diffrn_id                        1 
_diffrn_radiation.filter_edge                      ? 
_diffrn_radiation.inhomogeneity                    ? 
_diffrn_radiation.monochromator                    ? 
_diffrn_radiation.polarisn_norm                    ? 
_diffrn_radiation.polarisn_ratio                   ? 
_diffrn_radiation.probe                            ? 
_diffrn_radiation.type                             ? 
_diffrn_radiation.xray_symbol                      ? 
_diffrn_radiation.wavelength_id                    1 
_diffrn_radiation.pdbx_monochromatic_or_laue_m_l   M 
_diffrn_radiation.pdbx_wavelength_list             ? 
_diffrn_radiation.pdbx_wavelength                  ? 
_diffrn_radiation.pdbx_diffrn_protocol             'SINGLE WAVELENGTH' 
_diffrn_radiation.pdbx_analyzer                    ? 
_diffrn_radiation.pdbx_scattering_type             x-ray 
# 
_diffrn_radiation_wavelength.id           1 
_diffrn_radiation_wavelength.wavelength   0.979 
_diffrn_radiation_wavelength.wt           1.0 
# 
_diffrn_source.current                     ? 
_diffrn_source.details                     ? 
_diffrn_source.diffrn_id                   1 
_diffrn_source.power                       ? 
_diffrn_source.size                        ? 
_diffrn_source.source                      SYNCHROTRON 
_diffrn_source.target                      ? 
_diffrn_source.type                        'APS BEAMLINE 24-ID-E' 
_diffrn_source.voltage                     ? 
_diffrn_source.take-off_angle              ? 
_diffrn_source.pdbx_wavelength_list        0.979 
_diffrn_source.pdbx_wavelength             ? 
_diffrn_source.pdbx_synchrotron_beamline   24-ID-E 
_diffrn_source.pdbx_synchrotron_site       APS 
# 
_reflns.B_iso_Wilson_estimate                          ? 
_reflns.entry_id                                       7T6Y 
_reflns.data_reduction_details                         ? 
_reflns.data_reduction_method                          ? 
_reflns.d_resolution_high                              2.30 
_reflns.d_resolution_low                               32.2550 
_reflns.details                                        ? 
_reflns.limit_h_max                                    ? 
_reflns.limit_h_min                                    ? 
_reflns.limit_k_max                                    ? 
_reflns.limit_k_min                                    ? 
_reflns.limit_l_max                                    ? 
_reflns.limit_l_min                                    ? 
_reflns.number_all                                     ? 
_reflns.number_obs                                     3487 
_reflns.observed_criterion                             ? 
_reflns.observed_criterion_F_max                       ? 
_reflns.observed_criterion_F_min                       ? 
_reflns.observed_criterion_I_max                       ? 
_reflns.observed_criterion_I_min                       ? 
_reflns.observed_criterion_sigma_F                     ? 
_reflns.observed_criterion_sigma_I                     ? 
_reflns.percent_possible_obs                           87.2 
_reflns.R_free_details                                 ? 
_reflns.Rmerge_F_all                                   ? 
_reflns.Rmerge_F_obs                                   ? 
_reflns.Friedel_coverage                               ? 
_reflns.number_gt                                      ? 
_reflns.threshold_expression                           ? 
_reflns.pdbx_redundancy                                1.8 
_reflns.pdbx_Rmerge_I_obs                              ? 
_reflns.pdbx_Rmerge_I_all                              ? 
_reflns.pdbx_Rsym_value                                ? 
_reflns.pdbx_netI_over_av_sigmaI                       ? 
_reflns.pdbx_netI_over_sigmaI                          5.7 
_reflns.pdbx_res_netI_over_av_sigmaI_2                 ? 
_reflns.pdbx_res_netI_over_sigmaI_2                    ? 
_reflns.pdbx_chi_squared                               ? 
_reflns.pdbx_scaling_rejects                           ? 
_reflns.pdbx_d_res_high_opt                            ? 
_reflns.pdbx_d_res_low_opt                             ? 
_reflns.pdbx_d_res_opt_method                          ? 
_reflns.phase_calculation_details                      ? 
_reflns.pdbx_Rrim_I_all                                ? 
_reflns.pdbx_Rpim_I_all                                0.109 
_reflns.pdbx_d_opt                                     ? 
_reflns.pdbx_number_measured_all                       ? 
_reflns.pdbx_diffrn_id                                 1 
_reflns.pdbx_ordinal                                   1 
_reflns.pdbx_CC_half                                   0.940 
_reflns.pdbx_CC_star                                   ? 
_reflns.pdbx_R_split                                   ? 
_reflns.pdbx_aniso_diffraction_limit_axis_1_ortho[1]   ? 
_reflns.pdbx_aniso_diffraction_limit_axis_1_ortho[2]   ? 
_reflns.pdbx_aniso_diffraction_limit_axis_1_ortho[3]   ? 
_reflns.pdbx_aniso_diffraction_limit_axis_2_ortho[1]   ? 
_reflns.pdbx_aniso_diffraction_limit_axis_2_ortho[2]   ? 
_reflns.pdbx_aniso_diffraction_limit_axis_2_ortho[3]   ? 
_reflns.pdbx_aniso_diffraction_limit_axis_3_ortho[1]   ? 
_reflns.pdbx_aniso_diffraction_limit_axis_3_ortho[2]   ? 
_reflns.pdbx_aniso_diffraction_limit_axis_3_ortho[3]   ? 
_reflns.pdbx_aniso_diffraction_limit_1                 ? 
_reflns.pdbx_aniso_diffraction_limit_2                 ? 
_reflns.pdbx_aniso_diffraction_limit_3                 ? 
_reflns.pdbx_aniso_B_tensor_eigenvector_1_ortho[1]     ? 
_reflns.pdbx_aniso_B_tensor_eigenvector_1_ortho[2]     ? 
_reflns.pdbx_aniso_B_tensor_eigenvector_1_ortho[3]     ? 
_reflns.pdbx_aniso_B_tensor_eigenvector_2_ortho[1]     ? 
_reflns.pdbx_aniso_B_tensor_eigenvector_2_ortho[2]     ? 
_reflns.pdbx_aniso_B_tensor_eigenvector_2_ortho[3]     ? 
_reflns.pdbx_aniso_B_tensor_eigenvector_3_ortho[1]     ? 
_reflns.pdbx_aniso_B_tensor_eigenvector_3_ortho[2]     ? 
_reflns.pdbx_aniso_B_tensor_eigenvector_3_ortho[3]     ? 
_reflns.pdbx_aniso_B_tensor_eigenvalue_1               ? 
_reflns.pdbx_aniso_B_tensor_eigenvalue_2               ? 
_reflns.pdbx_aniso_B_tensor_eigenvalue_3               ? 
_reflns.pdbx_orthogonalization_convention              ? 
_reflns.pdbx_percent_possible_ellipsoidal              ? 
_reflns.pdbx_percent_possible_spherical                ? 
_reflns.pdbx_percent_possible_ellipsoidal_anomalous    ? 
_reflns.pdbx_percent_possible_spherical_anomalous      ? 
_reflns.pdbx_redundancy_anomalous                      ? 
_reflns.pdbx_CC_half_anomalous                         ? 
_reflns.pdbx_absDiff_over_sigma_anomalous              ? 
_reflns.pdbx_percent_possible_anomalous                ? 
_reflns.pdbx_observed_signal_threshold                 ? 
_reflns.pdbx_signal_type                               ? 
_reflns.pdbx_signal_details                            ? 
_reflns.pdbx_signal_software_id                        ? 
# 
_reflns_shell.d_res_high                                    2.30 
_reflns_shell.d_res_low                                     2.38 
_reflns_shell.meanI_over_sigI_all                           ? 
_reflns_shell.meanI_over_sigI_obs                           5.0 
_reflns_shell.number_measured_all                           ? 
_reflns_shell.number_measured_obs                           ? 
_reflns_shell.number_possible                               ? 
_reflns_shell.number_unique_all                             ? 
_reflns_shell.number_unique_obs                             350 
_reflns_shell.percent_possible_all                          ? 
_reflns_shell.percent_possible_obs                          ? 
_reflns_shell.Rmerge_F_all                                  ? 
_reflns_shell.Rmerge_F_obs                                  ? 
_reflns_shell.Rmerge_I_all                                  ? 
_reflns_shell.Rmerge_I_obs                                  ? 
_reflns_shell.meanI_over_sigI_gt                            ? 
_reflns_shell.meanI_over_uI_all                             ? 
_reflns_shell.meanI_over_uI_gt                              ? 
_reflns_shell.number_measured_gt                            ? 
_reflns_shell.number_unique_gt                              ? 
_reflns_shell.percent_possible_gt                           ? 
_reflns_shell.Rmerge_F_gt                                   ? 
_reflns_shell.Rmerge_I_gt                                   ? 
_reflns_shell.pdbx_redundancy                               ? 
_reflns_shell.pdbx_Rsym_value                               ? 
_reflns_shell.pdbx_chi_squared                              ? 
_reflns_shell.pdbx_netI_over_sigmaI_all                     ? 
_reflns_shell.pdbx_netI_over_sigmaI_obs                     ? 
_reflns_shell.pdbx_Rrim_I_all                               ? 
_reflns_shell.pdbx_Rpim_I_all                               0.288 
_reflns_shell.pdbx_rejects                                  ? 
_reflns_shell.pdbx_ordinal                                  1 
_reflns_shell.pdbx_diffrn_id                                1 
_reflns_shell.pdbx_CC_half                                  0.395 
_reflns_shell.pdbx_CC_star                                  ? 
_reflns_shell.pdbx_R_split                                  ? 
_reflns_shell.pdbx_percent_possible_ellipsoidal             ? 
_reflns_shell.pdbx_percent_possible_spherical               ? 
_reflns_shell.pdbx_percent_possible_ellipsoidal_anomalous   ? 
_reflns_shell.pdbx_percent_possible_spherical_anomalous     ? 
_reflns_shell.pdbx_redundancy_anomalous                     ? 
_reflns_shell.pdbx_CC_half_anomalous                        ? 
_reflns_shell.pdbx_absDiff_over_sigma_anomalous             ? 
_reflns_shell.pdbx_percent_possible_anomalous               ? 
# 
_refine.aniso_B[1][1]                            ? 
_refine.aniso_B[1][2]                            ? 
_refine.aniso_B[1][3]                            ? 
_refine.aniso_B[2][2]                            ? 
_refine.aniso_B[2][3]                            ? 
_refine.aniso_B[3][3]                            ? 
_refine.B_iso_max                                41.020 
_refine.B_iso_mean                               13.2239 
_refine.B_iso_min                                1.790 
_refine.correlation_coeff_Fo_to_Fc               ? 
_refine.correlation_coeff_Fo_to_Fc_free          ? 
_refine.details                                  ? 
_refine.diff_density_max                         ? 
_refine.diff_density_max_esd                     ? 
_refine.diff_density_min                         ? 
_refine.diff_density_min_esd                     ? 
_refine.diff_density_rms                         ? 
_refine.diff_density_rms_esd                     ? 
_refine.entry_id                                 7T6Y 
_refine.pdbx_refine_id                           'X-RAY DIFFRACTION' 
_refine.ls_abs_structure_details                 ? 
_refine.ls_abs_structure_Flack                   ? 
_refine.ls_abs_structure_Flack_esd               ? 
_refine.ls_abs_structure_Rogers                  ? 
_refine.ls_abs_structure_Rogers_esd              ? 
_refine.ls_d_res_high                            2.3000 
_refine.ls_d_res_low                             32.2550 
_refine.ls_extinction_coef                       ? 
_refine.ls_extinction_coef_esd                   ? 
_refine.ls_extinction_expression                 ? 
_refine.ls_extinction_method                     ? 
_refine.ls_goodness_of_fit_all                   ? 
_refine.ls_goodness_of_fit_all_esd               ? 
_refine.ls_goodness_of_fit_obs                   ? 
_refine.ls_goodness_of_fit_obs_esd               ? 
_refine.ls_hydrogen_treatment                    ? 
_refine.ls_matrix_type                           ? 
_refine.ls_number_constraints                    ? 
_refine.ls_number_parameters                     ? 
_refine.ls_number_reflns_all                     ? 
_refine.ls_number_reflns_obs                     3487 
_refine.ls_number_reflns_R_free                  161 
_refine.ls_number_reflns_R_work                  3326 
_refine.ls_number_restraints                     ? 
_refine.ls_percent_reflns_obs                    87.2200 
_refine.ls_percent_reflns_R_free                 4.6200 
_refine.ls_R_factor_all                          ? 
_refine.ls_R_factor_obs                          0.2058 
_refine.ls_R_factor_R_free                       0.2417 
_refine.ls_R_factor_R_free_error                 ? 
_refine.ls_R_factor_R_free_error_details         ? 
_refine.ls_R_factor_R_work                       0.2040 
_refine.ls_R_Fsqd_factor_obs                     ? 
_refine.ls_R_I_factor_obs                        ? 
_refine.ls_redundancy_reflns_all                 ? 
_refine.ls_redundancy_reflns_obs                 ? 
_refine.ls_restrained_S_all                      ? 
_refine.ls_restrained_S_obs                      ? 
_refine.ls_shift_over_esd_max                    ? 
_refine.ls_shift_over_esd_mean                   ? 
_refine.ls_structure_factor_coef                 ? 
_refine.ls_weighting_details                     ? 
_refine.ls_weighting_scheme                      ? 
_refine.ls_wR_factor_all                         ? 
_refine.ls_wR_factor_obs                         ? 
_refine.ls_wR_factor_R_free                      ? 
_refine.ls_wR_factor_R_work                      ? 
_refine.occupancy_max                            ? 
_refine.occupancy_min                            ? 
_refine.solvent_model_details                    'FLAT BULK SOLVENT MODEL' 
_refine.solvent_model_param_bsol                 ? 
_refine.solvent_model_param_ksol                 ? 
_refine.pdbx_R_complete                          ? 
_refine.ls_R_factor_gt                           ? 
_refine.ls_goodness_of_fit_gt                    ? 
_refine.ls_goodness_of_fit_ref                   ? 
_refine.ls_shift_over_su_max                     ? 
_refine.ls_shift_over_su_max_lt                  ? 
_refine.ls_shift_over_su_mean                    ? 
_refine.ls_shift_over_su_mean_lt                 ? 
_refine.pdbx_ls_sigma_I                          ? 
_refine.pdbx_ls_sigma_F                          1.450 
_refine.pdbx_ls_sigma_Fsqd                       ? 
_refine.pdbx_data_cutoff_high_absF               ? 
_refine.pdbx_data_cutoff_high_rms_absF           ? 
_refine.pdbx_data_cutoff_low_absF                ? 
_refine.pdbx_isotropic_thermal_model             ? 
_refine.pdbx_ls_cross_valid_method               THROUGHOUT 
_refine.pdbx_method_to_determine_struct          'MOLECULAR REPLACEMENT' 
_refine.pdbx_starting_model                      1IXJ 
_refine.pdbx_stereochemistry_target_values       ML 
_refine.pdbx_R_Free_selection_details            ? 
_refine.pdbx_stereochem_target_val_spec_case     ? 
_refine.pdbx_overall_ESU_R                       ? 
_refine.pdbx_overall_ESU_R_Free                  ? 
_refine.pdbx_solvent_vdw_probe_radii             1.1100 
_refine.pdbx_solvent_ion_probe_radii             ? 
_refine.pdbx_solvent_shrinkage_radii             0.9000 
_refine.pdbx_real_space_R                        ? 
_refine.pdbx_density_correlation                 ? 
_refine.pdbx_pd_number_of_powder_patterns        ? 
_refine.pdbx_pd_number_of_points                 ? 
_refine.pdbx_pd_meas_number_of_points            ? 
_refine.pdbx_pd_proc_ls_prof_R_factor            ? 
_refine.pdbx_pd_proc_ls_prof_wR_factor           ? 
_refine.pdbx_pd_Marquardt_correlation_coeff      ? 
_refine.pdbx_pd_Fsqrd_R_factor                   ? 
_refine.pdbx_pd_ls_matrix_band_width             ? 
_refine.pdbx_overall_phase_error                 19.5000 
_refine.pdbx_overall_SU_R_free_Cruickshank_DPI   ? 
_refine.pdbx_overall_SU_R_free_Blow_DPI          ? 
_refine.pdbx_overall_SU_R_Blow_DPI               ? 
_refine.pdbx_TLS_residual_ADP_flag               ? 
_refine.pdbx_diffrn_id                           1 
_refine.overall_SU_B                             ? 
_refine.overall_SU_ML                            0.1900 
_refine.overall_SU_R_Cruickshank_DPI             ? 
_refine.overall_SU_R_free                        ? 
_refine.overall_FOM_free_R_set                   ? 
_refine.overall_FOM_work_R_set                   ? 
_refine.pdbx_average_fsc_overall                 ? 
_refine.pdbx_average_fsc_work                    ? 
_refine.pdbx_average_fsc_free                    ? 
# 
_refine_hist.pdbx_refine_id                   'X-RAY DIFFRACTION' 
_refine_hist.cycle_id                         final 
_refine_hist.details                          ? 
_refine_hist.d_res_high                       2.3000 
_refine_hist.d_res_low                        32.2550 
_refine_hist.number_atoms_solvent             119 
_refine_hist.number_atoms_total               869 
_refine_hist.number_reflns_all                ? 
_refine_hist.number_reflns_obs                ? 
_refine_hist.number_reflns_R_free             ? 
_refine_hist.number_reflns_R_work             ? 
_refine_hist.R_factor_all                     ? 
_refine_hist.R_factor_obs                     ? 
_refine_hist.R_factor_R_free                  ? 
_refine_hist.R_factor_R_work                  ? 
_refine_hist.pdbx_number_residues_total       36 
_refine_hist.pdbx_B_iso_mean_ligand           15.30 
_refine_hist.pdbx_B_iso_mean_solvent          17.97 
_refine_hist.pdbx_number_atoms_protein        0 
_refine_hist.pdbx_number_atoms_nucleic_acid   740 
_refine_hist.pdbx_number_atoms_ligand         10 
_refine_hist.pdbx_number_atoms_lipid          ? 
_refine_hist.pdbx_number_atoms_carb           ? 
_refine_hist.pdbx_pseudo_atom_details         ? 
# 
loop_
_refine_ls_restr.pdbx_refine_id 
_refine_ls_restr.criterion 
_refine_ls_restr.dev_ideal 
_refine_ls_restr.dev_ideal_target 
_refine_ls_restr.number 
_refine_ls_restr.rejects 
_refine_ls_restr.type 
_refine_ls_restr.weight 
_refine_ls_restr.pdbx_restraint_function 
'X-RAY DIFFRACTION' ? 0.009  ? 834  ? f_bond_d           ? ? 
'X-RAY DIFFRACTION' ? 0.998  ? 1284 ? f_angle_d          ? ? 
'X-RAY DIFFRACTION' ? 31.510 ? 352  ? f_dihedral_angle_d ? ? 
'X-RAY DIFFRACTION' ? 0.059  ? 142  ? f_chiral_restr     ? ? 
'X-RAY DIFFRACTION' ? 0.008  ? 36   ? f_plane_restr      ? ? 
# 
loop_
_refine_ls_shell.pdbx_refine_id 
_refine_ls_shell.d_res_high 
_refine_ls_shell.d_res_low 
_refine_ls_shell.number_reflns_all 
_refine_ls_shell.number_reflns_obs 
_refine_ls_shell.number_reflns_R_free 
_refine_ls_shell.number_reflns_R_work 
_refine_ls_shell.percent_reflns_obs 
_refine_ls_shell.percent_reflns_R_free 
_refine_ls_shell.R_factor_all 
_refine_ls_shell.R_factor_obs 
_refine_ls_shell.R_factor_R_free 
_refine_ls_shell.R_factor_R_free_error 
_refine_ls_shell.R_factor_R_work 
_refine_ls_shell.redundancy_reflns_all 
_refine_ls_shell.redundancy_reflns_obs 
_refine_ls_shell.wR_factor_all 
_refine_ls_shell.wR_factor_obs 
_refine_ls_shell.wR_factor_R_free 
_refine_ls_shell.wR_factor_R_work 
_refine_ls_shell.pdbx_R_complete 
_refine_ls_shell.pdbx_total_number_of_bins_used 
_refine_ls_shell.pdbx_phase_error 
_refine_ls_shell.pdbx_fsc_work 
_refine_ls_shell.pdbx_fsc_free 
'X-RAY DIFFRACTION' 2.3001 2.8976  . . 83 1642 87.0000 . . . 0.2713 0.0000 0.2251 . . . . . . . . . . . 
'X-RAY DIFFRACTION' 2.8976 32.2550 . . 78 1684 87.0000 . . . 0.2246 0.0000 0.1914 . . . . . . . . . . . 
# 
_struct.entry_id                     7T6Y 
_struct.title                        'd((CGA)5TGA) parallel-stranded homo-duplex' 
_struct.pdbx_model_details           ? 
_struct.pdbx_formula_weight          ? 
_struct.pdbx_formula_weight_method   ? 
_struct.pdbx_model_type_details      ? 
_struct.pdbx_CASP_flag               N 
# 
_struct_keywords.entry_id        7T6Y 
_struct_keywords.text            'triplet repeat DNA, parallel-stranded duplex, non-canonical DNA, d(CGA), DNA' 
_struct_keywords.pdbx_keywords   DNA 
# 
loop_
_struct_asym.id 
_struct_asym.pdbx_blank_PDB_chainid_flag 
_struct_asym.pdbx_modified 
_struct_asym.entity_id 
_struct_asym.details 
A N N 1 ? 
B N N 1 ? 
C N N 2 ? 
D N N 2 ? 
E N N 2 ? 
F N N 2 ? 
G N N 2 ? 
H N N 2 ? 
I N N 2 ? 
J N N 3 ? 
K N N 3 ? 
# 
loop_
_struct_conn.id 
_struct_conn.conn_type_id 
_struct_conn.pdbx_leaving_atom_flag 
_struct_conn.pdbx_PDB_id 
_struct_conn.ptnr1_label_asym_id 
_struct_conn.ptnr1_label_comp_id 
_struct_conn.ptnr1_label_seq_id 
_struct_conn.ptnr1_label_atom_id 
_struct_conn.pdbx_ptnr1_label_alt_id 
_struct_conn.pdbx_ptnr1_PDB_ins_code 
_struct_conn.pdbx_ptnr1_standard_comp_id 
_struct_conn.ptnr1_symmetry 
_struct_conn.ptnr2_label_asym_id 
_struct_conn.ptnr2_label_comp_id 
_struct_conn.ptnr2_label_seq_id 
_struct_conn.ptnr2_label_atom_id 
_struct_conn.pdbx_ptnr2_label_alt_id 
_struct_conn.pdbx_ptnr2_PDB_ins_code 
_struct_conn.ptnr1_auth_asym_id 
_struct_conn.ptnr1_auth_comp_id 
_struct_conn.ptnr1_auth_seq_id 
_struct_conn.ptnr2_auth_asym_id 
_struct_conn.ptnr2_auth_comp_id 
_struct_conn.ptnr2_auth_seq_id 
_struct_conn.ptnr2_symmetry 
_struct_conn.pdbx_ptnr3_label_atom_id 
_struct_conn.pdbx_ptnr3_label_seq_id 
_struct_conn.pdbx_ptnr3_label_comp_id 
_struct_conn.pdbx_ptnr3_label_asym_id 
_struct_conn.pdbx_ptnr3_label_alt_id 
_struct_conn.pdbx_ptnr3_PDB_ins_code 
_struct_conn.details 
_struct_conn.pdbx_dist_value 
_struct_conn.pdbx_value_order 
_struct_conn.pdbx_role 
metalc1  metalc ? ? A DG  2  O6  ? ? ? 1_555 C BA  .  BA B ? A DG  2   A BA  101 1_555 ? ? ? ? ? ? ?            3.004 ? ? 
metalc2  metalc ? ? A DG  5  O6  ? ? ? 1_555 F BA  .  BA ? ? A DG  5   A BA  104 1_555 ? ? ? ? ? ? ?            2.654 ? ? 
metalc3  metalc ? ? A DG  8  O6  ? ? ? 1_555 E BA  .  BA ? ? A DG  8   A BA  103 1_555 ? ? ? ? ? ? ?            2.728 ? ? 
metalc4  metalc ? ? A DG  11 O6  ? ? ? 1_555 D BA  .  BA A ? A DG  11  A BA  102 4_445 ? ? ? ? ? ? ?            2.916 ? ? 
metalc5  metalc ? ? A DG  14 O6  ? ? ? 1_555 G BA  .  BA ? ? A DG  14  A BA  105 1_555 ? ? ? ? ? ? ?            2.809 ? ? 
metalc6  metalc ? ? C BA  .  BA  A ? ? 1_555 J HOH .  O  ? ? A BA  101 A HOH 211 4_445 ? ? ? ? ? ? ?            2.584 ? ? 
metalc7  metalc ? ? C BA  .  BA  B ? ? 1_555 J HOH .  O  ? ? A BA  101 A HOH 211 4_445 ? ? ? ? ? ? ?            2.893 ? ? 
metalc8  metalc ? ? C BA  .  BA  A ? ? 1_555 J HOH .  O  ? ? A BA  101 A HOH 217 4_445 ? ? ? ? ? ? ?            2.674 ? ? 
metalc9  metalc ? ? C BA  .  BA  A ? ? 1_555 J HOH .  O  ? ? A BA  101 A HOH 222 4_445 ? ? ? ? ? ? ?            3.044 ? ? 
metalc10 metalc ? ? C BA  .  BA  B ? ? 1_555 J HOH .  O  ? ? A BA  101 A HOH 222 4_445 ? ? ? ? ? ? ?            2.861 ? ? 
metalc11 metalc ? ? C BA  .  BA  A ? ? 1_555 J HOH .  O  ? ? A BA  101 A HOH 229 1_555 ? ? ? ? ? ? ?            3.046 ? ? 
metalc12 metalc ? ? C BA  .  BA  B ? ? 1_555 J HOH .  O  ? ? A BA  101 A HOH 229 1_555 ? ? ? ? ? ? ?            2.569 ? ? 
metalc13 metalc ? ? C BA  .  BA  B ? ? 1_555 J HOH .  O  ? ? A BA  101 A HOH 239 1_555 ? ? ? ? ? ? ?            2.537 ? ? 
metalc14 metalc ? ? C BA  .  BA  A ? ? 1_555 J HOH .  O  ? ? A BA  101 A HOH 243 1_555 ? ? ? ? ? ? ?            2.627 ? ? 
metalc15 metalc ? ? C BA  .  BA  A ? ? 1_555 J HOH .  O  ? ? A BA  101 A HOH 245 4_445 ? ? ? ? ? ? ?            3.424 ? ? 
metalc16 metalc ? ? C BA  .  BA  A ? ? 1_555 K HOH .  O  ? ? A BA  101 B HOH 224 1_555 ? ? ? ? ? ? ?            3.227 ? ? 
metalc17 metalc ? ? C BA  .  BA  B ? ? 1_555 K HOH .  O  ? ? A BA  101 B HOH 224 1_555 ? ? ? ? ? ? ?            2.941 ? ? 
metalc18 metalc ? ? D BA  .  BA  A ? ? 1_555 J HOH .  O  ? ? A BA  102 A HOH 204 1_555 ? ? ? ? ? ? ?            3.434 ? ? 
metalc19 metalc ? ? D BA  .  BA  B ? ? 1_555 J HOH .  O  ? ? A BA  102 A HOH 204 1_555 ? ? ? ? ? ? ?            2.632 ? ? 
metalc20 metalc ? ? D BA  .  BA  A ? ? 1_555 J HOH .  O  ? ? A BA  102 A HOH 206 1_555 ? ? ? ? ? ? ?            2.963 ? ? 
metalc21 metalc ? ? D BA  .  BA  B ? ? 1_555 J HOH .  O  ? ? A BA  102 A HOH 206 1_555 ? ? ? ? ? ? ?            2.856 ? ? 
metalc22 metalc ? ? D BA  .  BA  A ? ? 1_555 J HOH .  O  ? ? A BA  102 A HOH 207 4_455 ? ? ? ? ? ? ?            2.556 ? ? 
metalc23 metalc ? ? D BA  .  BA  B ? ? 1_555 J HOH .  O  ? ? A BA  102 A HOH 207 4_455 ? ? ? ? ? ? ?            3.103 ? ? 
metalc24 metalc ? ? D BA  .  BA  A ? ? 1_555 J HOH .  O  ? ? A BA  102 A HOH 218 1_555 ? ? ? ? ? ? ?            2.875 ? ? 
metalc25 metalc ? ? D BA  .  BA  B ? ? 1_555 J HOH .  O  ? ? A BA  102 A HOH 218 1_555 ? ? ? ? ? ? ?            3.078 ? ? 
metalc26 metalc ? ? D BA  .  BA  A ? ? 1_555 J HOH .  O  ? ? A BA  102 A HOH 224 1_555 ? ? ? ? ? ? ?            3.040 ? ? 
metalc27 metalc ? ? D BA  .  BA  B ? ? 1_555 J HOH .  O  ? ? A BA  102 A HOH 224 1_555 ? ? ? ? ? ? ?            2.571 ? ? 
metalc28 metalc ? ? D BA  .  BA  A ? ? 1_555 J HOH .  O  ? ? A BA  102 A HOH 225 4_455 ? ? ? ? ? ? ?            3.081 ? ? 
metalc29 metalc ? ? D BA  .  BA  B ? ? 1_555 J HOH .  O  ? ? A BA  102 A HOH 232 4_455 ? ? ? ? ? ? ?            2.943 ? ? 
metalc30 metalc ? ? D BA  .  BA  A ? ? 1_555 J HOH .  O  ? ? A BA  102 A HOH 240 4_455 ? ? ? ? ? ? ?            3.434 ? ? 
metalc31 metalc ? ? D BA  .  BA  B ? ? 1_555 J HOH .  O  ? ? A BA  102 A HOH 240 4_455 ? ? ? ? ? ? ?            2.514 ? ? 
metalc32 metalc ? ? E BA  .  BA  ? ? ? 1_555 J HOH .  O  ? ? A BA  103 A HOH 231 1_555 ? ? ? ? ? ? ?            3.496 ? ? 
metalc33 metalc ? ? E BA  .  BA  ? ? ? 1_555 J HOH .  O  ? ? A BA  103 A HOH 235 1_555 ? ? ? ? ? ? ?            2.970 ? ? 
metalc34 metalc ? ? E BA  .  BA  ? ? ? 1_555 J HOH .  O  ? ? A BA  103 A HOH 251 1_555 ? ? ? ? ? ? ?            2.698 ? ? 
metalc35 metalc ? ? F BA  .  BA  ? ? ? 1_555 J HOH .  O  ? ? A BA  104 A HOH 206 1_555 ? ? ? ? ? ? ?            3.488 ? ? 
metalc36 metalc ? ? F BA  .  BA  ? ? ? 1_555 J HOH .  O  ? ? A BA  104 A HOH 219 1_555 ? ? ? ? ? ? ?            3.206 ? ? 
metalc37 metalc ? ? F BA  .  BA  ? ? ? 1_555 J HOH .  O  ? ? A BA  104 A HOH 225 4_455 ? ? ? ? ? ? ?            2.813 ? ? 
metalc38 metalc ? ? F BA  .  BA  ? ? ? 1_555 J HOH .  O  ? ? A BA  104 A HOH 257 1_555 ? ? ? ? ? ? ?            2.674 ? ? 
metalc39 metalc ? ? F BA  .  BA  ? ? ? 1_555 K HOH .  O  ? ? A BA  104 B HOH 210 4_455 ? ? ? ? ? ? ?            3.344 ? ? 
metalc40 metalc ? ? G BA  .  BA  ? ? ? 1_555 J HOH .  O  ? ? A BA  105 A HOH 222 1_555 ? ? ? ? ? ? ?            3.328 ? ? 
metalc41 metalc ? ? G BA  .  BA  ? ? ? 1_555 J HOH .  O  ? ? A BA  105 A HOH 227 1_555 ? ? ? ? ? ? ?            2.926 ? ? 
metalc42 metalc ? ? G BA  .  BA  ? ? ? 1_555 J HOH .  O  ? ? A BA  105 A HOH 239 4_455 ? ? ? ? ? ? ?            3.065 ? ? 
metalc43 metalc ? ? G BA  .  BA  ? ? ? 1_555 K HOH .  O  ? ? A BA  105 B HOH 220 2_454 ? ? ? ? ? ? ?            3.027 ? ? 
metalc44 metalc ? ? G BA  .  BA  ? ? ? 1_555 K HOH .  O  ? ? A BA  105 B HOH 230 2_454 ? ? ? ? ? ? ?            3.044 ? ? 
metalc45 metalc ? ? G BA  .  BA  ? ? ? 1_555 K HOH .  O  ? ? A BA  105 B HOH 250 2_454 ? ? ? ? ? ? ?            3.289 ? ? 
metalc46 metalc ? ? J HOH .  O   ? ? ? 1_555 H BA  .  BA ? ? A HOH 213 B BA  101 1_555 ? ? ? ? ? ? ?            3.125 ? ? 
metalc47 metalc ? ? J HOH .  O   ? ? ? 4_445 I BA  .  BA A ? A HOH 256 B BA  102 1_555 ? ? ? ? ? ? ?            2.854 ? ? 
metalc48 metalc ? ? B DC  10 OP2 ? ? ? 1_555 H BA  .  BA ? ? B DC  10  B BA  101 1_555 ? ? ? ? ? ? ?            3.354 ? ? 
metalc49 metalc ? ? B DG  11 O6  ? ? ? 1_555 H BA  .  BA ? ? B DG  11  B BA  101 1_555 ? ? ? ? ? ? ?            2.536 ? ? 
metalc50 metalc ? ? B DG  14 O6  ? ? ? 1_555 I BA  .  BA B ? B DG  14  B BA  102 1_555 ? ? ? ? ? ? ?            2.666 ? ? 
metalc51 metalc ? ? H BA  .  BA  ? ? ? 1_555 K HOH .  O  ? ? B BA  101 B HOH 215 1_555 ? ? ? ? ? ? ?            2.543 ? ? 
metalc52 metalc ? ? H BA  .  BA  ? ? ? 1_555 K HOH .  O  ? ? B BA  101 B HOH 244 4_454 ? ? ? ? ? ? ?            3.403 ? ? 
metalc53 metalc ? ? H BA  .  BA  ? ? ? 1_555 K HOH .  O  ? ? B BA  101 B HOH 248 4_454 ? ? ? ? ? ? ?            3.445 ? ? 
metalc54 metalc ? ? H BA  .  BA  ? ? ? 1_555 K HOH .  O  ? ? B BA  101 B HOH 252 1_555 ? ? ? ? ? ? ?            2.925 ? ? 
metalc55 metalc ? ? I BA  .  BA  A ? ? 1_555 K HOH .  O  ? ? B BA  102 B HOH 223 1_555 ? ? ? ? ? ? ?            2.628 ? ? 
metalc56 metalc ? ? I BA  .  BA  B ? ? 1_555 K HOH .  O  ? ? B BA  102 B HOH 223 1_555 ? ? ? ? ? ? ?            3.336 ? ? 
metalc57 metalc ? ? I BA  .  BA  A ? ? 1_555 K HOH .  O  ? ? B BA  102 B HOH 226 1_555 ? ? ? ? ? ? ?            2.849 ? ? 
metalc58 metalc ? ? I BA  .  BA  B ? ? 1_555 K HOH .  O  ? ? B BA  102 B HOH 226 1_555 ? ? ? ? ? ? ?            2.901 ? ? 
metalc59 metalc ? ? I BA  .  BA  B ? ? 1_555 K HOH .  O  ? ? B BA  102 B HOH 235 1_555 ? ? ? ? ? ? ?            3.022 ? ? 
metalc60 metalc ? ? I BA  .  BA  B ? ? 1_555 K HOH .  O  ? ? B BA  102 B HOH 241 1_555 ? ? ? ? ? ? ?            2.580 ? ? 
metalc61 metalc ? ? I BA  .  BA  A ? ? 1_555 K HOH .  O  ? ? B BA  102 B HOH 260 1_555 ? ? ? ? ? ? ?            2.872 ? ? 
metalc62 metalc ? ? I BA  .  BA  B ? ? 1_555 K HOH .  O  ? ? B BA  102 B HOH 260 1_555 ? ? ? ? ? ? ?            2.879 ? ? 
hydrog1  hydrog ? ? A DC  1  N4  ? ? ? 1_555 B DC  1  O2 ? ? A DC  1   B DC  1   1_555 ? ? ? ? ? ? TYPE_15_PAIR ?     ? ? 
hydrog2  hydrog ? ? A DC  1  O2  ? ? ? 1_555 B DC  1  N4 ? ? A DC  1   B DC  1   1_555 ? ? ? ? ? ? TYPE_15_PAIR ?     ? ? 
hydrog3  hydrog ? ? A DG  2  N2  ? ? ? 1_555 B DG  2  N3 ? ? A DG  2   B DG  2   1_555 ? ? ? ? ? ? TYPE_4_PAIR  ?     ? ? 
hydrog4  hydrog ? ? A DG  2  N3  ? ? ? 1_555 B DG  2  N2 ? ? A DG  2   B DG  2   1_555 ? ? ? ? ? ? TYPE_4_PAIR  ?     ? ? 
hydrog5  hydrog ? ? A DA  3  N6  ? ? ? 1_555 B DA  3  N7 ? ? A DA  3   B DA  3   1_555 ? ? ? ? ? ? TYPE_2_PAIR  ?     ? ? 
hydrog6  hydrog ? ? A DA  3  N7  ? ? ? 1_555 B DA  3  N6 ? ? A DA  3   B DA  3   1_555 ? ? ? ? ? ? TYPE_2_PAIR  ?     ? ? 
hydrog7  hydrog ? ? A DC  4  N4  ? ? ? 1_555 B DC  4  O2 ? ? A DC  4   B DC  4   1_555 ? ? ? ? ? ? TYPE_15_PAIR ?     ? ? 
hydrog8  hydrog ? ? A DC  4  O2  ? ? ? 1_555 B DC  4  N4 ? ? A DC  4   B DC  4   1_555 ? ? ? ? ? ? TYPE_15_PAIR ?     ? ? 
hydrog9  hydrog ? ? A DG  5  N2  ? ? ? 1_555 B DG  5  N3 ? ? A DG  5   B DG  5   1_555 ? ? ? ? ? ? TYPE_4_PAIR  ?     ? ? 
hydrog10 hydrog ? ? A DG  5  N3  ? ? ? 1_555 B DG  5  N2 ? ? A DG  5   B DG  5   1_555 ? ? ? ? ? ? TYPE_4_PAIR  ?     ? ? 
hydrog11 hydrog ? ? A DA  6  N6  ? ? ? 1_555 B DA  6  N7 ? ? A DA  6   B DA  6   1_555 ? ? ? ? ? ? TYPE_2_PAIR  ?     ? ? 
hydrog12 hydrog ? ? A DA  6  N7  ? ? ? 1_555 B DA  6  N6 ? ? A DA  6   B DA  6   1_555 ? ? ? ? ? ? TYPE_2_PAIR  ?     ? ? 
hydrog13 hydrog ? ? A DC  7  N4  ? ? ? 1_555 B DC  7  O2 ? ? A DC  7   B DC  7   1_555 ? ? ? ? ? ? TYPE_15_PAIR ?     ? ? 
hydrog14 hydrog ? ? A DC  7  O2  ? ? ? 1_555 B DC  7  N4 ? ? A DC  7   B DC  7   1_555 ? ? ? ? ? ? TYPE_15_PAIR ?     ? ? 
hydrog15 hydrog ? ? A DG  8  N2  ? ? ? 1_555 B DG  8  N3 ? ? A DG  8   B DG  8   1_555 ? ? ? ? ? ? TYPE_4_PAIR  ?     ? ? 
hydrog16 hydrog ? ? A DG  8  N3  ? ? ? 1_555 B DG  8  N2 ? ? A DG  8   B DG  8   1_555 ? ? ? ? ? ? TYPE_4_PAIR  ?     ? ? 
hydrog17 hydrog ? ? A DA  9  N6  ? ? ? 1_555 B DA  9  N7 ? ? A DA  9   B DA  9   1_555 ? ? ? ? ? ? TYPE_2_PAIR  ?     ? ? 
hydrog18 hydrog ? ? A DA  9  N7  ? ? ? 1_555 B DA  9  N6 ? ? A DA  9   B DA  9   1_555 ? ? ? ? ? ? TYPE_2_PAIR  ?     ? ? 
hydrog19 hydrog ? ? A DC  10 N4  ? ? ? 1_555 B DC  10 O2 ? ? A DC  10  B DC  10  1_555 ? ? ? ? ? ? TYPE_15_PAIR ?     ? ? 
hydrog20 hydrog ? ? A DC  10 O2  ? ? ? 1_555 B DC  10 N4 ? ? A DC  10  B DC  10  1_555 ? ? ? ? ? ? TYPE_15_PAIR ?     ? ? 
hydrog21 hydrog ? ? A DG  11 N2  ? ? ? 1_555 B DG  11 N3 ? ? A DG  11  B DG  11  1_555 ? ? ? ? ? ? TYPE_4_PAIR  ?     ? ? 
hydrog22 hydrog ? ? A DG  11 N3  ? ? ? 1_555 B DG  11 N2 ? ? A DG  11  B DG  11  1_555 ? ? ? ? ? ? TYPE_4_PAIR  ?     ? ? 
hydrog23 hydrog ? ? A DA  12 N6  ? ? ? 1_555 B DA  12 N7 ? ? A DA  12  B DA  12  1_555 ? ? ? ? ? ? TYPE_2_PAIR  ?     ? ? 
hydrog24 hydrog ? ? A DA  12 N7  ? ? ? 1_555 B DA  12 N6 ? ? A DA  12  B DA  12  1_555 ? ? ? ? ? ? TYPE_2_PAIR  ?     ? ? 
hydrog25 hydrog ? ? A DC  13 N4  ? ? ? 1_555 B DC  13 O2 ? ? A DC  13  B DC  13  1_555 ? ? ? ? ? ? TYPE_15_PAIR ?     ? ? 
hydrog26 hydrog ? ? A DC  13 O2  ? ? ? 1_555 B DC  13 N4 ? ? A DC  13  B DC  13  1_555 ? ? ? ? ? ? TYPE_15_PAIR ?     ? ? 
hydrog27 hydrog ? ? A DG  14 N2  ? ? ? 1_555 B DG  14 N3 ? ? A DG  14  B DG  14  1_555 ? ? ? ? ? ? TYPE_4_PAIR  ?     ? ? 
hydrog28 hydrog ? ? A DG  14 N3  ? ? ? 1_555 B DG  14 N2 ? ? A DG  14  B DG  14  1_555 ? ? ? ? ? ? TYPE_4_PAIR  ?     ? ? 
hydrog29 hydrog ? ? A DA  15 N6  ? ? ? 1_555 B DA  15 N7 ? ? A DA  15  B DA  15  1_555 ? ? ? ? ? ? TYPE_2_PAIR  ?     ? ? 
hydrog30 hydrog ? ? A DA  15 N7  ? ? ? 1_555 B DA  15 N6 ? ? A DA  15  B DA  15  1_555 ? ? ? ? ? ? TYPE_2_PAIR  ?     ? ? 
hydrog31 hydrog ? ? A DT  16 N3  ? ? ? 1_555 B DT  16 O4 ? ? A DT  16  B DT  16  1_555 ? ? ? ? ? ? TYPE_12_PAIR ?     ? ? 
hydrog32 hydrog ? ? A DT  16 O4  ? ? ? 1_555 B DT  16 N3 ? ? A DT  16  B DT  16  1_555 ? ? ? ? ? ? TYPE_12_PAIR ?     ? ? 
hydrog33 hydrog ? ? A DG  17 N2  ? ? ? 1_555 B DG  17 N3 ? ? A DG  17  B DG  17  1_555 ? ? ? ? ? ? TYPE_4_PAIR  ?     ? ? 
hydrog34 hydrog ? ? A DG  17 N3  ? ? ? 1_555 B DG  17 N2 ? ? A DG  17  B DG  17  1_555 ? ? ? ? ? ? TYPE_4_PAIR  ?     ? ? 
hydrog35 hydrog ? ? A DA  18 N6  ? ? ? 1_555 B DA  18 N7 ? ? A DA  18  B DA  18  1_555 ? ? ? ? ? ? TYPE_2_PAIR  ?     ? ? 
hydrog36 hydrog ? ? A DA  18 N7  ? ? ? 1_555 B DA  18 N6 ? ? A DA  18  B DA  18  1_555 ? ? ? ? ? ? TYPE_2_PAIR  ?     ? ? 
# 
loop_
_struct_conn_type.id 
_struct_conn_type.criteria 
_struct_conn_type.reference 
metalc ? ? 
hydrog ? ? 
# 
_atom_sites.entry_id                    7T6Y 
_atom_sites.Cartn_transf_matrix[1][1]   ? 
_atom_sites.Cartn_transf_matrix[1][2]   ? 
_atom_sites.Cartn_transf_matrix[1][3]   ? 
_atom_sites.Cartn_transf_matrix[2][1]   ? 
_atom_sites.Cartn_transf_matrix[2][2]   ? 
_atom_sites.Cartn_transf_matrix[2][3]   ? 
_atom_sites.Cartn_transf_matrix[3][1]   ? 
_atom_sites.Cartn_transf_matrix[3][2]   ? 
_atom_sites.Cartn_transf_matrix[3][3]   ? 
_atom_sites.Cartn_transf_vector[1]      ? 
_atom_sites.Cartn_transf_vector[2]      ? 
_atom_sites.Cartn_transf_vector[3]      ? 
_atom_sites.fract_transf_matrix[1][1]   0.00132960 
_atom_sites.fract_transf_matrix[1][2]   0.00881217 
_atom_sites.fract_transf_matrix[1][3]   0.00779041 
_atom_sites.fract_transf_matrix[2][1]   0.02170992 
_atom_sites.fract_transf_matrix[2][2]   -0.01632262 
_atom_sites.fract_transf_matrix[2][3]   0.01475816 
_atom_sites.fract_transf_matrix[3][1]   0.02185269 
_atom_sites.fract_transf_matrix[3][2]   0.01308101 
_atom_sites.fract_transf_matrix[3][3]   -0.01767861 
_atom_sites.fract_transf_vector[1]      -0.260442 
_atom_sites.fract_transf_vector[2]      -0.153225 
_atom_sites.fract_transf_vector[3]      -0.227463 
_atom_sites.solution_primary            ? 
_atom_sites.solution_secondary          ? 
_atom_sites.solution_hydrogens          ? 
_atom_sites.special_details             ? 
# 
loop_
_atom_type.symbol 
BA 
C  
N  
O  
P  
# 
loop_
_atom_site.group_PDB 
_atom_site.id 
_atom_site.type_symbol 
_atom_site.label_atom_id 
_atom_site.label_alt_id 
_atom_site.label_comp_id 
_atom_site.label_asym_id 
_atom_site.label_entity_id 
_atom_site.label_seq_id 
_atom_site.pdbx_PDB_ins_code 
_atom_site.Cartn_x 
_atom_site.Cartn_y 
_atom_site.Cartn_z 
_atom_site.occupancy 
_atom_site.B_iso_or_equiv 
_atom_site.pdbx_formal_charge 
_atom_site.auth_seq_id 
_atom_site.auth_comp_id 
_atom_site.auth_asym_id 
_atom_site.auth_atom_id 
_atom_site.pdbx_PDB_model_num 
ATOM   1   O  "O5'" . DC  A 1 1  ? 18.982  27.541  -7.054  1.00 26.17 ? 1   DC  A "O5'" 1 
ATOM   2   C  "C5'" . DC  A 1 1  ? 18.733  26.168  -7.298  1.00 19.42 ? 1   DC  A "C5'" 1 
ATOM   3   C  "C4'" . DC  A 1 1  ? 19.537  25.317  -6.334  1.00 15.92 ? 1   DC  A "C4'" 1 
ATOM   4   O  "O4'" . DC  A 1 1  ? 19.245  25.734  -4.974  1.00 10.05 ? 1   DC  A "O4'" 1 
ATOM   5   C  "C3'" . DC  A 1 1  ? 19.221  23.819  -6.381  1.00 10.66 ? 1   DC  A "C3'" 1 
ATOM   6   O  "O3'" . DC  A 1 1  ? 20.386  23.080  -6.098  1.00 10.47 ? 1   DC  A "O3'" 1 
ATOM   7   C  "C2'" . DC  A 1 1  ? 18.208  23.667  -5.270  1.00 6.59  ? 1   DC  A "C2'" 1 
ATOM   8   C  "C1'" . DC  A 1 1  ? 18.792  24.612  -4.240  1.00 9.76  ? 1   DC  A "C1'" 1 
ATOM   9   N  N1    . DC  A 1 1  ? 17.817  25.067  -3.238  1.00 7.35  ? 1   DC  A N1    1 
ATOM   10  C  C2    . DC  A 1 1  ? 18.021  24.759  -1.901  1.00 7.34  ? 1   DC  A C2    1 
ATOM   11  O  O2    . DC  A 1 1  ? 19.041  24.118  -1.570  1.00 6.23  ? 1   DC  A O2    1 
ATOM   12  N  N3    . DC  A 1 1  ? 17.111  25.177  -0.993  1.00 3.14  ? 1   DC  A N3    1 
ATOM   13  C  C4    . DC  A 1 1  ? 16.048  25.873  -1.371  1.00 6.37  ? 1   DC  A C4    1 
ATOM   14  N  N4    . DC  A 1 1  ? 15.189  26.260  -0.419  1.00 4.79  ? 1   DC  A N4    1 
ATOM   15  C  C5    . DC  A 1 1  ? 15.809  26.194  -2.734  1.00 5.27  ? 1   DC  A C5    1 
ATOM   16  C  C6    . DC  A 1 1  ? 16.714  25.778  -3.629  1.00 9.71  ? 1   DC  A C6    1 
ATOM   17  P  P     . DG  A 1 2  ? 20.446  21.517  -6.448  1.00 9.74  ? 2   DG  A P     1 
ATOM   18  O  OP1   . DG  A 1 2  ? 21.852  21.107  -6.295  1.00 8.35  ? 2   DG  A OP1   1 
ATOM   19  O  OP2   . DG  A 1 2  ? 19.739  21.388  -7.731  1.00 3.53  ? 2   DG  A OP2   1 
ATOM   20  O  "O5'" . DG  A 1 2  ? 19.549  20.814  -5.316  1.00 4.28  ? 2   DG  A "O5'" 1 
ATOM   21  C  "C5'" . DG  A 1 2  ? 20.005  20.781  -3.962  1.00 3.88  ? 2   DG  A "C5'" 1 
ATOM   22  C  "C4'" . DG  A 1 2  ? 18.984  20.110  -3.084  1.00 5.02  ? 2   DG  A "C4'" 1 
ATOM   23  O  "O4'" . DG  A 1 2  ? 17.882  21.021  -2.881  1.00 7.74  ? 2   DG  A "O4'" 1 
ATOM   24  C  "C3'" . DG  A 1 2  ? 18.352  18.821  -3.663  1.00 4.58  ? 2   DG  A "C3'" 1 
ATOM   25  O  "O3'" . DG  A 1 2  ? 18.089  17.926  -2.620  1.00 8.25  ? 2   DG  A "O3'" 1 
ATOM   26  C  "C2'" . DG  A 1 2  ? 17.045  19.325  -4.260  1.00 6.32  ? 2   DG  A "C2'" 1 
ATOM   27  C  "C1'" . DG  A 1 2  ? 16.683  20.357  -3.219  1.00 6.69  ? 2   DG  A "C1'" 1 
ATOM   28  N  N9    . DG  A 1 2  ? 15.721  21.345  -3.653  1.00 6.73  ? 2   DG  A N9    1 
ATOM   29  C  C8    . DG  A 1 2  ? 15.366  21.673  -4.938  1.00 6.79  ? 2   DG  A C8    1 
ATOM   30  N  N7    . DG  A 1 2  ? 14.490  22.631  -4.996  1.00 3.34  ? 2   DG  A N7    1 
ATOM   31  C  C5    . DG  A 1 2  ? 14.245  22.939  -3.647  1.00 7.32  ? 2   DG  A C5    1 
ATOM   32  C  C6    . DG  A 1 2  ? 13.367  23.872  -3.054  1.00 5.66  ? 2   DG  A C6    1 
ATOM   33  O  O6    . DG  A 1 2  ? 12.594  24.647  -3.597  1.00 8.06  ? 2   DG  A O6    1 
ATOM   34  N  N1    . DG  A 1 2  ? 13.443  23.854  -1.673  1.00 2.55  ? 2   DG  A N1    1 
ATOM   35  C  C2    . DG  A 1 2  ? 14.238  23.047  -0.937  1.00 6.43  ? 2   DG  A C2    1 
ATOM   36  N  N2    . DG  A 1 2  ? 14.146  23.197  0.397   1.00 5.47  ? 2   DG  A N2    1 
ATOM   37  N  N3    . DG  A 1 2  ? 15.069  22.156  -1.460  1.00 6.15  ? 2   DG  A N3    1 
ATOM   38  C  C4    . DG  A 1 2  ? 15.008  22.159  -2.825  1.00 7.46  ? 2   DG  A C4    1 
ATOM   39  P  P     . DA  A 1 3  ? 17.861  16.362  -2.916  0.78 3.99  ? 3   DA  A P     1 
ATOM   40  O  OP1   . DA  A 1 3  ? 18.710  15.989  -4.047  1.00 2.77  ? 3   DA  A OP1   1 
ATOM   41  O  OP2   . DA  A 1 3  ? 16.406  16.098  -2.975  1.00 5.04  ? 3   DA  A OP2   1 
ATOM   42  O  "O5'" . DA  A 1 3  ? 18.477  15.667  -1.603  1.00 7.27  ? 3   DA  A "O5'" 1 
ATOM   43  C  "C5'" . DA  A 1 3  ? 19.886  15.819  -1.333  1.00 5.62  ? 3   DA  A "C5'" 1 
ATOM   44  C  "C4'" . DA  A 1 3  ? 20.148  15.964  0.155   1.00 4.29  ? 3   DA  A "C4'" 1 
ATOM   45  O  "O4'" . DA  A 1 3  ? 19.695  17.270  0.605   1.00 4.78  ? 3   DA  A "O4'" 1 
ATOM   46  C  "C3'" . DA  A 1 3  ? 19.405  14.976  1.038   1.00 5.76  ? 3   DA  A "C3'" 1 
ATOM   47  O  "O3'" . DA  A 1 3  ? 20.140  13.771  1.139   1.00 8.44  ? 3   DA  A "O3'" 1 
ATOM   48  C  "C2'" . DA  A 1 3  ? 19.374  15.725  2.362   1.00 5.97  ? 3   DA  A "C2'" 1 
ATOM   49  C  "C1'" . DA  A 1 3  ? 19.101  17.148  1.887   1.00 7.73  ? 3   DA  A "C1'" 1 
ATOM   50  N  N9    . DA  A 1 3  ? 17.682  17.465  1.770   1.00 3.89  ? 3   DA  A N9    1 
ATOM   51  C  C8    . DA  A 1 3  ? 17.012  17.803  0.631   1.00 4.84  ? 3   DA  A C8    1 
ATOM   52  N  N7    . DA  A 1 3  ? 15.724  18.045  0.823   1.00 7.72  ? 3   DA  A N7    1 
ATOM   53  C  C5    . DA  A 1 3  ? 15.540  17.847  2.184   1.00 3.14  ? 3   DA  A C5    1 
ATOM   54  C  C6    . DA  A 1 3  ? 14.405  17.948  3.011   1.00 4.26  ? 3   DA  A C6    1 
ATOM   55  N  N6    . DA  A 1 3  ? 13.182  18.287  2.551   1.00 6.12  ? 3   DA  A N6    1 
ATOM   56  N  N1    . DA  A 1 3  ? 14.560  17.687  4.327   1.00 6.72  ? 3   DA  A N1    1 
ATOM   57  C  C2    . DA  A 1 3  ? 15.786  17.341  4.780   1.00 5.93  ? 3   DA  A C2    1 
ATOM   58  N  N3    . DA  A 1 3  ? 16.937  17.199  4.092   1.00 3.55  ? 3   DA  A N3    1 
ATOM   59  C  C4    . DA  A 1 3  ? 16.743  17.486  2.787   1.00 4.46  ? 3   DA  A C4    1 
ATOM   60  P  P     . DC  A 1 4  ? 19.456  12.423  1.639   0.69 4.81  ? 4   DC  A P     1 
ATOM   61  O  OP1   . DC  A 1 4  ? 20.534  11.427  1.737   1.00 7.98  ? 4   DC  A OP1   1 
ATOM   62  O  OP2   . DC  A 1 4  ? 18.286  12.168  0.796   1.00 2.28  ? 4   DC  A OP2   1 
ATOM   63  O  "O5'" . DC  A 1 4  ? 18.942  12.761  3.106   1.00 4.26  ? 4   DC  A "O5'" 1 
ATOM   64  C  "C5'" . DC  A 1 4  ? 17.665  12.307  3.551   1.00 4.72  ? 4   DC  A "C5'" 1 
ATOM   65  C  "C4'" . DC  A 1 4  ? 16.756  13.468  3.881   1.00 7.33  ? 4   DC  A "C4'" 1 
ATOM   66  O  "O4'" . DC  A 1 4  ? 16.397  14.197  2.685   1.00 3.24  ? 4   DC  A "O4'" 1 
ATOM   67  C  "C3'" . DC  A 1 4  ? 15.439  13.021  4.509   1.00 7.74  ? 4   DC  A "C3'" 1 
ATOM   68  O  "O3'" . DC  A 1 4  ? 15.032  13.899  5.563   1.00 8.92  ? 4   DC  A "O3'" 1 
ATOM   69  C  "C2'" . DC  A 1 4  ? 14.464  13.094  3.353   1.00 5.74  ? 4   DC  A "C2'" 1 
ATOM   70  C  "C1'" . DC  A 1 4  ? 14.989  14.302  2.618   1.00 6.62  ? 4   DC  A "C1'" 1 
ATOM   71  N  N1    . DC  A 1 4  ? 14.595  14.371  1.207   1.00 3.17  ? 4   DC  A N1    1 
ATOM   72  C  C2    . DC  A 1 4  ? 13.376  14.969  0.884   1.00 4.08  ? 4   DC  A C2    1 
ATOM   73  O  O2    . DC  A 1 4  ? 12.677  15.427  1.793   1.00 3.07  ? 4   DC  A O2    1 
ATOM   74  N  N3    . DC  A 1 4  ? 12.990  15.026  -0.409  1.00 2.92  ? 4   DC  A N3    1 
ATOM   75  C  C4    . DC  A 1 4  ? 13.771  14.516  -1.360  1.00 5.22  ? 4   DC  A C4    1 
ATOM   76  N  N4    . DC  A 1 4  ? 13.366  14.624  -2.623  1.00 5.95  ? 4   DC  A N4    1 
ATOM   77  C  C5    . DC  A 1 4  ? 15.030  13.919  -1.061  1.00 4.42  ? 4   DC  A C5    1 
ATOM   78  C  C6    . DC  A 1 4  ? 15.395  13.863  0.224   1.00 3.84  ? 4   DC  A C6    1 
ATOM   79  P  P     . DG  A 1 5  ? 14.180  13.351  6.811   0.89 7.67  ? 5   DG  A P     1 
ATOM   80  O  OP1   . DG  A 1 5  ? 13.691  14.526  7.575   1.00 12.08 ? 5   DG  A OP1   1 
ATOM   81  O  OP2   . DG  A 1 5  ? 15.029  12.365  7.500   1.00 6.43  ? 5   DG  A OP2   1 
ATOM   82  O  "O5'" . DG  A 1 5  ? 12.883  12.699  6.126   1.00 17.86 ? 5   DG  A "O5'" 1 
ATOM   83  C  "C5'" . DG  A 1 5  ? 11.802  13.561  5.741   1.00 10.23 ? 5   DG  A "C5'" 1 
ATOM   84  C  "C4'" . DG  A 1 5  ? 10.692  12.813  5.012   1.00 9.34  ? 5   DG  A "C4'" 1 
ATOM   85  O  "O4'" . DG  A 1 5  ? 11.101  12.502  3.653   1.00 10.05 ? 5   DG  A "O4'" 1 
ATOM   86  C  "C3'" . DG  A 1 5  ? 10.222  11.494  5.636   1.00 11.10 ? 5   DG  A "C3'" 1 
ATOM   87  O  "O3'" . DG  A 1 5  ? 8.814   11.445  5.532   1.00 12.67 ? 5   DG  A "O3'" 1 
ATOM   88  C  "C2'" . DG  A 1 5  ? 10.884  10.428  4.743   1.00 6.60  ? 5   DG  A "C2'" 1 
ATOM   89  C  "C1'" . DG  A 1 5  ? 10.874  11.129  3.387   1.00 6.89  ? 5   DG  A "C1'" 1 
ATOM   90  N  N9    . DG  A 1 5  ? 11.925  10.676  2.482   1.00 6.75  ? 5   DG  A N9    1 
ATOM   91  C  C8    . DG  A 1 5  ? 12.986  9.840   2.775   1.00 7.72  ? 5   DG  A C8    1 
ATOM   92  N  N7    . DG  A 1 5  ? 13.754  9.609   1.745   1.00 8.54  ? 5   DG  A N7    1 
ATOM   93  C  C5    . DG  A 1 5  ? 13.161  10.338  0.710   1.00 7.43  ? 5   DG  A C5    1 
ATOM   94  C  C6    . DG  A 1 5  ? 13.534  10.484  -0.644  1.00 10.42 ? 5   DG  A C6    1 
ATOM   95  O  O6    . DG  A 1 5  ? 14.505  9.998   -1.225  1.00 10.24 ? 5   DG  A O6    1 
ATOM   96  N  N1    . DG  A 1 5  ? 12.645  11.312  -1.340  1.00 3.84  ? 5   DG  A N1    1 
ATOM   97  C  C2    . DG  A 1 5  ? 11.542  11.912  -0.787  1.00 4.44  ? 5   DG  A C2    1 
ATOM   98  N  N2    . DG  A 1 5  ? 10.800  12.673  -1.598  1.00 6.04  ? 5   DG  A N2    1 
ATOM   99  N  N3    . DG  A 1 5  ? 11.184  11.779  0.465   1.00 4.97  ? 5   DG  A N3    1 
ATOM   100 C  C4    . DG  A 1 5  ? 12.041  10.996  1.159   1.00 6.61  ? 5   DG  A C4    1 
ATOM   101 P  P     . DA  A 1 6  ? 7.926   10.461  6.446   0.92 9.44  ? 6   DA  A P     1 
ATOM   102 O  OP1   . DA  A 1 6  ? 8.522   10.267  7.774   1.00 15.17 ? 6   DA  A OP1   1 
ATOM   103 O  OP2   . DA  A 1 6  ? 7.636   9.266   5.602   1.00 12.49 ? 6   DA  A OP2   1 
ATOM   104 O  "O5'" . DA  A 1 6  ? 6.591   11.302  6.639   1.00 13.89 ? 6   DA  A "O5'" 1 
ATOM   105 C  "C5'" . DA  A 1 6  ? 6.620   12.535  7.310   1.00 17.71 ? 6   DA  A "C5'" 1 
ATOM   106 C  "C4'" . DA  A 1 6  ? 5.766   13.574  6.587   1.00 16.30 ? 6   DA  A "C4'" 1 
ATOM   107 O  "O4'" . DA  A 1 6  ? 6.413   13.958  5.357   1.00 14.49 ? 6   DA  A "O4'" 1 
ATOM   108 C  "C3'" . DA  A 1 6  ? 4.375   13.120  6.165   1.00 13.26 ? 6   DA  A "C3'" 1 
ATOM   109 O  "O3'" . DA  A 1 6  ? 3.443   13.276  7.258   1.00 26.20 ? 6   DA  A "O3'" 1 
ATOM   110 C  "C2'" . DA  A 1 6  ? 4.070   14.099  5.031   1.00 10.46 ? 6   DA  A "C2'" 1 
ATOM   111 C  "C1'" . DA  A 1 6  ? 5.429   14.225  4.355   1.00 10.23 ? 6   DA  A "C1'" 1 
ATOM   112 N  N9    . DA  A 1 6  ? 5.649   13.286  3.259   1.00 6.20  ? 6   DA  A N9    1 
ATOM   113 C  C8    . DA  A 1 6  ? 6.595   12.296  3.226   1.00 7.42  ? 6   DA  A C8    1 
ATOM   114 N  N7    . DA  A 1 6  ? 6.602   11.608  2.125   1.00 9.07  ? 6   DA  A N7    1 
ATOM   115 C  C5    . DA  A 1 6  ? 5.568   12.174  1.373   1.00 7.63  ? 6   DA  A C5    1 
ATOM   116 C  C6    . DA  A 1 6  ? 5.067   11.873  0.097   1.00 8.80  ? 6   DA  A C6    1 
ATOM   117 N  N6    . DA  A 1 6  ? 5.562   10.888  -0.660  1.00 7.36  ? 6   DA  A N6    1 
ATOM   118 N  N1    . DA  A 1 6  ? 4.038   12.625  -0.373  1.00 10.81 ? 6   DA  A N1    1 
ATOM   119 C  C2    . DA  A 1 6  ? 3.559   13.615  0.403   1.00 7.56  ? 6   DA  A C2    1 
ATOM   120 N  N3    . DA  A 1 6  ? 3.963   13.988  1.625   1.00 9.28  ? 6   DA  A N3    1 
ATOM   121 C  C4    . DA  A 1 6  ? 4.972   13.207  2.056   1.00 4.75  ? 6   DA  A C4    1 
ATOM   122 P  P     . DC  A 1 7  ? 2.033   12.490  7.266   0.58 15.36 ? 7   DC  A P     1 
ATOM   123 O  OP1   . DC  A 1 7  ? 0.949   13.488  7.403   1.00 35.92 ? 7   DC  A OP1   1 
ATOM   124 O  OP2   . DC  A 1 7  ? 2.131   11.354  8.189   1.00 21.17 ? 7   DC  A OP2   1 
ATOM   125 O  "O5'" . DC  A 1 7  ? 1.923   11.853  5.820   1.00 16.62 ? 7   DC  A "O5'" 1 
ATOM   126 C  "C5'" . DC  A 1 7  ? 0.853   12.215  4.963   1.00 9.10  ? 7   DC  A "C5'" 1 
ATOM   127 C  "C4'" . DC  A 1 7  ? 1.296   12.123  3.518   1.00 15.51 ? 7   DC  A "C4'" 1 
ATOM   128 O  "O4'" . DC  A 1 7  ? 2.597   11.478  3.470   1.00 8.97  ? 7   DC  A "O4'" 1 
ATOM   129 C  "C3'" . DC  A 1 7  ? 0.381   11.299  2.598   1.00 10.21 ? 7   DC  A "C3'" 1 
ATOM   130 O  "O3'" . DC  A 1 7  ? 0.315   11.912  1.339   1.00 11.16 ? 7   DC  A "O3'" 1 
ATOM   131 C  "C2'" . DC  A 1 7  ? 1.106   9.963   2.510   1.00 7.60  ? 7   DC  A "C2'" 1 
ATOM   132 C  "C1'" . DC  A 1 7  ? 2.550   10.428  2.551   1.00 12.10 ? 7   DC  A "C1'" 1 
ATOM   133 N  N1    . DC  A 1 7  ? 3.501   9.382   2.964   1.00 9.56  ? 7   DC  A N1    1 
ATOM   134 C  C2    . DC  A 1 7  ? 4.103   8.627   1.974   1.00 6.71  ? 7   DC  A C2    1 
ATOM   135 O  O2    . DC  A 1 7  ? 3.807   8.859   0.771   1.00 3.27  ? 7   DC  A O2    1 
ATOM   136 N  N3    . DC  A 1 7  ? 4.983   7.660   2.336   1.00 8.01  ? 7   DC  A N3    1 
ATOM   137 C  C4    . DC  A 1 7  ? 5.265   7.450   3.622   1.00 8.60  ? 7   DC  A C4    1 
ATOM   138 N  N4    . DC  A 1 7  ? 6.140   6.476   3.911   1.00 7.52  ? 7   DC  A N4    1 
ATOM   139 C  C5    . DC  A 1 7  ? 4.653   8.222   4.663   1.00 9.09  ? 7   DC  A C5    1 
ATOM   140 C  C6    . DC  A 1 7  ? 3.776   9.173   4.288   1.00 8.68  ? 7   DC  A C6    1 
ATOM   141 P  P     . DG  A 1 8  ? -0.873  11.561  0.318   0.73 11.17 ? 8   DG  A P     1 
ATOM   142 O  OP1   . DG  A 1 8  ? -0.440  12.133  -0.978  1.00 13.40 ? 8   DG  A OP1   1 
ATOM   143 O  OP2   . DG  A 1 8  ? -2.175  11.924  0.915   1.00 20.64 ? 8   DG  A OP2   1 
ATOM   144 O  "O5'" . DG  A 1 8  ? -0.786  9.982   0.138   1.00 17.33 ? 8   DG  A "O5'" 1 
ATOM   145 C  "C5'" . DG  A 1 8  ? 0.079   9.460   -0.851  1.00 10.65 ? 8   DG  A "C5'" 1 
ATOM   146 C  "C4'" . DG  A 1 8  ? 0.030   7.943   -0.907  1.00 14.22 ? 8   DG  A "C4'" 1 
ATOM   147 O  "O4'" . DG  A 1 8  ? 0.729   7.401   0.218   1.00 9.56  ? 8   DG  A "O4'" 1 
ATOM   148 C  "C3'" . DG  A 1 8  ? -1.359  7.302   -0.901  1.00 14.09 ? 8   DG  A "C3'" 1 
ATOM   149 O  "O3'" . DG  A 1 8  ? -1.379  6.225   -1.854  1.00 20.38 ? 8   DG  A "O3'" 1 
ATOM   150 C  "C2'" . DG  A 1 8  ? -1.485  6.776   0.536   1.00 14.05 ? 8   DG  A "C2'" 1 
ATOM   151 C  "C1'" . DG  A 1 8  ? -0.045  6.396   0.831   1.00 12.26 ? 8   DG  A "C1'" 1 
ATOM   152 N  N9    . DG  A 1 8  ? 0.320   6.388   2.252   1.00 10.48 ? 8   DG  A N9    1 
ATOM   153 C  C8    . DG  A 1 8  ? -0.351  6.980   3.292   1.00 9.59  ? 8   DG  A C8    1 
ATOM   154 N  N7    . DG  A 1 8  ? 0.252   6.844   4.447   1.00 9.13  ? 8   DG  A N7    1 
ATOM   155 C  C5    . DG  A 1 8  ? 1.401   6.117   4.151   1.00 8.02  ? 8   DG  A C5    1 
ATOM   156 C  C6    . DG  A 1 8  ? 2.435   5.665   4.993   1.00 11.39 ? 8   DG  A C6    1 
ATOM   157 O  O6    . DG  A 1 8  ? 2.546   5.815   6.213   1.00 11.75 ? 8   DG  A O6    1 
ATOM   158 N  N1    . DG  A 1 8  ? 3.414   4.965   4.283   1.00 9.04  ? 8   DG  A N1    1 
ATOM   159 C  C2    . DG  A 1 8  ? 3.380   4.742   2.934   1.00 7.06  ? 8   DG  A C2    1 
ATOM   160 N  N2    . DG  A 1 8  ? 4.408   4.038   2.414   1.00 8.12  ? 8   DG  A N2    1 
ATOM   161 N  N3    . DG  A 1 8  ? 2.409   5.164   2.140   1.00 8.09  ? 8   DG  A N3    1 
ATOM   162 C  C4    . DG  A 1 8  ? 1.465   5.839   2.806   1.00 9.78  ? 8   DG  A C4    1 
ATOM   163 P  P     . DA  A 1 9  ? -2.765  5.674   -2.451  0.77 9.19  ? 9   DA  A P     1 
ATOM   164 O  OP1   . DA  A 1 9  ? -3.669  6.841   -2.451  1.00 26.23 ? 9   DA  A OP1   1 
ATOM   165 O  OP2   . DA  A 1 9  ? -3.174  4.424   -1.780  1.00 12.79 ? 9   DA  A OP2   1 
ATOM   166 O  "O5'" . DA  A 1 9  ? -2.400  5.274   -3.946  1.00 19.14 ? 9   DA  A "O5'" 1 
ATOM   167 C  "C5'" . DA  A 1 9  ? -1.827  6.238   -4.832  1.00 13.77 ? 9   DA  A "C5'" 1 
ATOM   168 C  "C4'" . DA  A 1 9  ? -0.635  5.640   -5.538  1.00 10.99 ? 9   DA  A "C4'" 1 
ATOM   169 O  "O4'" . DA  A 1 9  ? 0.450   5.536   -4.596  1.00 6.08  ? 9   DA  A "O4'" 1 
ATOM   170 C  "C3'" . DA  A 1 9  ? -0.824  4.203   -5.999  1.00 18.11 ? 9   DA  A "C3'" 1 
ATOM   171 O  "O3'" . DA  A 1 9  ? -1.501  4.149   -7.246  1.00 11.43 ? 9   DA  A "O3'" 1 
ATOM   172 C  "C2'" . DA  A 1 9  ? 0.623   3.740   -6.116  1.00 4.95  ? 9   DA  A "C2'" 1 
ATOM   173 C  "C1'" . DA  A 1 9  ? 1.243   4.406   -4.903  1.00 6.40  ? 9   DA  A "C1'" 1 
ATOM   174 N  N9    . DA  A 1 9  ? 1.275   3.539   -3.735  1.00 7.34  ? 9   DA  A N9    1 
ATOM   175 C  C8    . DA  A 1 9  ? 0.603   3.713   -2.564  1.00 7.02  ? 9   DA  A C8    1 
ATOM   176 N  N7    . DA  A 1 9  ? 0.808   2.764   -1.688  1.00 8.01  ? 9   DA  A N7    1 
ATOM   177 C  C5    . DA  A 1 9  ? 1.693   1.912   -2.329  1.00 7.06  ? 9   DA  A C5    1 
ATOM   178 C  C6    . DA  A 1 9  ? 2.303   0.702   -1.940  1.00 7.02  ? 9   DA  A C6    1 
ATOM   179 N  N6    . DA  A 1 9  ? 2.118   0.133   -0.751  1.00 6.71  ? 9   DA  A N6    1 
ATOM   180 N  N1    . DA  A 1 9  ? 3.123   0.104   -2.830  1.00 7.27  ? 9   DA  A N1    1 
ATOM   181 C  C2    . DA  A 1 9  ? 3.309   0.690   -4.024  1.00 5.70  ? 9   DA  A C2    1 
ATOM   182 N  N3    . DA  A 1 9  ? 2.795   1.814   -4.491  1.00 4.49  ? 9   DA  A N3    1 
ATOM   183 C  C4    . DA  A 1 9  ? 1.990   2.380   -3.594  1.00 4.93  ? 9   DA  A C4    1 
ATOM   184 P  P     . DC  A 1 10 ? -2.275  2.808   -7.675  0.74 8.14  ? 10  DC  A P     1 
ATOM   185 O  OP1   . DC  A 1 10 ? -2.873  3.073   -9.010  1.00 12.95 ? 10  DC  A OP1   1 
ATOM   186 O  OP2   . DC  A 1 10 ? -3.152  2.372   -6.580  1.00 8.40  ? 10  DC  A OP2   1 
ATOM   187 O  "O5'" . DC  A 1 10 ? -1.109  1.724   -7.827  1.00 7.99  ? 10  DC  A "O5'" 1 
ATOM   188 C  "C5'" . DC  A 1 10 ? -1.323  0.397   -7.410  1.00 8.04  ? 10  DC  A "C5'" 1 
ATOM   189 C  "C4'" . DC  A 1 10 ? -0.153  -0.107  -6.565  1.00 12.06 ? 10  DC  A "C4'" 1 
ATOM   190 O  "O4'" . DC  A 1 10 ? -0.197  0.490   -5.233  1.00 9.66  ? 10  DC  A "O4'" 1 
ATOM   191 C  "C3'" . DC  A 1 10 ? -0.166  -1.596  -6.320  1.00 7.66  ? 10  DC  A "C3'" 1 
ATOM   192 O  "O3'" . DC  A 1 10 ? 1.156   -2.043  -6.092  1.00 12.50 ? 10  DC  A "O3'" 1 
ATOM   193 C  "C2'" . DC  A 1 10 ? -1.002  -1.683  -5.046  1.00 6.93  ? 10  DC  A "C2'" 1 
ATOM   194 C  "C1'" . DC  A 1 10 ? -0.427  -0.516  -4.262  1.00 5.07  ? 10  DC  A "C1'" 1 
ATOM   195 N  N1    . DC  A 1 10 ? -1.366  0.003   -3.208  1.00 6.97  ? 10  DC  A N1    1 
ATOM   196 C  C2    . DC  A 1 10 ? -1.282  -0.493  -1.907  1.00 8.73  ? 10  DC  A C2    1 
ATOM   197 O  O2    . DC  A 1 10 ? -0.423  -1.324  -1.643  1.00 8.41  ? 10  DC  A O2    1 
ATOM   198 N  N3    . DC  A 1 10 ? -2.150  -0.040  -0.972  1.00 6.15  ? 10  DC  A N3    1 
ATOM   199 C  C4    . DC  A 1 10 ? -3.083  0.861   -1.306  1.00 10.26 ? 10  DC  A C4    1 
ATOM   200 N  N4    . DC  A 1 10 ? -3.923  1.282   -0.353  1.00 5.69  ? 10  DC  A N4    1 
ATOM   201 C  C5    . DC  A 1 10 ? -3.182  1.380   -2.628  1.00 7.53  ? 10  DC  A C5    1 
ATOM   202 C  C6    . DC  A 1 10 ? -2.322  0.920   -3.537  1.00 5.10  ? 10  DC  A C6    1 
ATOM   203 P  P     . DG  A 1 11 ? 1.549   -3.564  -6.402  1.00 20.42 ? 11  DG  A P     1 
ATOM   204 O  OP1   . DG  A 1 11 ? 2.987   -3.689  -6.084  1.00 15.22 ? 11  DG  A OP1   1 
ATOM   205 O  OP2   . DG  A 1 11 ? 1.007   -3.819  -7.755  1.00 16.76 ? 11  DG  A OP2   1 
ATOM   206 O  "O5'" . DG  A 1 11 ? 0.711   -4.436  -5.349  1.00 14.26 ? 11  DG  A "O5'" 1 
ATOM   207 C  "C5'" . DG  A 1 11 ? 1.025   -4.376  -3.982  1.00 10.33 ? 11  DG  A "C5'" 1 
ATOM   208 C  "C4'" . DG  A 1 11 ? 0.059   -5.210  -3.149  1.00 11.17 ? 11  DG  A "C4'" 1 
ATOM   209 O  "O4'" . DG  A 1 11 ? -1.123  -4.435  -2.822  1.00 7.76  ? 11  DG  A "O4'" 1 
ATOM   210 C  "C3'" . DG  A 1 11 ? -0.450  -6.508  -3.788  1.00 6.38  ? 11  DG  A "C3'" 1 
ATOM   211 O  "O3'" . DG  A 1 11 ? -0.521  -7.503  -2.773  1.00 17.34 ? 11  DG  A "O3'" 1 
ATOM   212 C  "C2'" . DG  A 1 11 ? -1.843  -6.117  -4.270  1.00 4.18  ? 11  DG  A "C2'" 1 
ATOM   213 C  "C1'" . DG  A 1 11 ? -2.287  -5.153  -3.197  1.00 4.99  ? 11  DG  A "C1'" 1 
ATOM   214 N  N9    . DG  A 1 11 ? -3.289  -4.185  -3.647  1.00 4.75  ? 11  DG  A N9    1 
ATOM   215 C  C8    . DG  A 1 11 ? -3.598  -3.862  -4.949  1.00 5.48  ? 11  DG  A C8    1 
ATOM   216 N  N7    . DG  A 1 11 ? -4.516  -2.947  -5.051  1.00 5.53  ? 11  DG  A N7    1 
ATOM   217 C  C5    . DG  A 1 11 ? -4.847  -2.644  -3.740  1.00 6.55  ? 11  DG  A C5    1 
ATOM   218 C  C6    . DG  A 1 11 ? -5.779  -1.707  -3.222  1.00 7.45  ? 11  DG  A C6    1 
ATOM   219 O  O6    . DG  A 1 11 ? -6.530  -0.952  -3.832  1.00 9.11  ? 11  DG  A O6    1 
ATOM   220 N  N1    . DG  A 1 11 ? -5.780  -1.687  -1.837  1.00 13.63 ? 11  DG  A N1    1 
ATOM   221 C  C2    . DG  A 1 11 ? -4.998  -2.473  -1.032  1.00 5.10  ? 11  DG  A C2    1 
ATOM   222 N  N2    . DG  A 1 11 ? -5.175  -2.304  0.290   1.00 7.36  ? 11  DG  A N2    1 
ATOM   223 N  N3    . DG  A 1 11 ? -4.116  -3.353  -1.489  1.00 4.32  ? 11  DG  A N3    1 
ATOM   224 C  C4    . DG  A 1 11 ? -4.091  -3.386  -2.859  1.00 7.29  ? 11  DG  A C4    1 
ATOM   225 P  P     . DA  A 1 12 ? -0.554  -9.074  -3.116  0.91 3.42  ? 12  DA  A P     1 
ATOM   226 O  OP1   . DA  A 1 12 ? 0.121   -9.409  -4.385  1.00 12.88 ? 12  DA  A OP1   1 
ATOM   227 O  OP2   . DA  A 1 12 ? -1.971  -9.462  -2.916  1.00 7.00  ? 12  DA  A OP2   1 
ATOM   228 O  "O5'" . DA  A 1 12 ? 0.369   -9.712  -1.998  1.00 8.14  ? 12  DA  A "O5'" 1 
ATOM   229 C  "C5'" . DA  A 1 12 ? -0.201  -10.140 -0.819  1.00 14.78 ? 12  DA  A "C5'" 1 
ATOM   230 C  "C4'" . DA  A 1 12 ? 0.720   -9.914  0.368   1.00 11.53 ? 12  DA  A "C4'" 1 
ATOM   231 O  "O4'" . DA  A 1 12 ? 0.778   -8.484  0.690   1.00 11.01 ? 12  DA  A "O4'" 1 
ATOM   232 C  "C3'" . DA  A 1 12 ? 0.217   -10.589 1.628   1.00 9.60  ? 12  DA  A "C3'" 1 
ATOM   233 O  "O3'" . DA  A 1 12 ? 0.944   -11.778 1.901   1.00 16.39 ? 12  DA  A "O3'" 1 
ATOM   234 C  "C2'" . DA  A 1 12 ? 0.428   -9.537  2.709   1.00 9.03  ? 12  DA  A "C2'" 1 
ATOM   235 C  "C1'" . DA  A 1 12 ? 0.141   -8.274  1.929   1.00 7.78  ? 12  DA  A "C1'" 1 
ATOM   236 N  N9    . DA  A 1 12 ? -1.295  -8.063  1.683   1.00 9.24  ? 12  DA  A N9    1 
ATOM   237 C  C8    . DA  A 1 12 ? -1.894  -7.794  0.478   1.00 6.83  ? 12  DA  A C8    1 
ATOM   238 N  N7    . DA  A 1 12 ? -3.201  -7.645  0.551   1.00 9.81  ? 12  DA  A N7    1 
ATOM   239 C  C5    . DA  A 1 12 ? -3.492  -7.851  1.884   1.00 6.18  ? 12  DA  A C5    1 
ATOM   240 C  C6    . DA  A 1 12 ? -4.705  -7.831  2.612   1.00 7.71  ? 12  DA  A C6    1 
ATOM   241 N  N6    . DA  A 1 12 ? -5.905  -7.591  2.060   1.00 14.53 ? 12  DA  A N6    1 
ATOM   242 N  N1    . DA  A 1 12 ? -4.640  -8.072  3.936   1.00 9.32  ? 12  DA  A N1    1 
ATOM   243 C  C2    . DA  A 1 12 ? -3.435  -8.302  4.500   1.00 11.47 ? 12  DA  A C2    1 
ATOM   244 N  N3    . DA  A 1 12 ? -2.228  -8.332  3.927   1.00 6.86  ? 12  DA  A N3    1 
ATOM   245 C  C4    . DA  A 1 12 ? -2.322  -8.110  2.605   1.00 6.50  ? 12  DA  A C4    1 
ATOM   246 P  P     . DC  A 1 13 ? 0.336   -13.241 1.569   1.00 6.42  ? 13  DC  A P     1 
ATOM   247 O  OP1   . DC  A 1 13 ? 1.422   -14.201 1.771   1.00 17.43 ? 13  DC  A OP1   1 
ATOM   248 O  OP2   . DC  A 1 13 ? -0.326  -13.219 0.261   1.00 6.88  ? 13  DC  A OP2   1 
ATOM   249 O  "O5'" . DC  A 1 13 ? -0.858  -13.484 2.599   1.00 14.24 ? 13  DC  A "O5'" 1 
ATOM   250 C  "C5'" . DC  A 1 13 ? -0.995  -12.840 3.864   1.00 13.36 ? 13  DC  A "C5'" 1 
ATOM   251 C  "C4'" . DC  A 1 13 ? -2.233  -11.971 3.894   1.00 11.61 ? 13  DC  A "C4'" 1 
ATOM   252 O  "O4'" . DC  A 1 13 ? -2.548  -11.395 2.602   1.00 5.46  ? 13  DC  A "O4'" 1 
ATOM   253 C  "C3'" . DC  A 1 13 ? -3.512  -12.660 4.365   1.00 8.52  ? 13  DC  A "C3'" 1 
ATOM   254 O  "O3'" . DC  A 1 13 ? -4.098  -11.762 5.312   1.00 12.81 ? 13  DC  A "O3'" 1 
ATOM   255 C  "C2'" . DC  A 1 13 ? -4.360  -12.723 3.109   1.00 10.78 ? 13  DC  A "C2'" 1 
ATOM   256 C  "C1'" . DC  A 1 13 ? -3.946  -11.438 2.436   1.00 8.01  ? 13  DC  A "C1'" 1 
ATOM   257 N  N1    . DC  A 1 13 ? -4.249  -11.351 1.004   1.00 6.26  ? 13  DC  A N1    1 
ATOM   258 C  C2    . DC  A 1 13 ? -5.492  -10.853 0.616   1.00 6.85  ? 13  DC  A C2    1 
ATOM   259 O  O2    . DC  A 1 13 ? -6.294  -10.500 1.488   1.00 8.34  ? 13  DC  A O2    1 
ATOM   260 N  N3    . DC  A 1 13 ? -5.796  -10.791 -0.699  1.00 4.83  ? 13  DC  A N3    1 
ATOM   261 C  C4    . DC  A 1 13 ? -4.906  -11.183 -1.608  1.00 7.81  ? 13  DC  A C4    1 
ATOM   262 N  N4    . DC  A 1 13 ? -5.242  -11.083 -2.893  1.00 6.01  ? 13  DC  A N4    1 
ATOM   263 C  C5    . DC  A 1 13 ? -3.629  -11.693 -1.240  1.00 5.43  ? 13  DC  A C5    1 
ATOM   264 C  C6    . DC  A 1 13 ? -3.346  -11.761 0.064   1.00 6.92  ? 13  DC  A C6    1 
ATOM   265 P  P     . DG  A 1 14 ? -5.178  -12.243 6.406   0.74 18.06 ? 14  DG  A P     1 
ATOM   266 O  OP1   . DG  A 1 14 ? -5.565  -11.019 7.148   1.00 10.25 ? 14  DG  A OP1   1 
ATOM   267 O  OP2   . DG  A 1 14 ? -4.573  -13.351 7.139   1.00 14.55 ? 14  DG  A OP2   1 
ATOM   268 O  "O5'" . DG  A 1 14 ? -6.385  -12.824 5.501   1.00 14.66 ? 14  DG  A "O5'" 1 
ATOM   269 C  "C5'" . DG  A 1 14 ? -7.584  -12.039 5.294   1.00 11.98 ? 14  DG  A "C5'" 1 
ATOM   270 C  "C4'" . DG  A 1 14 ? -8.601  -12.762 4.407   1.00 17.15 ? 14  DG  A "C4'" 1 
ATOM   271 O  "O4'" . DG  A 1 14 ? -8.010  -13.117 3.136   1.00 9.86  ? 14  DG  A "O4'" 1 
ATOM   272 C  "C3'" . DG  A 1 14 ? -9.185  -14.060 4.956   1.00 17.59 ? 14  DG  A "C3'" 1 
ATOM   273 O  "O3'" . DG  A 1 14 ? -10.572 -14.108 4.626   1.00 20.78 ? 14  DG  A "O3'" 1 
ATOM   274 C  "C2'" . DG  A 1 14 ? -8.392  -15.136 4.201   1.00 10.80 ? 14  DG  A "C2'" 1 
ATOM   275 C  "C1'" . DG  A 1 14 ? -8.288  -14.468 2.846   1.00 14.15 ? 14  DG  A "C1'" 1 
ATOM   276 N  N9    . DG  A 1 14 ? -7.205  -14.923 1.993   1.00 12.80 ? 14  DG  A N9    1 
ATOM   277 C  C8    . DG  A 1 14 ? -6.092  -15.660 2.336   1.00 8.79  ? 14  DG  A C8    1 
ATOM   278 N  N7    . DG  A 1 14 ? -5.270  -15.843 1.328   1.00 4.60  ? 14  DG  A N7    1 
ATOM   279 C  C5    . DG  A 1 14 ? -5.880  -15.177 0.270   1.00 8.82  ? 14  DG  A C5    1 
ATOM   280 C  C6    . DG  A 1 14 ? -5.470  -15.025 -1.077  1.00 10.47 ? 14  DG  A C6    1 
ATOM   281 O  O6    . DG  A 1 14 ? -4.448  -15.458 -1.619  1.00 10.63 ? 14  DG  A O6    1 
ATOM   282 N  N1    . DG  A 1 14 ? -6.384  -14.272 -1.812  1.00 8.43  ? 14  DG  A N1    1 
ATOM   283 C  C2    . DG  A 1 14 ? -7.557  -13.739 -1.302  1.00 9.31  ? 14  DG  A C2    1 
ATOM   284 N  N2    . DG  A 1 14 ? -8.328  -13.049 -2.153  1.00 7.77  ? 14  DG  A N2    1 
ATOM   285 N  N3    . DG  A 1 14 ? -7.946  -13.879 -0.055  1.00 9.62  ? 14  DG  A N3    1 
ATOM   286 C  C4    . DG  A 1 14 ? -7.061  -14.602 0.672   1.00 11.81 ? 14  DG  A C4    1 
ATOM   287 P  P     . DA  A 1 15 ? -11.666 -14.322 5.781   0.93 19.57 ? 15  DA  A P     1 
ATOM   288 O  OP1   . DA  A 1 15 ? -11.161 -13.605 6.973   1.00 15.52 ? 15  DA  A OP1   1 
ATOM   289 O  OP2   . DA  A 1 15 ? -11.974 -15.769 5.813   1.00 27.10 ? 15  DA  A OP2   1 
ATOM   290 O  "O5'" . DA  A 1 15 ? -12.961 -13.547 5.262   1.00 18.42 ? 15  DA  A "O5'" 1 
ATOM   291 C  "C5'" . DA  A 1 15 ? -12.970 -12.126 5.219   1.00 26.08 ? 15  DA  A "C5'" 1 
ATOM   292 C  "C4'" . DA  A 1 15 ? -14.130 -11.631 4.377   1.00 21.78 ? 15  DA  A "C4'" 1 
ATOM   293 O  "O4'" . DA  A 1 15 ? -13.773 -11.716 2.970   1.00 17.53 ? 15  DA  A "O4'" 1 
ATOM   294 C  "C3'" . DA  A 1 15 ? -15.419 -12.433 4.542   1.00 22.84 ? 15  DA  A "C3'" 1 
ATOM   295 O  "O3'" . DA  A 1 15 ? -16.554 -11.583 4.514   1.00 30.20 ? 15  DA  A "O3'" 1 
ATOM   296 C  "C2'" . DA  A 1 15 ? -15.402 -13.360 3.339   1.00 22.09 ? 15  DA  A "C2'" 1 
ATOM   297 C  "C1'" . DA  A 1 15 ? -14.689 -12.531 2.283   1.00 20.19 ? 15  DA  A "C1'" 1 
ATOM   298 N  N9    . DA  A 1 15 ? -13.964 -13.372 1.336   1.00 21.83 ? 15  DA  A N9    1 
ATOM   299 C  C8    . DA  A 1 15 ? -12.895 -14.181 1.607   1.00 12.70 ? 15  DA  A C8    1 
ATOM   300 N  N7    . DA  A 1 15 ? -12.464 -14.857 0.559   1.00 21.46 ? 15  DA  A N7    1 
ATOM   301 C  C5    . DA  A 1 15 ? -13.319 -14.472 -0.465  1.00 12.44 ? 15  DA  A C5    1 
ATOM   302 C  C6    . DA  A 1 15 ? -13.395 -14.823 -1.826  1.00 11.04 ? 15  DA  A C6    1 
ATOM   303 N  N6    . DA  A 1 15 ? -12.561 -15.693 -2.420  1.00 11.11 ? 15  DA  A N6    1 
ATOM   304 N  N1    . DA  A 1 15 ? -14.366 -14.249 -2.561  1.00 13.47 ? 15  DA  A N1    1 
ATOM   305 C  C2    . DA  A 1 15 ? -15.205 -13.394 -1.971  1.00 15.14 ? 15  DA  A C2    1 
ATOM   306 N  N3    . DA  A 1 15 ? -15.226 -12.980 -0.704  1.00 19.39 ? 15  DA  A N3    1 
ATOM   307 C  C4    . DA  A 1 15 ? -14.252 -13.558 0.000   1.00 14.63 ? 15  DA  A C4    1 
ATOM   308 P  P     . DT  A 1 16 ? -18.025 -12.167 4.816   0.51 28.12 ? 16  DT  A P     1 
ATOM   309 O  OP1   . DT  A 1 16 ? -18.884 -10.958 4.760   1.00 25.17 ? 16  DT  A OP1   1 
ATOM   310 O  OP2   . DT  A 1 16 ? -17.977 -13.031 6.020   1.00 15.92 ? 16  DT  A OP2   1 
ATOM   311 O  "O5'" . DT  A 1 16 ? -18.378 -13.111 3.559   1.00 24.21 ? 16  DT  A "O5'" 1 
ATOM   312 C  "C5'" . DT  A 1 16 ? -18.786 -12.506 2.322   1.00 22.96 ? 16  DT  A "C5'" 1 
ATOM   313 C  "C4'" . DT  A 1 16 ? -18.942 -13.529 1.193   1.00 28.18 ? 16  DT  A "C4'" 1 
ATOM   314 O  "O4'" . DT  A 1 16 ? -17.688 -14.217 0.957   1.00 23.18 ? 16  DT  A "O4'" 1 
ATOM   315 C  "C3'" . DT  A 1 16 ? -19.992 -14.628 1.402   1.00 28.82 ? 16  DT  A "C3'" 1 
ATOM   316 O  "O3'" . DT  A 1 16 ? -20.744 -14.795 0.198   1.00 24.16 ? 16  DT  A "O3'" 1 
ATOM   317 C  "C2'" . DT  A 1 16 ? -19.137 -15.863 1.696   1.00 23.44 ? 16  DT  A "C2'" 1 
ATOM   318 C  "C1'" . DT  A 1 16 ? -17.942 -15.592 0.803   1.00 22.28 ? 16  DT  A "C1'" 1 
ATOM   319 N  N1    . DT  A 1 16 ? -16.700 -16.325 1.179   1.00 19.79 ? 16  DT  A N1    1 
ATOM   320 C  C2    . DT  A 1 16 ? -15.960 -16.950 0.194   1.00 20.73 ? 16  DT  A C2    1 
ATOM   321 O  O2    . DT  A 1 16 ? -16.283 -16.965 -0.982  1.00 23.01 ? 16  DT  A O2    1 
ATOM   322 N  N3    . DT  A 1 16 ? -14.825 -17.574 0.641   1.00 18.40 ? 16  DT  A N3    1 
ATOM   323 C  C4    . DT  A 1 16 ? -14.354 -17.622 1.940   1.00 20.34 ? 16  DT  A C4    1 
ATOM   324 O  O4    . DT  A 1 16 ? -13.313 -18.208 2.246   1.00 21.05 ? 16  DT  A O4    1 
ATOM   325 C  C5    . DT  A 1 16 ? -15.164 -16.930 2.919   1.00 20.53 ? 16  DT  A C5    1 
ATOM   326 C  C7    . DT  A 1 16 ? -14.752 -16.921 4.362   1.00 26.74 ? 16  DT  A C7    1 
ATOM   327 C  C6    . DT  A 1 16 ? -16.291 -16.332 2.497   1.00 13.04 ? 16  DT  A C6    1 
ATOM   328 P  P     . DG  A 1 17 ? -21.924 -15.891 0.099   0.56 22.68 ? 17  DG  A P     1 
ATOM   329 O  OP1   . DG  A 1 17 ? -22.729 -15.544 -1.083  1.00 24.82 ? 17  DG  A OP1   1 
ATOM   330 O  OP2   . DG  A 1 17 ? -22.569 -16.051 1.418   1.00 28.40 ? 17  DG  A OP2   1 
ATOM   331 O  "O5'" . DG  A 1 17 ? -21.179 -17.262 -0.241  1.00 26.35 ? 17  DG  A "O5'" 1 
ATOM   332 C  "C5'" . DG  A 1 17 ? -20.591 -17.445 -1.523  1.00 25.39 ? 17  DG  A "C5'" 1 
ATOM   333 C  "C4'" . DG  A 1 17 ? -19.664 -18.652 -1.541  1.00 24.11 ? 17  DG  A "C4'" 1 
ATOM   334 O  "O4'" . DG  A 1 17 ? -18.777 -18.618 -0.402  1.00 20.63 ? 17  DG  A "O4'" 1 
ATOM   335 C  "C3'" . DG  A 1 17 ? -20.354 -20.014 -1.494  1.00 30.52 ? 17  DG  A "C3'" 1 
ATOM   336 O  "O3'" . DG  A 1 17 ? -19.743 -20.878 -2.430  1.00 33.77 ? 17  DG  A "O3'" 1 
ATOM   337 C  "C2'" . DG  A 1 17 ? -20.105 -20.486 -0.062  1.00 26.93 ? 17  DG  A "C2'" 1 
ATOM   338 C  "C1'" . DG  A 1 17 ? -18.740 -19.893 0.201   1.00 22.23 ? 17  DG  A "C1'" 1 
ATOM   339 N  N9    . DG  A 1 17 ? -18.445 -19.705 1.617   1.00 28.13 ? 17  DG  A N9    1 
ATOM   340 C  C8    . DG  A 1 17 ? -19.247 -19.089 2.553   1.00 19.91 ? 17  DG  A C8    1 
ATOM   341 N  N7    . DG  A 1 17 ? -18.711 -19.037 3.744   1.00 23.39 ? 17  DG  A N7    1 
ATOM   342 C  C5    . DG  A 1 17 ? -17.470 -19.643 3.584   1.00 17.47 ? 17  DG  A C5    1 
ATOM   343 C  C6    . DG  A 1 17 ? -16.458 -19.879 4.527   1.00 21.97 ? 17  DG  A C6    1 
ATOM   344 O  O6    . DG  A 1 17 ? -16.459 -19.589 5.727   1.00 27.15 ? 17  DG  A O6    1 
ATOM   345 N  N1    . DG  A 1 17 ? -15.354 -20.518 3.958   1.00 20.25 ? 17  DG  A N1    1 
ATOM   346 C  C2    . DG  A 1 17 ? -15.259 -20.895 2.636   1.00 21.50 ? 17  DG  A C2    1 
ATOM   347 N  N2    . DG  A 1 17 ? -14.120 -21.506 2.265   1.00 15.89 ? 17  DG  A N2    1 
ATOM   348 N  N3    . DG  A 1 17 ? -16.211 -20.680 1.739   1.00 21.28 ? 17  DG  A N3    1 
ATOM   349 C  C4    . DG  A 1 17 ? -17.286 -20.057 2.282   1.00 24.00 ? 17  DG  A C4    1 
ATOM   350 P  P     . DA  A 1 18 ? -20.649 -21.669 -3.488  0.35 23.54 ? 18  DA  A P     1 
ATOM   351 O  OP1   . DA  A 1 18 ? -21.321 -20.660 -4.337  1.00 25.53 ? 18  DA  A OP1   1 
ATOM   352 O  OP2   . DA  A 1 18 ? -21.451 -22.634 -2.703  1.00 36.57 ? 18  DA  A OP2   1 
ATOM   353 O  "O5'" . DA  A 1 18 ? -19.598 -22.515 -4.355  1.00 24.07 ? 18  DA  A "O5'" 1 
ATOM   354 C  "C5'" . DA  A 1 18 ? -18.572 -21.855 -5.122  1.00 20.96 ? 18  DA  A "C5'" 1 
ATOM   355 C  "C4'" . DA  A 1 18 ? -17.549 -22.858 -5.651  1.00 27.05 ? 18  DA  A "C4'" 1 
ATOM   356 O  "O4'" . DA  A 1 18 ? -16.709 -23.311 -4.565  1.00 27.66 ? 18  DA  A "O4'" 1 
ATOM   357 C  "C3'" . DA  A 1 18 ? -18.134 -24.127 -6.280  1.00 29.96 ? 18  DA  A "C3'" 1 
ATOM   358 O  "O3'" . DA  A 1 18 ? -17.302 -24.574 -7.341  1.00 41.02 ? 18  DA  A "O3'" 1 
ATOM   359 C  "C2'" . DA  A 1 18 ? -18.115 -25.113 -5.124  1.00 31.93 ? 18  DA  A "C2'" 1 
ATOM   360 C  "C1'" . DA  A 1 18 ? -16.836 -24.710 -4.404  1.00 25.60 ? 18  DA  A "C1'" 1 
ATOM   361 N  N9    . DA  A 1 18 ? -16.876 -25.002 -2.981  1.00 26.00 ? 18  DA  A N9    1 
ATOM   362 C  C8    . DA  A 1 18 ? -17.554 -24.306 -2.021  1.00 23.05 ? 18  DA  A C8    1 
ATOM   363 N  N7    . DA  A 1 18 ? -17.434 -24.808 -0.818  1.00 23.76 ? 18  DA  A N7    1 
ATOM   364 C  C5    . DA  A 1 18 ? -16.610 -25.902 -1.001  1.00 20.10 ? 18  DA  A C5    1 
ATOM   365 C  C6    . DA  A 1 18 ? -16.096 -26.845 -0.104  1.00 22.68 ? 18  DA  A C6    1 
ATOM   366 N  N6    . DA  A 1 18 ? -16.359 -26.821 1.204   1.00 29.38 ? 18  DA  A N6    1 
ATOM   367 N  N1    . DA  A 1 18 ? -15.304 -27.822 -0.605  1.00 22.06 ? 18  DA  A N1    1 
ATOM   368 C  C2    . DA  A 1 18 ? -15.046 -27.832 -1.926  1.00 22.25 ? 18  DA  A C2    1 
ATOM   369 N  N3    . DA  A 1 18 ? -15.466 -26.985 -2.867  1.00 18.65 ? 18  DA  A N3    1 
ATOM   370 C  C4    . DA  A 1 18 ? -16.259 -26.040 -2.331  1.00 20.16 ? 18  DA  A C4    1 
ATOM   371 O  "O5'" . DC  B 1 1  ? 17.606  24.458  8.455   1.00 19.72 ? 1   DC  B "O5'" 1 
ATOM   372 C  "C5'" . DC  B 1 1  ? 17.101  25.785  8.548   1.00 18.34 ? 1   DC  B "C5'" 1 
ATOM   373 C  "C4'" . DC  B 1 1  ? 16.127  26.066  7.422   1.00 14.73 ? 1   DC  B "C4'" 1 
ATOM   374 O  "O4'" . DC  B 1 1  ? 16.831  26.013  6.154   1.00 12.18 ? 1   DC  B "O4'" 1 
ATOM   375 C  "C3'" . DC  B 1 1  ? 14.970  25.066  7.297   1.00 12.16 ? 1   DC  B "C3'" 1 
ATOM   376 O  "O3'" . DC  B 1 1  ? 13.772  25.764  6.978   1.00 12.20 ? 1   DC  B "O3'" 1 
ATOM   377 C  "C2'" . DC  B 1 1  ? 15.415  24.180  6.136   1.00 8.59  ? 1   DC  B "C2'" 1 
ATOM   378 C  "C1'" . DC  B 1 1  ? 16.084  25.220  5.261   1.00 8.78  ? 1   DC  B "C1'" 1 
ATOM   379 N  N1    . DC  B 1 1  ? 17.001  24.659  4.254   1.00 6.86  ? 1   DC  B N1    1 
ATOM   380 C  C2    . DC  B 1 1  ? 16.829  25.001  2.907   1.00 7.03  ? 1   DC  B C2    1 
ATOM   381 O  O2    . DC  B 1 1  ? 15.902  25.761  2.583   1.00 5.85  ? 1   DC  B O2    1 
ATOM   382 N  N3    . DC  B 1 1  ? 17.686  24.502  1.991   1.00 7.30  ? 1   DC  B N3    1 
ATOM   383 C  C4    . DC  B 1 1  ? 18.665  23.683  2.360   1.00 7.56  ? 1   DC  B C4    1 
ATOM   384 N  N4    . DC  B 1 1  ? 19.465  23.214  1.397   1.00 5.81  ? 1   DC  B N4    1 
ATOM   385 C  C5    . DC  B 1 1  ? 18.872  23.326  3.728   1.00 10.44 ? 1   DC  B C5    1 
ATOM   386 C  C6    . DC  B 1 1  ? 18.020  23.831  4.638   1.00 8.87  ? 1   DC  B C6    1 
ATOM   387 P  P     . DG  B 1 2  ? 12.342  25.110  7.329   0.58 12.02 ? 2   DG  B P     1 
ATOM   388 O  OP1   . DG  B 1 2  ? 11.326  26.184  7.345   1.00 13.95 ? 2   DG  B OP1   1 
ATOM   389 O  OP2   . DG  B 1 2  ? 12.556  24.249  8.509   1.00 15.93 ? 2   DG  B OP2   1 
ATOM   390 O  "O5'" . DG  B 1 2  ? 12.043  24.150  6.092   1.00 13.69 ? 2   DG  B "O5'" 1 
ATOM   391 C  "C5'" . DG  B 1 2  ? 11.722  24.690  4.835   1.00 7.87  ? 2   DG  B "C5'" 1 
ATOM   392 C  "C4'" . DG  B 1 2  ? 11.810  23.629  3.744   1.00 10.20 ? 2   DG  B "C4'" 1 
ATOM   393 O  "O4'" . DG  B 1 2  ? 13.183  23.150  3.589   1.00 5.86  ? 2   DG  B "O4'" 1 
ATOM   394 C  "C3'" . DG  B 1 2  ? 10.963  22.377  3.967   1.00 6.02  ? 2   DG  B "C3'" 1 
ATOM   395 O  "O3'" . DG  B 1 2  ? 10.454  21.987  2.718   1.00 10.65 ? 2   DG  B "O3'" 1 
ATOM   396 C  "C2'" . DG  B 1 2  ? 11.995  21.366  4.475   1.00 4.92  ? 2   DG  B "C2'" 1 
ATOM   397 C  "C1'" . DG  B 1 2  ? 13.171  21.734  3.575   1.00 6.94  ? 2   DG  B "C1'" 1 
ATOM   398 N  N9    . DG  B 1 2  ? 14.474  21.258  4.041   1.00 5.25  ? 2   DG  B N9    1 
ATOM   399 C  C8    . DG  B 1 2  ? 14.819  20.927  5.323   1.00 6.34  ? 2   DG  B C8    1 
ATOM   400 N  N7    . DG  B 1 2  ? 16.068  20.578  5.448   1.00 9.50  ? 2   DG  B N7    1 
ATOM   401 C  C5    . DG  B 1 2  ? 16.583  20.661  4.164   1.00 8.94  ? 2   DG  B C5    1 
ATOM   402 C  C6    . DG  B 1 2  ? 17.888  20.383  3.679   1.00 9.65  ? 2   DG  B C6    1 
ATOM   403 O  O6    . DG  B 1 2  ? 18.868  20.008  4.293   1.00 4.51  ? 2   DG  B O6    1 
ATOM   404 N  N1    . DG  B 1 2  ? 18.002  20.606  2.331   1.00 7.58  ? 2   DG  B N1    1 
ATOM   405 C  C2    . DG  B 1 2  ? 17.004  21.049  1.523   1.00 6.02  ? 2   DG  B C2    1 
ATOM   406 N  N2    . DG  B 1 2  ? 17.334  21.178  0.231   1.00 3.92  ? 2   DG  B N2    1 
ATOM   407 N  N3    . DG  B 1 2  ? 15.762  21.305  1.943   1.00 6.92  ? 2   DG  B N3    1 
ATOM   408 C  C4    . DG  B 1 2  ? 15.630  21.093  3.284   1.00 6.28  ? 2   DG  B C4    1 
ATOM   409 P  P     . DA  B 1 3  ? 9.074   21.175  2.600   0.71 5.83  ? 3   DA  B P     1 
ATOM   410 O  OP1   . DA  B 1 3  ? 8.097   21.872  3.459   1.00 7.84  ? 3   DA  B OP1   1 
ATOM   411 O  OP2   . DA  B 1 3  ? 9.320   19.717  2.766   1.00 10.81 ? 3   DA  B OP2   1 
ATOM   412 O  "O5'" . DA  B 1 3  ? 8.684   21.397  1.082   1.00 8.63  ? 3   DA  B "O5'" 1 
ATOM   413 C  "C5'" . DA  B 1 3  ? 8.202   22.672  0.654   1.00 11.65 ? 3   DA  B "C5'" 1 
ATOM   414 C  "C4'" . DA  B 1 3  ? 8.659   22.955  -0.763  1.00 10.15 ? 3   DA  B "C4'" 1 
ATOM   415 O  "O4'" . DA  B 1 3  ? 10.108  22.981  -0.795  1.00 11.22 ? 3   DA  B "O4'" 1 
ATOM   416 C  "C3'" . DA  B 1 3  ? 8.240   21.913  -1.787  1.00 14.83 ? 3   DA  B "C3'" 1 
ATOM   417 O  "O3'" . DA  B 1 3  ? 6.986   22.298  -2.384  1.00 16.95 ? 3   DA  B "O3'" 1 
ATOM   418 C  "C2'" . DA  B 1 3  ? 9.386   21.961  -2.807  1.00 11.29 ? 3   DA  B "C2'" 1 
ATOM   419 C  "C1'" . DA  B 1 3  ? 10.593  22.326  -1.952  1.00 6.63  ? 3   DA  B "C1'" 1 
ATOM   420 N  N9    . DA  B 1 3  ? 11.438  21.172  -1.567  1.00 7.32  ? 3   DA  B N9    1 
ATOM   421 C  C8    . DA  B 1 3  ? 11.706  20.711  -0.302  1.00 6.39  ? 3   DA  B C8    1 
ATOM   422 N  N7    . DA  B 1 3  ? 12.513  19.654  -0.276  1.00 6.07  ? 3   DA  B N7    1 
ATOM   423 C  C5    . DA  B 1 3  ? 12.789  19.409  -1.616  1.00 6.66  ? 3   DA  B C5    1 
ATOM   424 C  C6    . DA  B 1 3  ? 13.562  18.419  -2.268  1.00 5.07  ? 3   DA  B C6    1 
ATOM   425 N  N6    . DA  B 1 3  ? 14.252  17.471  -1.620  1.00 4.77  ? 3   DA  B N6    1 
ATOM   426 N  N1    . DA  B 1 3  ? 13.621  18.459  -3.612  1.00 6.28  ? 3   DA  B N1    1 
ATOM   427 C  C2    . DA  B 1 3  ? 12.949  19.424  -4.265  1.00 8.87  ? 3   DA  B C2    1 
ATOM   428 N  N3    . DA  B 1 3  ? 12.191  20.398  -3.769  1.00 6.20  ? 3   DA  B N3    1 
ATOM   429 C  C4    . DA  B 1 3  ? 12.135  20.328  -2.427  1.00 6.58  ? 3   DA  B C4    1 
ATOM   430 P  P     . DC  B 1 4  ? 5.966   21.195  -2.953  0.85 15.22 ? 4   DC  B P     1 
ATOM   431 O  OP1   . DC  B 1 4  ? 5.061   21.849  -3.899  1.00 14.11 ? 4   DC  B OP1   1 
ATOM   432 O  OP2   . DC  B 1 4  ? 5.390   20.414  -1.832  1.00 17.51 ? 4   DC  B OP2   1 
ATOM   433 O  "O5'" . DC  B 1 4  ? 6.926   20.154  -3.689  1.00 13.57 ? 4   DC  B "O5'" 1 
ATOM   434 C  "C5'" . DC  B 1 4  ? 7.150   20.196  -5.077  1.00 8.06  ? 4   DC  B "C5'" 1 
ATOM   435 C  "C4'" . DC  B 1 4  ? 7.927   18.960  -5.501  1.00 8.62  ? 4   DC  B "C4'" 1 
ATOM   436 O  "O4'" . DC  B 1 4  ? 8.983   18.695  -4.520  1.00 7.59  ? 4   DC  B "O4'" 1 
ATOM   437 C  "C3'" . DC  B 1 4  ? 7.113   17.654  -5.564  1.00 11.25 ? 4   DC  B "C3'" 1 
ATOM   438 O  "O3'" . DC  B 1 4  ? 7.701   16.763  -6.523  1.00 9.73  ? 4   DC  B "O3'" 1 
ATOM   439 C  "C2'" . DC  B 1 4  ? 7.295   17.101  -4.161  1.00 4.47  ? 4   DC  B "C2'" 1 
ATOM   440 C  "C1'" . DC  B 1 4  ? 8.780   17.409  -3.965  1.00 9.10  ? 4   DC  B "C1'" 1 
ATOM   441 N  N1    . DC  B 1 4  ? 9.222   17.402  -2.547  1.00 6.88  ? 4   DC  B N1    1 
ATOM   442 C  C2    . DC  B 1 4  ? 10.266  16.567  -2.177  1.00 7.92  ? 4   DC  B C2    1 
ATOM   443 O  O2    . DC  B 1 4  ? 10.807  15.880  -3.040  1.00 5.96  ? 4   DC  B O2    1 
ATOM   444 N  N3    . DC  B 1 4  ? 10.667  16.541  -0.888  1.00 3.99  ? 4   DC  B N3    1 
ATOM   445 C  C4    . DC  B 1 4  ? 10.069  17.308  0.013   1.00 6.32  ? 4   DC  B C4    1 
ATOM   446 N  N4    . DC  B 1 4  ? 10.507  17.244  1.266   1.00 5.32  ? 4   DC  B N4    1 
ATOM   447 C  C5    . DC  B 1 4  ? 8.986   18.174  -0.336  1.00 7.55  ? 4   DC  B C5    1 
ATOM   448 C  C6    . DC  B 1 4  ? 8.596   18.186  -1.620  1.00 8.94  ? 4   DC  B C6    1 
ATOM   449 P  P     . DG  B 1 5  ? 6.810   15.626  -7.212  0.87 10.00 ? 5   DG  B P     1 
ATOM   450 O  OP1   . DG  B 1 5  ? 7.341   15.324  -8.560  1.00 8.91  ? 5   DG  B OP1   1 
ATOM   451 O  OP2   . DG  B 1 5  ? 5.415   16.101  -7.070  1.00 3.75  ? 5   DG  B OP2   1 
ATOM   452 O  "O5'" . DG  B 1 5  ? 7.041   14.354  -6.281  1.00 9.90  ? 5   DG  B "O5'" 1 
ATOM   453 C  "C5'" . DG  B 1 5  ? 8.329   13.758  -6.194  1.00 4.89  ? 5   DG  B "C5'" 1 
ATOM   454 C  "C4'" . DG  B 1 5  ? 8.383   12.812  -5.016  1.00 4.58  ? 5   DG  B "C4'" 1 
ATOM   455 O  "O4'" . DG  B 1 5  ? 8.273   13.585  -3.792  1.00 4.79  ? 5   DG  B "O4'" 1 
ATOM   456 C  "C3'" . DG  B 1 5  ? 7.241   11.761  -4.954  1.00 4.93  ? 5   DG  B "C3'" 1 
ATOM   457 O  "O3'" . DG  B 1 5  ? 7.763   10.548  -4.439  1.00 7.63  ? 5   DG  B "O3'" 1 
ATOM   458 C  "C2'" . DG  B 1 5  ? 6.283   12.392  -3.956  1.00 4.39  ? 5   DG  B "C2'" 1 
ATOM   459 C  "C1'" . DG  B 1 5  ? 7.286   13.002  -2.980  1.00 4.29  ? 5   DG  B "C1'" 1 
ATOM   460 N  N9    . DG  B 1 5  ? 6.733   14.025  -2.105  1.00 4.55  ? 5   DG  B N9    1 
ATOM   461 C  C8    . DG  B 1 5  ? 5.617   14.798  -2.336  1.00 7.28  ? 5   DG  B C8    1 
ATOM   462 N  N7    . DG  B 1 5  ? 5.354   15.632  -1.369  1.00 8.40  ? 5   DG  B N7    1 
ATOM   463 C  C5    . DG  B 1 5  ? 6.352   15.389  -0.427  1.00 7.10  ? 5   DG  B C5    1 
ATOM   464 C  C6    . DG  B 1 5  ? 6.580   15.990  0.829   1.00 9.32  ? 5   DG  B C6    1 
ATOM   465 O  O6    . DG  B 1 5  ? 5.927   16.881  1.378   1.00 10.54 ? 5   DG  B O6    1 
ATOM   466 N  N1    . DG  B 1 5  ? 7.691   15.462  1.470   1.00 4.19  ? 5   DG  B N1    1 
ATOM   467 C  C2    . DG  B 1 5  ? 8.498   14.476  0.961   1.00 8.09  ? 5   DG  B C2    1 
ATOM   468 N  N2    . DG  B 1 5  ? 9.525   14.098  1.747   1.00 4.14  ? 5   DG  B N2    1 
ATOM   469 N  N3    . DG  B 1 5  ? 8.296   13.881  -0.227  1.00 3.80  ? 5   DG  B N3    1 
ATOM   470 C  C4    . DG  B 1 5  ? 7.213   14.405  -0.867  1.00 7.13  ? 5   DG  B C4    1 
ATOM   471 P  P     . DA  B 1 6  ? 7.279   9.136   -5.018  0.66 8.03  ? 6   DA  B P     1 
ATOM   472 O  OP1   . DA  B 1 6  ? 7.139   9.329   -6.476  1.00 5.32  ? 6   DA  B OP1   1 
ATOM   473 O  OP2   . DA  B 1 6  ? 6.113   8.698   -4.213  1.00 7.89  ? 6   DA  B OP2   1 
ATOM   474 O  "O5'" . DA  B 1 6  ? 8.499   8.159   -4.692  1.00 18.83 ? 6   DA  B "O5'" 1 
ATOM   475 C  "C5'" . DA  B 1 6  ? 9.669   8.162   -5.498  1.00 12.49 ? 6   DA  B "C5'" 1 
ATOM   476 C  "C4'" . DA  B 1 6  ? 10.895  7.944   -4.624  1.00 12.18 ? 6   DA  B "C4'" 1 
ATOM   477 O  "O4'" . DA  B 1 6  ? 10.953  9.002   -3.641  1.00 11.12 ? 6   DA  B "O4'" 1 
ATOM   478 C  "C3'" . DA  B 1 6  ? 10.879  6.657   -3.815  1.00 9.12  ? 6   DA  B "C3'" 1 
ATOM   479 O  "O3'" . DA  B 1 6  ? 11.499  5.615   -4.535  1.00 13.69 ? 6   DA  B "O3'" 1 
ATOM   480 C  "C2'" . DA  B 1 6  ? 11.692  7.016   -2.584  1.00 8.95  ? 6   DA  B "C2'" 1 
ATOM   481 C  "C1'" . DA  B 1 6  ? 11.383  8.490   -2.396  1.00 9.02  ? 6   DA  B "C1'" 1 
ATOM   482 N  N9    . DA  B 1 6  ? 10.362  8.754   -1.391  1.00 8.80  ? 6   DA  B N9    1 
ATOM   483 C  C8    . DA  B 1 6  ? 9.203   9.475   -1.557  1.00 6.05  ? 6   DA  B C8    1 
ATOM   484 N  N7    . DA  B 1 6  ? 8.481   9.573   -0.468  1.00 5.18  ? 6   DA  B N7    1 
ATOM   485 C  C5    . DA  B 1 6  ? 9.199   8.836   0.473   1.00 8.34  ? 6   DA  B C5    1 
ATOM   486 C  C6    . DA  B 1 6  ? 8.970   8.556   1.830   1.00 8.14  ? 6   DA  B C6    1 
ATOM   487 N  N6    . DA  B 1 6  ? 7.894   8.988   2.488   1.00 6.58  ? 6   DA  B N6    1 
ATOM   488 N  N1    . DA  B 1 6  ? 9.904   7.819   2.495   1.00 6.97  ? 6   DA  B N1    1 
ATOM   489 C  C2    . DA  B 1 6  ? 10.984  7.400   1.827   1.00 8.81  ? 6   DA  B C2    1 
ATOM   490 N  N3    . DA  B 1 6  ? 11.311  7.615   0.543   1.00 8.28  ? 6   DA  B N3    1 
ATOM   491 C  C4    . DA  B 1 6  ? 10.369  8.342   -0.079  1.00 8.79  ? 6   DA  B C4    1 
ATOM   492 P  P     . DC  B 1 7  ? 10.823  4.156   -4.599  0.69 8.57  ? 7   DC  B P     1 
ATOM   493 O  OP1   . DC  B 1 7  ? 11.860  3.275   -5.166  1.00 14.71 ? 7   DC  B OP1   1 
ATOM   494 O  OP2   . DC  B 1 7  ? 9.523   4.293   -5.272  1.00 17.45 ? 7   DC  B OP2   1 
ATOM   495 O  "O5'" . DC  B 1 7  ? 10.547  3.757   -3.074  1.00 8.95  ? 7   DC  B "O5'" 1 
ATOM   496 C  "C5'" . DC  B 1 7  ? 11.645  3.557   -2.172  1.00 7.16  ? 7   DC  B "C5'" 1 
ATOM   497 C  "C4'" . DC  B 1 7  ? 11.157  3.228   -0.767  1.00 9.14  ? 7   DC  B "C4'" 1 
ATOM   498 O  "O4'" . DC  B 1 7  ? 10.361  4.324   -0.228  1.00 7.61  ? 7   DC  B "O4'" 1 
ATOM   499 C  "C3'" . DC  B 1 7  ? 10.286  1.978   -0.642  1.00 12.55 ? 7   DC  B "C3'" 1 
ATOM   500 O  "O3'" . DC  B 1 7  ? 10.547  1.332   0.607   1.00 17.55 ? 7   DC  B "O3'" 1 
ATOM   501 C  "C2'" . DC  B 1 7  ? 8.871   2.546   -0.673  1.00 5.13  ? 7   DC  B "C2'" 1 
ATOM   502 C  "C1'" . DC  B 1 7  ? 9.050   3.874   0.053   1.00 9.81  ? 7   DC  B "C1'" 1 
ATOM   503 N  N1    . DC  B 1 7  ? 8.068   4.936   -0.377  1.00 6.72  ? 7   DC  B N1    1 
ATOM   504 C  C2    . DC  B 1 7  ? 7.217   5.500   0.579   1.00 7.02  ? 7   DC  B C2    1 
ATOM   505 O  O2    . DC  B 1 7  ? 7.287   5.112   1.751   1.00 6.98  ? 7   DC  B O2    1 
ATOM   506 N  N3    . DC  B 1 7  ? 6.340   6.454   0.197   1.00 6.07  ? 7   DC  B N3    1 
ATOM   507 C  C4    . DC  B 1 7  ? 6.284   6.840   -1.070  1.00 6.84  ? 7   DC  B C4    1 
ATOM   508 N  N4    . DC  B 1 7  ? 5.405   7.796   -1.387  1.00 5.62  ? 7   DC  B N4    1 
ATOM   509 C  C5    . DC  B 1 7  ? 7.146   6.284   -2.064  1.00 8.33  ? 7   DC  B C5    1 
ATOM   510 C  C6    . DC  B 1 7  ? 8.015   5.341   -1.675  1.00 6.49  ? 7   DC  B C6    1 
ATOM   511 P  P     . DG  B 1 8  ? 10.173  -0.214  0.813   0.91 10.21 ? 8   DG  B P     1 
ATOM   512 O  OP1   . DG  B 1 8  ? 10.987  -0.728  1.935   1.00 14.75 ? 8   DG  B OP1   1 
ATOM   513 O  OP2   . DG  B 1 8  ? 10.294  -0.832  -0.521  1.00 16.60 ? 8   DG  B OP2   1 
ATOM   514 O  "O5'" . DG  B 1 8  ? 8.619   -0.210  1.227   1.00 13.07 ? 8   DG  B "O5'" 1 
ATOM   515 C  "C5'" . DG  B 1 8  ? 8.158   0.574   2.337   1.00 8.33  ? 8   DG  B "C5'" 1 
ATOM   516 C  "C4'" . DG  B 1 8  ? 6.632   0.703   2.344   1.00 10.64 ? 8   DG  B "C4'" 1 
ATOM   517 O  "O4'" . DG  B 1 8  ? 6.205   1.655   1.327   1.00 8.89  ? 8   DG  B "O4'" 1 
ATOM   518 C  "C3'" . DG  B 1 8  ? 5.852   -0.572  2.056   1.00 9.64  ? 8   DG  B "C3'" 1 
ATOM   519 O  "O3'" . DG  B 1 8  ? 4.604   -0.528  2.770   1.00 15.67 ? 8   DG  B "O3'" 1 
ATOM   520 C  "C2'" . DG  B 1 8  ? 5.620   -0.448  0.555   1.00 7.07  ? 8   DG  B "C2'" 1 
ATOM   521 C  "C1'" . DG  B 1 8  ? 5.274   1.037   0.482   1.00 5.39  ? 8   DG  B "C1'" 1 
ATOM   522 N  N9    . DG  B 1 8  ? 5.411   1.592   -0.839  1.00 4.43  ? 8   DG  B N9    1 
ATOM   523 C  C8    . DG  B 1 8  ? 6.103   1.036   -1.880  1.00 5.93  ? 8   DG  B C8    1 
ATOM   524 N  N7    . DG  B 1 8  ? 6.083   1.763   -2.958  1.00 8.58  ? 8   DG  B N7    1 
ATOM   525 C  C5    . DG  B 1 8  ? 5.331   2.866   -2.611  1.00 5.47  ? 8   DG  B C5    1 
ATOM   526 C  C6    . DG  B 1 8  ? 4.973   3.976   -3.388  1.00 5.37  ? 8   DG  B C6    1 
ATOM   527 O  O6    . DG  B 1 8  ? 5.281   4.192   -4.559  1.00 9.43  ? 8   DG  B O6    1 
ATOM   528 N  N1    . DG  B 1 8  ? 4.179   4.887   -2.673  1.00 3.47  ? 8   DG  B N1    1 
ATOM   529 C  C2    . DG  B 1 8  ? 3.834   4.735   -1.350  1.00 6.14  ? 8   DG  B C2    1 
ATOM   530 N  N2    . DG  B 1 8  ? 3.093   5.709   -0.803  1.00 5.01  ? 8   DG  B N2    1 
ATOM   531 N  N3    . DG  B 1 8  ? 4.175   3.681   -0.612  1.00 6.45  ? 8   DG  B N3    1 
ATOM   532 C  C4    . DG  B 1 8  ? 4.909   2.786   -1.312  1.00 4.53  ? 8   DG  B C4    1 
ATOM   533 P  P     . DA  B 1 9  ? 3.931   -1.856  3.395   0.94 13.75 ? 9   DA  B P     1 
ATOM   534 O  OP1   . DA  B 1 9  ? 5.003   -2.736  3.882   1.00 16.66 ? 9   DA  B OP1   1 
ATOM   535 O  OP2   . DA  B 1 9  ? 2.912   -2.367  2.445   1.00 12.51 ? 9   DA  B OP2   1 
ATOM   536 O  "O5'" . DA  B 1 9  ? 3.108   -1.287  4.642   1.00 17.69 ? 9   DA  B "O5'" 1 
ATOM   537 C  "C5'" . DA  B 1 9  ? 3.786   -0.677  5.742   1.00 17.92 ? 9   DA  B "C5'" 1 
ATOM   538 C  "C4'" . DA  B 1 9  ? 2.939   0.440   6.330   1.00 21.11 ? 9   DA  B "C4'" 1 
ATOM   539 O  "O4'" . DA  B 1 9  ? 2.914   1.547   5.400   1.00 17.78 ? 9   DA  B "O4'" 1 
ATOM   540 C  "C3'" . DA  B 1 9  ? 1.478   0.069   6.584   1.00 17.00 ? 9   DA  B "C3'" 1 
ATOM   541 O  "O3'" . DA  B 1 9  ? 1.312   -0.376  7.936   1.00 21.47 ? 9   DA  B "O3'" 1 
ATOM   542 C  "C2'" . DA  B 1 9  ? 0.724   1.375   6.346   1.00 13.47 ? 9   DA  B "C2'" 1 
ATOM   543 C  "C1'" . DA  B 1 9  ? 1.637   2.164   5.395   1.00 11.51 ? 9   DA  B "C1'" 1 
ATOM   544 N  N9    . DA  B 1 9  ? 1.154   2.222   4.014   1.00 10.44 ? 9   DA  B N9    1 
ATOM   545 C  C8    . DA  B 1 9  ? 1.779   1.735   2.899   1.00 7.89  ? 9   DA  B C8    1 
ATOM   546 N  N7    . DA  B 1 9  ? 1.108   1.944   1.777   1.00 6.19  ? 9   DA  B N7    1 
ATOM   547 C  C5    . DA  B 1 9  ? -0.020  2.610   2.193   1.00 9.07  ? 9   DA  B C5    1 
ATOM   548 C  C6    . DA  B 1 9  ? -1.131  3.102   1.491   1.00 4.66  ? 9   DA  B C6    1 
ATOM   549 N  N6    . DA  B 1 9  ? -1.267  2.995   0.164   1.00 11.59 ? 9   DA  B N6    1 
ATOM   550 N  N1    . DA  B 1 9  ? -2.094  3.706   2.204   1.00 7.18  ? 9   DA  B N1    1 
ATOM   551 C  C2    . DA  B 1 9  ? -1.951  3.814   3.532   1.00 13.36 ? 9   DA  B C2    1 
ATOM   552 N  N3    . DA  B 1 9  ? -0.955  3.386   4.305   1.00 9.20  ? 9   DA  B N3    1 
ATOM   553 C  C4    . DA  B 1 9  ? -0.010  2.792   3.568   1.00 8.35  ? 9   DA  B C4    1 
ATOM   554 P  P     . DC  B 1 10 ? 0.247   -1.530  8.293   0.20 17.59 ? 10  DC  B P     1 
ATOM   555 O  OP1   . DC  B 1 10 ? 0.048   -1.564  9.756   1.00 29.63 ? 10  DC  B OP1   1 
ATOM   556 O  OP2   . DC  B 1 10 ? 0.647   -2.763  7.587   1.00 16.99 ? 10  DC  B OP2   1 
ATOM   557 O  "O5'" . DC  B 1 10 ? -1.103  -1.036  7.609   1.00 16.02 ? 10  DC  B "O5'" 1 
ATOM   558 C  "C5'" . DC  B 1 10 ? -1.925  -0.079  8.237   1.00 16.30 ? 10  DC  B "C5'" 1 
ATOM   559 C  "C4'" . DC  B 1 10 ? -3.061  0.333   7.305   1.00 15.48 ? 10  DC  B "C4'" 1 
ATOM   560 O  "O4'" . DC  B 1 10 ? -2.535  0.568   5.976   1.00 14.89 ? 10  DC  B "O4'" 1 
ATOM   561 C  "C3'" . DC  B 1 10 ? -4.195  -0.678  7.130   1.00 16.09 ? 10  DC  B "C3'" 1 
ATOM   562 O  "O3'" . DC  B 1 10 ? -5.408  0.032   6.992   1.00 16.75 ? 10  DC  B "O3'" 1 
ATOM   563 C  "C2'" . DC  B 1 10 ? -3.826  -1.391  5.827   1.00 11.20 ? 10  DC  B "C2'" 1 
ATOM   564 C  "C1'" . DC  B 1 10 ? -3.203  -0.245  5.037   1.00 12.91 ? 10  DC  B "C1'" 1 
ATOM   565 N  N1    . DC  B 1 10 ? -2.205  -0.665  4.012   1.00 13.56 ? 10  DC  B N1    1 
ATOM   566 C  C2    . DC  B 1 10 ? -2.426  -0.337  2.678   1.00 9.71  ? 10  DC  B C2    1 
ATOM   567 O  O2    . DC  B 1 10 ? -3.455  0.263   2.376   1.00 10.58 ? 10  DC  B O2    1 
ATOM   568 N  N3    . DC  B 1 10 ? -1.513  -0.694  1.752   1.00 5.77  ? 10  DC  B N3    1 
ATOM   569 C  C4    . DC  B 1 10 ? -0.409  -1.342  2.114   1.00 8.54  ? 10  DC  B C4    1 
ATOM   570 N  N4    . DC  B 1 10 ? 0.463   -1.661  1.158   1.00 11.16 ? 10  DC  B N4    1 
ATOM   571 C  C5    . DC  B 1 10 ? -0.144  -1.672  3.476   1.00 10.01 ? 10  DC  B C5    1 
ATOM   572 C  C6    . DC  B 1 10 ? -1.066  -1.313  4.388   1.00 9.90  ? 10  DC  B C6    1 
ATOM   573 P  P     . DG  B 1 11 ? -6.817  -0.711  7.172   0.63 11.61 ? 11  DG  B P     1 
ATOM   574 O  OP1   . DG  B 1 11 ? -7.847  0.351   7.038   1.00 12.76 ? 11  DG  B OP1   1 
ATOM   575 O  OP2   . DG  B 1 11 ? -6.715  -1.559  8.372   1.00 24.08 ? 11  DG  B OP2   1 
ATOM   576 O  "O5'" . DG  B 1 11 ? -6.951  -1.625  5.866   1.00 18.39 ? 11  DG  B "O5'" 1 
ATOM   577 C  "C5'" . DG  B 1 11 ? -7.341  -1.029  4.645   1.00 10.09 ? 11  DG  B "C5'" 1 
ATOM   578 C  "C4'" . DG  B 1 11 ? -7.334  -2.023  3.499   1.00 14.90 ? 11  DG  B "C4'" 1 
ATOM   579 O  "O4'" . DG  B 1 11 ? -5.989  -2.526  3.261   1.00 8.17  ? 11  DG  B "O4'" 1 
ATOM   580 C  "C3'" . DG  B 1 11 ? -8.217  -3.257  3.683   1.00 14.24 ? 11  DG  B "C3'" 1 
ATOM   581 O  "O3'" . DG  B 1 11 ? -8.781  -3.592  2.422   1.00 20.72 ? 11  DG  B "O3'" 1 
ATOM   582 C  "C2'" . DG  B 1 11 ? -7.215  -4.313  4.146   1.00 13.16 ? 11  DG  B "C2'" 1 
ATOM   583 C  "C1'" . DG  B 1 11 ? -6.010  -3.946  3.291   1.00 9.67  ? 11  DG  B "C1'" 1 
ATOM   584 N  N9    . DG  B 1 11 ? -4.736  -4.364  3.836   1.00 6.95  ? 11  DG  B N9    1 
ATOM   585 C  C8    . DG  B 1 11 ? -4.453  -4.683  5.141   1.00 9.50  ? 11  DG  B C8    1 
ATOM   586 N  N7    . DG  B 1 11 ? -3.198  -4.953  5.339   1.00 9.58  ? 11  DG  B N7    1 
ATOM   587 C  C5    . DG  B 1 11 ? -2.616  -4.812  4.085   1.00 9.57  ? 11  DG  B C5    1 
ATOM   588 C  C6    . DG  B 1 11 ? -1.278  -4.977  3.682   1.00 11.53 ? 11  DG  B C6    1 
ATOM   589 O  O6    . DG  B 1 11 ? -0.325  -5.298  4.366   1.00 4.06  ? 11  DG  B O6    1 
ATOM   590 N  N1    . DG  B 1 11 ? -1.106  -4.738  2.333   1.00 6.04  ? 11  DG  B N1    1 
ATOM   591 C  C2    . DG  B 1 11 ? -2.103  -4.345  1.481   1.00 10.90 ? 11  DG  B C2    1 
ATOM   592 N  N2    . DG  B 1 11 ? -1.759  -4.156  0.200   1.00 5.32  ? 11  DG  B N2    1 
ATOM   593 N  N3    . DG  B 1 11 ? -3.360  -4.178  1.849   1.00 7.30  ? 11  DG  B N3    1 
ATOM   594 C  C4    . DG  B 1 11 ? -3.543  -4.444  3.156   1.00 5.60  ? 11  DG  B C4    1 
ATOM   595 P  P     . DA  B 1 12 ? -10.361 -3.849  2.265   0.83 14.42 ? 12  DA  B P     1 
ATOM   596 O  OP1   . DA  B 1 12 ? -11.131 -2.822  3.013   1.00 20.73 ? 12  DA  B OP1   1 
ATOM   597 O  OP2   . DA  B 1 12 ? -10.528 -5.282  2.506   1.00 15.04 ? 12  DA  B OP2   1 
ATOM   598 O  "O5'" . DA  B 1 12 ? -10.646 -3.599  0.720   1.00 21.38 ? 12  DA  B "O5'" 1 
ATOM   599 C  "C5'" . DA  B 1 12 ? -10.436 -2.319  0.144   1.00 12.53 ? 12  DA  B "C5'" 1 
ATOM   600 C  "C4'" . DA  B 1 12 ? -10.232 -2.468  -1.345  1.00 16.56 ? 12  DA  B "C4'" 1 
ATOM   601 O  "O4'" . DA  B 1 12 ? -8.860  -2.889  -1.580  1.00 6.85  ? 12  DA  B "O4'" 1 
ATOM   602 C  "C3'" . DA  B 1 12 ? -11.123 -3.546  -1.994  1.00 8.55  ? 12  DA  B "C3'" 1 
ATOM   603 O  "O3'" . DA  B 1 12 ? -11.551 -3.160  -3.299  1.00 16.92 ? 12  DA  B "O3'" 1 
ATOM   604 C  "C2'" . DA  B 1 12 ? -10.193 -4.727  -2.087  1.00 7.28  ? 12  DA  B "C2'" 1 
ATOM   605 C  "C1'" . DA  B 1 12 ? -8.864  -4.050  -2.363  1.00 9.73  ? 12  DA  B "C1'" 1 
ATOM   606 N  N9    . DA  B 1 12 ? -7.750  -4.906  -1.985  1.00 8.21  ? 12  DA  B N9    1 
ATOM   607 C  C8    . DA  B 1 12 ? -7.385  -5.297  -0.721  1.00 6.01  ? 12  DA  B C8    1 
ATOM   608 N  N7    . DA  B 1 12 ? -6.363  -6.127  -0.705  1.00 6.50  ? 12  DA  B N7    1 
ATOM   609 C  C5    . DA  B 1 12 ? -6.078  -6.316  -2.033  1.00 6.12  ? 12  DA  B C5    1 
ATOM   610 C  C6    . DA  B 1 12 ? -5.120  -7.090  -2.692  1.00 6.47  ? 12  DA  B C6    1 
ATOM   611 N  N6    . DA  B 1 12 ? -4.219  -7.868  -2.059  1.00 7.07  ? 12  DA  B N6    1 
ATOM   612 N  N1    . DA  B 1 12 ? -5.115  -7.042  -4.036  1.00 5.45  ? 12  DA  B N1    1 
ATOM   613 C  C2    . DA  B 1 12 ? -6.009  -6.290  -4.670  1.00 8.93  ? 12  DA  B C2    1 
ATOM   614 N  N3    . DA  B 1 12 ? -6.958  -5.520  -4.167  1.00 7.17  ? 12  DA  B N3    1 
ATOM   615 C  C4    . DA  B 1 12 ? -6.936  -5.573  -2.833  1.00 7.81  ? 12  DA  B C4    1 
ATOM   616 P  P     . DC  B 1 13 ? -12.753 -3.972  -3.995  0.72 13.36 ? 13  DC  B P     1 
ATOM   617 O  OP1   . DC  B 1 13 ? -13.251 -3.212  -5.163  1.00 19.94 ? 13  DC  B OP1   1 
ATOM   618 O  OP2   . DC  B 1 13 ? -13.655 -4.350  -2.893  1.00 14.11 ? 13  DC  B OP2   1 
ATOM   619 O  "O5'" . DC  B 1 13 ? -12.062 -5.309  -4.542  1.00 11.09 ? 13  DC  B "O5'" 1 
ATOM   620 C  "C5'" . DC  B 1 13 ? -11.140 -5.225  -5.630  1.00 14.25 ? 13  DC  B "C5'" 1 
ATOM   621 C  "C4'" . DC  B 1 13 ? -10.458 -6.559  -5.901  1.00 8.72  ? 13  DC  B "C4'" 1 
ATOM   622 O  "O4'" . DC  B 1 13 ? -9.631  -6.923  -4.773  1.00 10.92 ? 13  DC  B "O4'" 1 
ATOM   623 C  "C3'" . DC  B 1 13 ? -11.395 -7.755  -6.143  1.00 13.51 ? 13  DC  B "C3'" 1 
ATOM   624 O  "O3'" . DC  B 1 13 ? -10.875 -8.542  -7.234  1.00 13.38 ? 13  DC  B "O3'" 1 
ATOM   625 C  "C2'" . DC  B 1 13 ? -11.319 -8.526  -4.815  1.00 7.01  ? 13  DC  B "C2'" 1 
ATOM   626 C  "C1'" . DC  B 1 13 ? -9.862  -8.272  -4.444  1.00 9.25  ? 13  DC  B "C1'" 1 
ATOM   627 N  N1    . DC  B 1 13 ? -9.536  -8.434  -3.007  1.00 7.78  ? 13  DC  B N1    1 
ATOM   628 C  C2    . DC  B 1 13 ? -8.354  -9.070  -2.645  1.00 8.78  ? 13  DC  B C2    1 
ATOM   629 O  O2    . DC  B 1 13 ? -7.628  -9.508  -3.529  1.00 9.30  ? 13  DC  B O2    1 
ATOM   630 N  N3    . DC  B 1 13 ? -8.050  -9.201  -1.324  1.00 8.67  ? 13  DC  B N3    1 
ATOM   631 C  C4    . DC  B 1 13 ? -8.872  -8.713  -0.397  1.00 8.91  ? 13  DC  B C4    1 
ATOM   632 N  N4    . DC  B 1 13 ? -8.534  -8.851  0.890   1.00 8.37  ? 13  DC  B N4    1 
ATOM   633 C  C5    . DC  B 1 13 ? -10.081 -8.060  -0.748  1.00 8.69  ? 13  DC  B C5    1 
ATOM   634 C  C6    . DC  B 1 13 ? -10.375 -7.950  -2.055  1.00 11.56 ? 13  DC  B C6    1 
ATOM   635 P  P     . DG  B 1 14 ? -11.757 -9.702  -7.901  0.78 10.20 ? 14  DG  B P     1 
ATOM   636 O  OP1   . DG  B 1 14 ? -11.229 -9.940  -9.258  1.00 18.40 ? 14  DG  B OP1   1 
ATOM   637 O  OP2   . DG  B 1 14 ? -13.180 -9.365  -7.666  1.00 17.67 ? 14  DG  B OP2   1 
ATOM   638 O  "O5'" . DG  B 1 14 ? -11.410 -10.981 -7.033  1.00 19.92 ? 14  DG  B "O5'" 1 
ATOM   639 C  "C5'" . DG  B 1 14 ? -10.049 -11.333 -6.786  1.00 5.17  ? 14  DG  B "C5'" 1 
ATOM   640 C  "C4'" . DG  B 1 14 ? -9.993  -12.541 -5.876  1.00 12.28 ? 14  DG  B "C4'" 1 
ATOM   641 O  "O4'" . DG  B 1 14 ? -10.271 -12.131 -4.514  1.00 12.33 ? 14  DG  B "O4'" 1 
ATOM   642 C  "C3'" . DG  B 1 14 ? -11.012 -13.639 -6.186  1.00 17.12 ? 14  DG  B "C3'" 1 
ATOM   643 O  "O3'" . DG  B 1 14 ? -10.467 -14.901 -5.838  1.00 21.54 ? 14  DG  B "O3'" 1 
ATOM   644 C  "C2'" . DG  B 1 14 ? -12.164 -13.278 -5.267  1.00 13.13 ? 14  DG  B "C2'" 1 
ATOM   645 C  "C1'" . DG  B 1 14 ? -11.406 -12.826 -4.035  1.00 11.74 ? 14  DG  B "C1'" 1 
ATOM   646 N  N9    . DG  B 1 14 ? -12.156 -11.922 -3.186  1.00 10.61 ? 14  DG  B N9    1 
ATOM   647 C  C8    . DG  B 1 14 ? -13.277 -11.209 -3.536  1.00 15.69 ? 14  DG  B C8    1 
ATOM   648 N  N7    . DG  B 1 14 ? -13.739 -10.473 -2.570  1.00 19.08 ? 14  DG  B N7    1 
ATOM   649 C  C5    . DG  B 1 14 ? -12.859 -10.693 -1.519  1.00 18.36 ? 14  DG  B C5    1 
ATOM   650 C  C6    . DG  B 1 14 ? -12.858 -10.151 -0.219  1.00 17.19 ? 14  DG  B C6    1 
ATOM   651 O  O6    . DG  B 1 14 ? -13.658 -9.355  0.262   1.00 11.08 ? 14  DG  B O6    1 
ATOM   652 N  N1    . DG  B 1 14 ? -11.794 -10.625 0.552   1.00 13.09 ? 14  DG  B N1    1 
ATOM   653 C  C2    . DG  B 1 14 ? -10.854 -11.526 0.113   1.00 10.91 ? 14  DG  B C2    1 
ATOM   654 N  N2    . DG  B 1 14 ? -9.921  -11.885 1.011   1.00 6.49  ? 14  DG  B N2    1 
ATOM   655 N  N3    . DG  B 1 14 ? -10.849 -12.058 -1.113  1.00 11.26 ? 14  DG  B N3    1 
ATOM   656 C  C4    . DG  B 1 14 ? -11.880 -11.588 -1.873  1.00 14.24 ? 14  DG  B C4    1 
ATOM   657 P  P     . DA  B 1 15 ? -11.090 -16.249 -6.443  1.00 24.32 ? 15  DA  B P     1 
ATOM   658 O  OP1   . DA  B 1 15 ? -10.971 -16.168 -7.914  1.00 30.41 ? 15  DA  B OP1   1 
ATOM   659 O  OP2   . DA  B 1 15 ? -12.415 -16.452 -5.825  1.00 21.50 ? 15  DA  B OP2   1 
ATOM   660 O  "O5'" . DA  B 1 15 ? -10.071 -17.383 -5.955  1.00 18.45 ? 15  DA  B "O5'" 1 
ATOM   661 C  "C5'" . DA  B 1 15 ? -8.948  -17.694 -6.758  1.00 16.51 ? 15  DA  B "C5'" 1 
ATOM   662 C  "C4'" . DA  B 1 15 ? -7.707  -17.932 -5.919  1.00 14.20 ? 15  DA  B "C4'" 1 
ATOM   663 O  "O4'" . DA  B 1 15 ? -7.542  -16.867 -4.947  1.00 15.90 ? 15  DA  B "O4'" 1 
ATOM   664 C  "C3'" . DA  B 1 15 ? -7.718  -19.205 -5.108  1.00 13.88 ? 15  DA  B "C3'" 1 
ATOM   665 O  "O3'" . DA  B 1 15 ? -7.263  -20.278 -5.916  1.00 17.78 ? 15  DA  B "O3'" 1 
ATOM   666 C  "C2'" . DA  B 1 15 ? -6.719  -18.868 -4.009  1.00 9.13  ? 15  DA  B "C2'" 1 
ATOM   667 C  "C1'" . DA  B 1 15 ? -7.067  -17.404 -3.725  1.00 13.34 ? 15  DA  B "C1'" 1 
ATOM   668 N  N9    . DA  B 1 15 ? -8.104  -17.203 -2.687  1.00 12.70 ? 15  DA  B N9    1 
ATOM   669 C  C8    . DA  B 1 15 ? -9.357  -16.665 -2.862  1.00 13.12 ? 15  DA  B C8    1 
ATOM   670 N  N7    . DA  B 1 15 ? -10.066 -16.594 -1.755  1.00 9.75  ? 15  DA  B N7    1 
ATOM   671 C  C5    . DA  B 1 15 ? -9.240  -17.130 -0.796  1.00 14.01 ? 15  DA  B C5    1 
ATOM   672 C  C6    . DA  B 1 15 ? -9.405  -17.343 0.592   1.00 15.32 ? 15  DA  B C6    1 
ATOM   673 N  N6    . DA  B 1 15 ? -10.511 -17.018 1.268   1.00 16.10 ? 15  DA  B N6    1 
ATOM   674 N  N1    . DA  B 1 15 ? -8.380  -17.891 1.257   1.00 15.42 ? 15  DA  B N1    1 
ATOM   675 C  C2    . DA  B 1 15 ? -7.271  -18.199 0.585   1.00 13.26 ? 15  DA  B C2    1 
ATOM   676 N  N3    . DA  B 1 15 ? -6.994  -18.048 -0.706  1.00 16.59 ? 15  DA  B N3    1 
ATOM   677 C  C4    . DA  B 1 15 ? -8.024  -17.509 -1.350  1.00 10.74 ? 15  DA  B C4    1 
ATOM   678 P  P     . DT  B 1 16 ? -7.907  -21.745 -5.786  0.59 13.46 ? 16  DT  B P     1 
ATOM   679 O  OP1   . DT  B 1 16 ? -6.916  -22.661 -6.396  1.00 19.49 ? 16  DT  B OP1   1 
ATOM   680 O  OP2   . DT  B 1 16 ? -9.302  -21.743 -6.233  1.00 13.26 ? 16  DT  B OP2   1 
ATOM   681 O  "O5'" . DT  B 1 16 ? -7.968  -22.016 -4.215  1.00 14.54 ? 16  DT  B "O5'" 1 
ATOM   682 C  "C5'" . DT  B 1 16 ? -6.809  -22.335 -3.512  1.00 14.36 ? 16  DT  B "C5'" 1 
ATOM   683 C  "C4'" . DT  B 1 16 ? -7.138  -22.568 -2.058  1.00 18.85 ? 16  DT  B "C4'" 1 
ATOM   684 O  "O4'" . DT  B 1 16 ? -7.956  -21.472 -1.585  1.00 16.01 ? 16  DT  B "O4'" 1 
ATOM   685 C  "C3'" . DT  B 1 16 ? -7.949  -23.831 -1.780  1.00 22.92 ? 16  DT  B "C3'" 1 
ATOM   686 O  "O3'" . DT  B 1 16 ? -7.509  -24.422 -0.575  1.00 29.24 ? 16  DT  B "O3'" 1 
ATOM   687 C  "C2'" . DT  B 1 16 ? -9.380  -23.300 -1.658  1.00 23.90 ? 16  DT  B "C2'" 1 
ATOM   688 C  "C1'" . DT  B 1 16 ? -9.120  -21.966 -0.988  1.00 17.53 ? 16  DT  B "C1'" 1 
ATOM   689 N  N1    . DT  B 1 16 ? -10.197 -20.961 -1.169  1.00 15.45 ? 16  DT  B N1    1 
ATOM   690 C  C2    . DT  B 1 16 ? -10.676 -20.296 -0.063  1.00 19.72 ? 16  DT  B C2    1 
ATOM   691 O  O2    . DT  B 1 16 ? -10.258 -20.489 1.069   1.00 17.85 ? 16  DT  B O2    1 
ATOM   692 N  N3    . DT  B 1 16 ? -11.669 -19.389 -0.325  1.00 17.81 ? 16  DT  B N3    1 
ATOM   693 C  C4    . DT  B 1 16 ? -12.206 -19.078 -1.550  1.00 16.97 ? 16  DT  B C4    1 
ATOM   694 O  O4    . DT  B 1 16 ? -13.097 -18.243 -1.681  1.00 11.32 ? 16  DT  B O4    1 
ATOM   695 C  C5    . DT  B 1 16 ? -11.664 -19.807 -2.670  1.00 16.82 ? 16  DT  B C5    1 
ATOM   696 C  C7    . DT  B 1 16 ? -12.187 -19.549 -4.048  1.00 12.81 ? 16  DT  B C7    1 
ATOM   697 C  C6    . DT  B 1 16 ? -10.691 -20.701 -2.432  1.00 17.05 ? 16  DT  B C6    1 
ATOM   698 P  P     . DG  B 1 17 ? -7.724  -26.064 -0.371  0.53 23.52 ? 17  DG  B P     1 
ATOM   699 O  OP1   . DG  B 1 17 ? -6.420  -26.680 -0.060  1.00 29.32 ? 17  DG  B OP1   1 
ATOM   700 O  OP2   . DG  B 1 17 ? -8.493  -26.646 -1.511  1.00 21.59 ? 17  DG  B OP2   1 
ATOM   701 O  "O5'" . DG  B 1 17 ? -8.699  -26.118 0.884   1.00 21.75 ? 17  DG  B "O5'" 1 
ATOM   702 C  "C5'" . DG  B 1 17 ? -10.079 -25.791 0.686   1.00 28.32 ? 17  DG  B "C5'" 1 
ATOM   703 C  "C4'" . DG  B 1 17 ? -10.693 -25.071 1.864   1.00 26.58 ? 17  DG  B "C4'" 1 
ATOM   704 O  "O4'" . DG  B 1 17 ? -11.537 -23.997 1.397   1.00 25.42 ? 17  DG  B "O4'" 1 
ATOM   705 C  "C3'" . DG  B 1 17 ? -11.656 -25.959 2.621   1.00 22.57 ? 17  DG  B "C3'" 1 
ATOM   706 O  "O3'" . DG  B 1 17 ? -11.972 -25.371 3.886   1.00 22.40 ? 17  DG  B "O3'" 1 
ATOM   707 C  "C2'" . DG  B 1 17 ? -12.897 -25.909 1.749   1.00 23.56 ? 17  DG  B "C2'" 1 
ATOM   708 C  "C1'" . DG  B 1 17 ? -12.855 -24.503 1.162   1.00 20.45 ? 17  DG  B "C1'" 1 
ATOM   709 N  N9    . DG  B 1 17 ? -13.071 -24.465 -0.275  1.00 25.69 ? 17  DG  B N9    1 
ATOM   710 C  C8    . DG  B 1 17 ? -12.689 -25.425 -1.174  1.00 22.82 ? 17  DG  B C8    1 
ATOM   711 N  N7    . DG  B 1 17 ? -12.934 -25.095 -2.407  1.00 22.20 ? 17  DG  B N7    1 
ATOM   712 C  C5    . DG  B 1 17 ? -13.496 -23.832 -2.322  1.00 21.41 ? 17  DG  B C5    1 
ATOM   713 C  C6    . DG  B 1 17 ? -13.962 -22.969 -3.340  1.00 29.11 ? 17  DG  B C6    1 
ATOM   714 O  O6    . DG  B 1 17 ? -13.964 -23.152 -4.560  1.00 35.28 ? 17  DG  B O6    1 
ATOM   715 N  N1    . DG  B 1 17 ? -14.484 -21.793 -2.814  1.00 21.92 ? 17  DG  B N1    1 
ATOM   716 C  C2    . DG  B 1 17 ? -14.517 -21.473 -1.480  1.00 21.61 ? 17  DG  B C2    1 
ATOM   717 N  N2    . DG  B 1 17 ? -15.051 -20.286 -1.170  1.00 20.94 ? 17  DG  B N2    1 
ATOM   718 N  N3    . DG  B 1 17 ? -14.063 -22.262 -0.521  1.00 20.31 ? 17  DG  B N3    1 
ATOM   719 C  C4    . DG  B 1 17 ? -13.582 -23.424 -1.011  1.00 22.09 ? 17  DG  B C4    1 
ATOM   720 P  P     . DA  B 1 18 ? -12.659 -26.230 5.060   0.53 27.54 ? 18  DA  B P     1 
ATOM   721 O  OP1   . DA  B 1 18 ? -11.801 -26.140 6.257   1.00 33.26 ? 18  DA  B OP1   1 
ATOM   722 O  OP2   . DA  B 1 18 ? -13.046 -27.563 4.541   1.00 31.68 ? 18  DA  B OP2   1 
ATOM   723 O  "O5'" . DA  B 1 18 ? -13.994 -25.411 5.360   1.00 35.61 ? 18  DA  B "O5'" 1 
ATOM   724 C  "C5'" . DA  B 1 18 ? -14.631 -25.528 6.624   1.00 27.40 ? 18  DA  B "C5'" 1 
ATOM   725 C  "C4'" . DA  B 1 18 ? -14.523 -24.228 7.397   1.00 33.44 ? 18  DA  B "C4'" 1 
ATOM   726 O  "O4'" . DA  B 1 18 ? -14.812 -23.121 6.512   1.00 28.67 ? 18  DA  B "O4'" 1 
ATOM   727 C  "C3'" . DA  B 1 18 ? -15.545 -24.072 8.499   1.00 38.44 ? 18  DA  B "C3'" 1 
ATOM   728 O  "O3'" . DA  B 1 18 ? -15.147 -23.028 9.378   1.00 39.88 ? 18  DA  B "O3'" 1 
ATOM   729 C  "C2'" . DA  B 1 18 ? -16.797 -23.691 7.699   1.00 31.26 ? 18  DA  B "C2'" 1 
ATOM   730 C  "C1'" . DA  B 1 18 ? -16.207 -22.850 6.556   1.00 24.82 ? 18  DA  B "C1'" 1 
ATOM   731 N  N9    . DA  B 1 18 ? -16.770 -23.147 5.233   1.00 22.33 ? 18  DA  B N9    1 
ATOM   732 C  C8    . DA  B 1 18 ? -16.133 -23.760 4.191   1.00 27.83 ? 18  DA  B C8    1 
ATOM   733 N  N7    . DA  B 1 18 ? -16.865 -23.873 3.115   1.00 27.14 ? 18  DA  B N7    1 
ATOM   734 C  C5    . DA  B 1 18 ? -18.060 -23.282 3.466   1.00 24.53 ? 18  DA  B C5    1 
ATOM   735 C  C6    . DA  B 1 18 ? -19.252 -23.081 2.760   1.00 21.41 ? 18  DA  B C6    1 
ATOM   736 N  N6    . DA  B 1 18 ? -19.434 -23.476 1.494   1.00 30.34 ? 18  DA  B N6    1 
ATOM   737 N  N1    . DA  B 1 18 ? -20.257 -22.458 3.404   1.00 29.79 ? 18  DA  B N1    1 
ATOM   738 C  C2    . DA  B 1 18 ? -20.063 -22.061 4.666   1.00 16.60 ? 18  DA  B C2    1 
ATOM   739 N  N3    . DA  B 1 18 ? -18.989 -22.200 5.429   1.00 15.85 ? 18  DA  B N3    1 
ATOM   740 C  C4    . DA  B 1 18 ? -18.016 -22.824 4.769   1.00 20.26 ? 18  DA  B C4    1 
HETATM 741 BA BA    A BA  C 2 .  ? 13.345  23.782  -7.316  0.50 15.56 ? 101 BA  A BA    1 
HETATM 742 BA BA    B BA  C 2 .  ? 12.687  24.432  -6.592  0.50 6.85  ? 101 BA  A BA    1 
HETATM 743 BA BA    A BA  D 2 .  ? 18.336  7.345   0.422   0.37 6.83  ? 102 BA  A BA    1 
HETATM 744 BA BA    B BA  D 2 .  ? 18.296  7.549   1.538   0.63 12.61 ? 102 BA  A BA    1 
HETATM 745 BA BA    . BA  E 2 .  ? 2.143   6.498   8.824   0.34 16.38 ? 103 BA  A BA    1 
HETATM 746 BA BA    . BA  F 2 .  ? 16.655  9.432   -2.674  0.35 15.86 ? 104 BA  A BA    1 
HETATM 747 BA BA    . BA  G 2 .  ? -2.302  -15.696 -3.416  0.27 5.94  ? 105 BA  A BA    1 
HETATM 748 BA BA    . BA  H 2 .  ? 1.139   -5.847  6.363   0.36 20.73 ? 101 BA  B BA    1 
HETATM 749 BA BA    A BA  I 2 .  ? -15.714 -8.352  -2.448  0.64 25.35 ? 102 BA  B BA    1 
HETATM 750 BA BA    B BA  I 2 .  ? -15.811 -8.365  -0.959  0.36 21.90 ? 102 BA  B BA    1 
HETATM 751 O  O     . HOH J 3 .  ? -5.192  2.876   -9.221  1.00 6.46  ? 201 HOH A O     1 
HETATM 752 O  O     . HOH J 3 .  ? -25.017 -14.800 -0.927  1.00 23.26 ? 202 HOH A O     1 
HETATM 753 O  O     . HOH J 3 .  ? -4.068  13.455  0.740   1.00 21.58 ? 203 HOH A O     1 
HETATM 754 O  O     . HOH J 3 .  ? 19.515  9.492   2.829   1.00 11.89 ? 204 HOH A O     1 
HETATM 755 O  O     . HOH J 3 .  ? 11.126  17.996  3.848   1.00 6.04  ? 205 HOH A O     1 
HETATM 756 O  O     . HOH J 3 .  ? 17.027  9.983   0.749   1.00 7.65  ? 206 HOH A O     1 
HETATM 757 O  O     . HOH J 3 .  ? -4.738  0.575   -5.769  1.00 10.05 ? 207 HOH A O     1 
HETATM 758 O  O     . HOH J 3 .  ? 2.896   16.001  2.842   1.00 15.40 ? 208 HOH A O     1 
HETATM 759 O  O     . HOH J 3 .  ? 19.924  28.657  -9.193  1.00 21.62 ? 209 HOH A O     1 
HETATM 760 O  O     . HOH J 3 .  ? 18.707  16.991  5.981   1.00 11.24 ? 210 HOH A O     1 
HETATM 761 O  O     . HOH J 3 .  ? -3.444  -17.720 1.366   1.00 9.09  ? 211 HOH A O     1 
HETATM 762 O  O     . HOH J 3 .  ? 17.106  21.381  -7.695  1.00 9.54  ? 212 HOH A O     1 
HETATM 763 O  O     . HOH J 3 .  ? -0.300  -8.547  5.727   1.00 13.71 ? 213 HOH A O     1 
HETATM 764 O  O     . HOH J 3 .  ? 20.778  21.499  -10.186 1.00 2.47  ? 214 HOH A O     1 
HETATM 765 O  O     . HOH J 3 .  ? 3.893   1.996   -6.917  1.00 15.25 ? 215 HOH A O     1 
HETATM 766 O  O     . HOH J 3 .  ? -7.739  1.382   -4.395  1.00 28.17 ? 216 HOH A O     1 
HETATM 767 O  O     . HOH J 3 .  ? 0.524   -16.435 2.977   1.00 13.87 ? 217 HOH A O     1 
HETATM 768 O  O     . HOH J 3 .  ? 20.517  9.206   0.200   1.00 11.24 ? 218 HOH A O     1 
HETATM 769 O  O     . HOH J 3 .  ? 18.587  11.872  -1.904  1.00 7.66  ? 219 HOH A O     1 
HETATM 770 O  O     . HOH J 3 .  ? -17.915 -18.968 7.987   1.00 11.52 ? 220 HOH A O     1 
HETATM 771 O  O     . HOH J 3 .  ? 13.839  9.895   7.125   1.00 20.26 ? 221 HOH A O     1 
HETATM 772 O  O     . HOH J 3 .  ? -1.886  -15.480 -0.122  1.00 5.07  ? 222 HOH A O     1 
HETATM 773 O  O     . HOH J 3 .  ? -2.610  12.720  -2.691  1.00 24.72 ? 223 HOH A O     1 
HETATM 774 O  O     . HOH J 3 .  ? 15.774  7.622   2.036   1.00 5.90  ? 224 HOH A O     1 
HETATM 775 O  O     . HOH J 3 .  ? -8.994  -1.163  -5.269  1.00 18.48 ? 225 HOH A O     1 
HETATM 776 O  O     . HOH J 3 .  ? 3.583   10.053  -2.567  1.00 12.31 ? 226 HOH A O     1 
HETATM 777 O  O     . HOH J 3 .  ? -0.499  -13.533 -2.620  1.00 8.23  ? 227 HOH A O     1 
HETATM 778 O  O     . HOH J 3 .  ? 12.050  25.372  0.482   1.00 8.87  ? 228 HOH A O     1 
HETATM 779 O  O     . HOH J 3 .  ? 14.417  26.011  -5.538  1.00 10.98 ? 229 HOH A O     1 
HETATM 780 O  O     . HOH J 3 .  ? 21.548  12.307  4.537   1.00 12.34 ? 230 HOH A O     1 
HETATM 781 O  O     . HOH J 3 .  ? -0.237  4.831   6.879   1.00 29.41 ? 231 HOH A O     1 
HETATM 782 O  O     . HOH J 3 .  ? -7.623  0.118   -6.446  1.00 19.07 ? 232 HOH A O     1 
HETATM 783 O  O     . HOH J 3 .  ? 3.621   -12.501 3.127   1.00 10.17 ? 233 HOH A O     1 
HETATM 784 O  O     . HOH J 3 .  ? -4.061  9.468   1.150   1.00 24.36 ? 234 HOH A O     1 
HETATM 785 O  O     . HOH J 3 .  ? -0.418  7.148   7.470   1.00 24.43 ? 235 HOH A O     1 
HETATM 786 O  O     . HOH J 3 .  ? -7.268  0.221   0.120   1.00 3.07  ? 236 HOH A O     1 
HETATM 787 O  O     . HOH J 3 .  ? 6.024   3.252   5.030   1.00 7.83  ? 237 HOH A O     1 
HETATM 788 O  O     . HOH J 3 .  ? -10.295 -14.107 10.149  1.00 16.33 ? 238 HOH A O     1 
HETATM 789 O  O     . HOH J 3 .  ? 11.468  26.612  -6.149  1.00 24.38 ? 239 HOH A O     1 
HETATM 790 O  O     . HOH J 3 .  ? -3.274  -2.087  -8.142  1.00 7.04  ? 240 HOH A O     1 
HETATM 791 O  O     . HOH J 3 .  ? -16.310 -8.209  3.836   1.00 27.24 ? 241 HOH A O     1 
HETATM 792 O  O     . HOH J 3 .  ? -15.670 -29.034 -5.770  1.00 26.34 ? 242 HOH A O     1 
HETATM 793 O  O     . HOH J 3 .  ? 15.672  23.236  -8.406  1.00 19.91 ? 243 HOH A O     1 
HETATM 794 O  O     . HOH J 3 .  ? -6.764  3.178   -7.049  1.00 14.99 ? 244 HOH A O     1 
HETATM 795 O  O     . HOH J 3 .  ? -2.656  -16.619 3.887   1.00 17.73 ? 245 HOH A O     1 
HETATM 796 O  O     . HOH J 3 .  ? 3.537   -6.820  -8.558  1.00 21.33 ? 246 HOH A O     1 
HETATM 797 O  O     . HOH J 3 .  ? -22.620 -9.547  3.468   1.00 14.79 ? 247 HOH A O     1 
HETATM 798 O  O     . HOH J 3 .  ? -0.549  -11.408 -8.118  1.00 12.98 ? 248 HOH A O     1 
HETATM 799 O  O     . HOH J 3 .  ? -22.912 -12.617 5.408   1.00 23.70 ? 249 HOH A O     1 
HETATM 800 O  O     . HOH J 3 .  ? -0.373  3.166   -12.642 1.00 1.79  ? 250 HOH A O     1 
HETATM 801 O  O     . HOH J 3 .  ? 3.588   7.939   10.588  1.00 29.30 ? 251 HOH A O     1 
HETATM 802 O  O     . HOH J 3 .  ? -13.111 -15.470 10.714  1.00 39.92 ? 252 HOH A O     1 
HETATM 803 O  O     . HOH J 3 .  ? -25.957 -20.639 -4.493  1.00 32.04 ? 253 HOH A O     1 
HETATM 804 O  O     . HOH J 3 .  ? -3.608  -11.543 11.425  1.00 26.16 ? 254 HOH A O     1 
HETATM 805 O  O     . HOH J 3 .  ? 6.399   -6.909  -5.399  1.00 25.02 ? 255 HOH A O     1 
HETATM 806 O  O     . HOH J 3 .  ? 24.786  17.377  -5.437  1.00 12.33 ? 256 HOH A O     1 
HETATM 807 O  O     . HOH J 3 .  ? 17.019  7.859   -4.807  1.00 28.14 ? 257 HOH A O     1 
HETATM 808 O  O     . HOH J 3 .  ? 1.106   13.311  -5.498  1.00 23.34 ? 258 HOH A O     1 
HETATM 809 O  O     . HOH J 3 .  ? 7.771   -3.454  -4.392  1.00 17.31 ? 259 HOH A O     1 
HETATM 810 O  O     . HOH K 3 .  ? 9.178   -1.281  -2.383  1.00 20.50 ? 201 HOH B O     1 
HETATM 811 O  O     . HOH K 3 .  ? -10.507 -0.684  2.753   1.00 23.89 ? 202 HOH B O     1 
HETATM 812 O  O     . HOH K 3 .  ? 10.990  0.630   3.801   1.00 18.34 ? 203 HOH B O     1 
HETATM 813 O  O     . HOH K 3 .  ? -8.982  -9.498  -9.570  1.00 13.82 ? 204 HOH B O     1 
HETATM 814 O  O     . HOH K 3 .  ? -9.254  -26.441 -3.705  1.00 24.55 ? 205 HOH B O     1 
HETATM 815 O  O     . HOH K 3 .  ? -11.959 -25.964 -4.445  1.00 20.21 ? 206 HOH B O     1 
HETATM 816 O  O     . HOH K 3 .  ? -5.552  -25.043 1.511   1.00 27.11 ? 207 HOH B O     1 
HETATM 817 O  O     . HOH K 3 .  ? 8.795   15.924  3.632   1.00 10.50 ? 208 HOH B O     1 
HETATM 818 O  O     . HOH K 3 .  ? 14.505  16.723  -5.276  1.00 5.37  ? 209 HOH B O     1 
HETATM 819 O  O     . HOH K 3 .  ? -12.302 -0.806  -5.436  1.00 8.36  ? 210 HOH B O     1 
HETATM 820 O  O     . HOH K 3 .  ? 3.824   18.456  1.072   1.00 12.62 ? 211 HOH B O     1 
HETATM 821 O  O     . HOH K 3 .  ? 9.803   6.712   4.915   1.00 13.05 ? 212 HOH B O     1 
HETATM 822 O  O     . HOH K 3 .  ? 20.141  20.361  0.713   1.00 4.56  ? 213 HOH B O     1 
HETATM 823 O  O     . HOH K 3 .  ? 5.605   20.856  3.729   1.00 5.25  ? 214 HOH B O     1 
HETATM 824 O  O     . HOH K 3 .  ? 2.587   -3.798  5.949   1.00 29.39 ? 215 HOH B O     1 
HETATM 825 O  O     . HOH K 3 .  ? -8.635  -7.185  3.155   1.00 12.28 ? 216 HOH B O     1 
HETATM 826 O  O     . HOH K 3 .  ? 1.284   -4.831  0.921   1.00 7.73  ? 217 HOH B O     1 
HETATM 827 O  O     . HOH K 3 .  ? -14.699 -17.873 -6.547  1.00 18.44 ? 218 HOH B O     1 
HETATM 828 O  O     . HOH K 3 .  ? -7.890  -28.050 2.745   1.00 23.56 ? 219 HOH B O     1 
HETATM 829 O  O     . HOH K 3 .  ? -8.047  -23.807 -8.702  1.00 20.12 ? 220 HOH B O     1 
HETATM 830 O  O     . HOH K 3 .  ? 3.475   17.698  -1.713  1.00 9.91  ? 221 HOH B O     1 
HETATM 831 O  O     . HOH K 3 .  ? 4.731   9.850   -7.847  1.00 24.26 ? 222 HOH B O     1 
HETATM 832 O  O     . HOH K 3 .  ? -16.084 -5.838  -3.121  1.00 13.97 ? 223 HOH B O     1 
HETATM 833 O  O     . HOH K 3 .  ? 11.054  22.134  -5.753  1.00 7.78  ? 224 HOH B O     1 
HETATM 834 O  O     . HOH K 3 .  ? 11.937  -2.886  -1.683  1.00 19.78 ? 225 HOH B O     1 
HETATM 835 O  O     . HOH K 3 .  ? -13.383 -6.930  -1.637  1.00 19.50 ? 226 HOH B O     1 
HETATM 836 O  O     . HOH K 3 .  ? 3.359   -5.107  3.324   1.00 29.60 ? 227 HOH B O     1 
HETATM 837 O  O     . HOH K 3 .  ? -10.803 -9.610  3.114   1.00 8.31  ? 228 HOH B O     1 
HETATM 838 O  O     . HOH K 3 .  ? 6.893   18.089  3.869   1.00 11.39 ? 229 HOH B O     1 
HETATM 839 O  O     . HOH K 3 .  ? -6.410  -25.506 -5.846  1.00 21.00 ? 230 HOH B O     1 
HETATM 840 O  O     . HOH K 3 .  ? -13.776 -15.521 -8.591  1.00 20.64 ? 231 HOH B O     1 
HETATM 841 O  O     . HOH K 3 .  ? 2.555   7.366   -3.194  1.00 9.02  ? 232 HOH B O     1 
HETATM 842 O  O     . HOH K 3 .  ? 6.410   4.015   -7.310  1.00 19.23 ? 233 HOH B O     1 
HETATM 843 O  O     . HOH K 3 .  ? 20.135  19.243  6.941   1.00 14.78 ? 234 HOH B O     1 
HETATM 844 O  O     . HOH K 3 .  ? -14.149 -6.368  0.584   1.00 18.48 ? 235 HOH B O     1 
HETATM 845 O  O     . HOH K 3 .  ? 21.950  19.927  4.494   1.00 17.29 ? 236 HOH B O     1 
HETATM 846 O  O     . HOH K 3 .  ? 11.755  -3.434  0.599   1.00 25.84 ? 237 HOH B O     1 
HETATM 847 O  O     . HOH K 3 .  ? -13.968 -9.966  -10.787 1.00 15.91 ? 238 HOH B O     1 
HETATM 848 O  O     . HOH K 3 .  ? 7.814   -2.673  -1.098  1.00 29.17 ? 239 HOH B O     1 
HETATM 849 O  O     . HOH K 3 .  ? -12.941 -4.620  4.946   1.00 26.89 ? 240 HOH B O     1 
HETATM 850 O  O     . HOH K 3 .  ? -16.162 -7.679  1.504   1.00 22.41 ? 241 HOH B O     1 
HETATM 851 O  O     . HOH K 3 .  ? 4.035   18.596  3.491   1.00 21.61 ? 242 HOH B O     1 
HETATM 852 O  O     . HOH K 3 .  ? -10.696 -10.752 -12.558 1.00 18.27 ? 243 HOH B O     1 
HETATM 853 O  O     . HOH K 3 .  ? -14.036 -2.006  4.665   1.00 34.95 ? 244 HOH B O     1 
HETATM 854 O  O     . HOH K 3 .  ? -10.629 -30.151 4.401   1.00 29.28 ? 245 HOH B O     1 
HETATM 855 O  O     . HOH K 3 .  ? 6.883   12.211  -10.312 1.00 29.80 ? 246 HOH B O     1 
HETATM 856 O  O     . HOH K 3 .  ? 5.673   6.496   -8.217  1.00 22.98 ? 247 HOH B O     1 
HETATM 857 O  O     . HOH K 3 .  ? -12.411 0.431   1.748   1.00 22.79 ? 248 HOH B O     1 
HETATM 858 O  O     . HOH K 3 .  ? 3.162   -6.147  5.597   1.00 31.01 ? 249 HOH B O     1 
HETATM 859 O  O     . HOH K 3 .  ? -9.241  -25.667 -6.390  1.00 23.87 ? 250 HOH B O     1 
HETATM 860 O  O     . HOH K 3 .  ? -7.077  -21.782 2.992   1.00 20.98 ? 251 HOH B O     1 
HETATM 861 O  O     . HOH K 3 .  ? 1.944   -8.633  5.986   1.00 19.37 ? 252 HOH B O     1 
HETATM 862 O  O     . HOH K 3 .  ? -11.487 -29.475 9.290   1.00 18.13 ? 253 HOH B O     1 
HETATM 863 O  O     . HOH K 3 .  ? -9.397  -13.011 -12.147 1.00 34.84 ? 254 HOH B O     1 
HETATM 864 O  O     . HOH K 3 .  ? -15.867 -16.129 -9.186  1.00 17.44 ? 255 HOH B O     1 
HETATM 865 O  O     . HOH K 3 .  ? 4.429   26.398  -5.561  1.00 19.63 ? 256 HOH B O     1 
HETATM 866 O  O     . HOH K 3 .  ? 6.239   -1.287  9.047   1.00 27.67 ? 257 HOH B O     1 
HETATM 867 O  O     . HOH K 3 .  ? 19.463  19.246  9.349   1.00 29.83 ? 258 HOH B O     1 
HETATM 868 O  O     . HOH K 3 .  ? -13.594 -14.454 -12.083 0.50 27.94 ? 259 HOH B O     1 
HETATM 869 O  O     . HOH K 3 .  ? -18.516 -8.051  -1.894  1.00 18.19 ? 260 HOH B O     1 
# 
loop_
_pdbx_poly_seq_scheme.asym_id 
_pdbx_poly_seq_scheme.entity_id 
_pdbx_poly_seq_scheme.seq_id 
_pdbx_poly_seq_scheme.mon_id 
_pdbx_poly_seq_scheme.ndb_seq_num 
_pdbx_poly_seq_scheme.pdb_seq_num 
_pdbx_poly_seq_scheme.auth_seq_num 
_pdbx_poly_seq_scheme.pdb_mon_id 
_pdbx_poly_seq_scheme.auth_mon_id 
_pdbx_poly_seq_scheme.pdb_strand_id 
_pdbx_poly_seq_scheme.pdb_ins_code 
_pdbx_poly_seq_scheme.hetero 
A 1 1  DC 1  1  1  DC DC A . n 
A 1 2  DG 2  2  2  DG DG A . n 
A 1 3  DA 3  3  3  DA DA A . n 
A 1 4  DC 4  4  4  DC DC A . n 
A 1 5  DG 5  5  5  DG DG A . n 
A 1 6  DA 6  6  6  DA DA A . n 
A 1 7  DC 7  7  7  DC DC A . n 
A 1 8  DG 8  8  8  DG DG A . n 
A 1 9  DA 9  9  9  DA DA A . n 
A 1 10 DC 10 10 10 DC DC A . n 
A 1 11 DG 11 11 11 DG DG A . n 
A 1 12 DA 12 12 12 DA DA A . n 
A 1 13 DC 13 13 13 DC DC A . n 
A 1 14 DG 14 14 14 DG DG A . n 
A 1 15 DA 15 15 15 DA DA A . n 
A 1 16 DT 16 16 16 DT DT A . n 
A 1 17 DG 17 17 17 DG DG A . n 
A 1 18 DA 18 18 18 DA DA A . n 
B 1 1  DC 1  1  1  DC DC B . n 
B 1 2  DG 2  2  2  DG DG B . n 
B 1 3  DA 3  3  3  DA DA B . n 
B 1 4  DC 4  4  4  DC DC B . n 
B 1 5  DG 5  5  5  DG DG B . n 
B 1 6  DA 6  6  6  DA DA B . n 
B 1 7  DC 7  7  7  DC DC B . n 
B 1 8  DG 8  8  8  DG DG B . n 
B 1 9  DA 9  9  9  DA DA B . n 
B 1 10 DC 10 10 10 DC DC B . n 
B 1 11 DG 11 11 11 DG DG B . n 
B 1 12 DA 12 12 12 DA DA B . n 
B 1 13 DC 13 13 13 DC DC B . n 
B 1 14 DG 14 14 14 DG DG B . n 
B 1 15 DA 15 15 15 DA DA B . n 
B 1 16 DT 16 16 16 DT DT B . n 
B 1 17 DG 17 17 17 DG DG B . n 
B 1 18 DA 18 18 18 DA DA B . n 
# 
_pdbx_contact_author.id                 2 
_pdbx_contact_author.email              paukstel@umd.edu 
_pdbx_contact_author.name_first         Paul 
_pdbx_contact_author.name_last          Paukstelis 
_pdbx_contact_author.name_mi            J. 
_pdbx_contact_author.role               'principal investigator/group leader' 
_pdbx_contact_author.identifier_ORCID   0000-0001-8536-4361 
# 
loop_
_pdbx_nonpoly_scheme.asym_id 
_pdbx_nonpoly_scheme.entity_id 
_pdbx_nonpoly_scheme.mon_id 
_pdbx_nonpoly_scheme.ndb_seq_num 
_pdbx_nonpoly_scheme.pdb_seq_num 
_pdbx_nonpoly_scheme.auth_seq_num 
_pdbx_nonpoly_scheme.pdb_mon_id 
_pdbx_nonpoly_scheme.auth_mon_id 
_pdbx_nonpoly_scheme.pdb_strand_id 
_pdbx_nonpoly_scheme.pdb_ins_code 
C 2 BA  1  101 1   BA  BA  A . 
D 2 BA  1  102 2   BA  BA  A . 
E 2 BA  1  103 3   BA  BA  A . 
F 2 BA  1  104 6   BA  BA  A . 
G 2 BA  1  105 7   BA  BA  A . 
H 2 BA  1  101 4   BA  BA  B . 
I 2 BA  1  102 5   BA  BA  B . 
J 3 HOH 1  201 8   HOH HOH A . 
J 3 HOH 2  202 65  HOH HOH A . 
J 3 HOH 3  203 102 HOH HOH A . 
J 3 HOH 4  204 58  HOH HOH A . 
J 3 HOH 5  205 48  HOH HOH A . 
J 3 HOH 6  206 57  HOH HOH A . 
J 3 HOH 7  207 6   HOH HOH A . 
J 3 HOH 8  208 71  HOH HOH A . 
J 3 HOH 9  209 52  HOH HOH A . 
J 3 HOH 10 210 7   HOH HOH A . 
J 3 HOH 11 211 31  HOH HOH A . 
J 3 HOH 12 212 2   HOH HOH A . 
J 3 HOH 13 213 28  HOH HOH A . 
J 3 HOH 14 214 99  HOH HOH A . 
J 3 HOH 15 215 44  HOH HOH A . 
J 3 HOH 16 216 103 HOH HOH A . 
J 3 HOH 17 217 12  HOH HOH A . 
J 3 HOH 18 218 22  HOH HOH A . 
J 3 HOH 19 219 23  HOH HOH A . 
J 3 HOH 20 220 54  HOH HOH A . 
J 3 HOH 21 221 43  HOH HOH A . 
J 3 HOH 22 222 88  HOH HOH A . 
J 3 HOH 23 223 36  HOH HOH A . 
J 3 HOH 24 224 19  HOH HOH A . 
J 3 HOH 25 225 104 HOH HOH A . 
J 3 HOH 26 226 20  HOH HOH A . 
J 3 HOH 27 227 32  HOH HOH A . 
J 3 HOH 28 228 15  HOH HOH A . 
J 3 HOH 29 229 34  HOH HOH A . 
J 3 HOH 30 230 55  HOH HOH A . 
J 3 HOH 31 231 70  HOH HOH A . 
J 3 HOH 32 232 121 HOH HOH A . 
J 3 HOH 33 233 14  HOH HOH A . 
J 3 HOH 34 234 94  HOH HOH A . 
J 3 HOH 35 235 80  HOH HOH A . 
J 3 HOH 36 236 46  HOH HOH A . 
J 3 HOH 37 237 33  HOH HOH A . 
J 3 HOH 38 238 92  HOH HOH A . 
J 3 HOH 39 239 123 HOH HOH A . 
J 3 HOH 40 240 10  HOH HOH A . 
J 3 HOH 41 241 91  HOH HOH A . 
J 3 HOH 42 242 98  HOH HOH A . 
J 3 HOH 43 243 68  HOH HOH A . 
J 3 HOH 44 244 74  HOH HOH A . 
J 3 HOH 45 245 4   HOH HOH A . 
J 3 HOH 46 246 78  HOH HOH A . 
J 3 HOH 47 247 30  HOH HOH A . 
J 3 HOH 48 248 38  HOH HOH A . 
J 3 HOH 49 249 118 HOH HOH A . 
J 3 HOH 50 250 73  HOH HOH A . 
J 3 HOH 51 251 72  HOH HOH A . 
J 3 HOH 52 252 85  HOH HOH A . 
J 3 HOH 53 253 120 HOH HOH A . 
J 3 HOH 54 254 111 HOH HOH A . 
J 3 HOH 55 255 109 HOH HOH A . 
J 3 HOH 56 256 26  HOH HOH A . 
J 3 HOH 57 257 83  HOH HOH A . 
J 3 HOH 58 258 63  HOH HOH A . 
J 3 HOH 59 259 62  HOH HOH A . 
K 3 HOH 1  201 59  HOH HOH B . 
K 3 HOH 2  202 84  HOH HOH B . 
K 3 HOH 3  203 18  HOH HOH B . 
K 3 HOH 4  204 50  HOH HOH B . 
K 3 HOH 5  205 126 HOH HOH B . 
K 3 HOH 6  206 42  HOH HOH B . 
K 3 HOH 7  207 97  HOH HOH B . 
K 3 HOH 8  208 13  HOH HOH B . 
K 3 HOH 9  209 24  HOH HOH B . 
K 3 HOH 10 210 16  HOH HOH B . 
K 3 HOH 11 211 101 HOH HOH B . 
K 3 HOH 12 212 49  HOH HOH B . 
K 3 HOH 13 213 61  HOH HOH B . 
K 3 HOH 14 214 5   HOH HOH B . 
K 3 HOH 15 215 125 HOH HOH B . 
K 3 HOH 16 216 25  HOH HOH B . 
K 3 HOH 17 217 3   HOH HOH B . 
K 3 HOH 18 218 21  HOH HOH B . 
K 3 HOH 19 219 53  HOH HOH B . 
K 3 HOH 20 220 87  HOH HOH B . 
K 3 HOH 21 221 17  HOH HOH B . 
K 3 HOH 22 222 45  HOH HOH B . 
K 3 HOH 23 223 9   HOH HOH B . 
K 3 HOH 24 224 29  HOH HOH B . 
K 3 HOH 25 225 27  HOH HOH B . 
K 3 HOH 26 226 56  HOH HOH B . 
K 3 HOH 27 227 124 HOH HOH B . 
K 3 HOH 28 228 47  HOH HOH B . 
K 3 HOH 29 229 37  HOH HOH B . 
K 3 HOH 30 230 11  HOH HOH B . 
K 3 HOH 31 231 40  HOH HOH B . 
K 3 HOH 32 232 1   HOH HOH B . 
K 3 HOH 33 233 51  HOH HOH B . 
K 3 HOH 34 234 107 HOH HOH B . 
K 3 HOH 35 235 60  HOH HOH B . 
K 3 HOH 36 236 115 HOH HOH B . 
K 3 HOH 37 237 64  HOH HOH B . 
K 3 HOH 38 238 81  HOH HOH B . 
K 3 HOH 39 239 119 HOH HOH B . 
K 3 HOH 40 240 75  HOH HOH B . 
K 3 HOH 41 241 93  HOH HOH B . 
K 3 HOH 42 242 100 HOH HOH B . 
K 3 HOH 43 243 108 HOH HOH B . 
K 3 HOH 44 244 90  HOH HOH B . 
K 3 HOH 45 245 96  HOH HOH B . 
K 3 HOH 46 246 114 HOH HOH B . 
K 3 HOH 47 247 110 HOH HOH B . 
K 3 HOH 48 248 95  HOH HOH B . 
K 3 HOH 49 249 113 HOH HOH B . 
K 3 HOH 50 250 41  HOH HOH B . 
K 3 HOH 51 251 86  HOH HOH B . 
K 3 HOH 52 252 69  HOH HOH B . 
K 3 HOH 53 253 89  HOH HOH B . 
K 3 HOH 54 254 35  HOH HOH B . 
K 3 HOH 55 255 82  HOH HOH B . 
K 3 HOH 56 256 39  HOH HOH B . 
K 3 HOH 57 257 76  HOH HOH B . 
K 3 HOH 58 258 117 HOH HOH B . 
K 3 HOH 59 259 116 HOH HOH B . 
K 3 HOH 60 260 77  HOH HOH B . 
# 
_pdbx_struct_assembly.id                   1 
_pdbx_struct_assembly.details              author_defined_assembly 
_pdbx_struct_assembly.method_details       ? 
_pdbx_struct_assembly.oligomeric_details   dimeric 
_pdbx_struct_assembly.oligomeric_count     2 
# 
_pdbx_struct_assembly_gen.assembly_id       1 
_pdbx_struct_assembly_gen.oper_expression   1 
_pdbx_struct_assembly_gen.asym_id_list      A,B,C,D,E,F,G,H,I,J,K 
# 
_pdbx_struct_oper_list.id                   1 
_pdbx_struct_oper_list.type                 'identity operation' 
_pdbx_struct_oper_list.name                 1_555 
_pdbx_struct_oper_list.symmetry_operation   x,y,z 
_pdbx_struct_oper_list.matrix[1][1]         1.0000000000 
_pdbx_struct_oper_list.matrix[1][2]         0.0000000000 
_pdbx_struct_oper_list.matrix[1][3]         0.0000000000 
_pdbx_struct_oper_list.vector[1]            0.0000000000 
_pdbx_struct_oper_list.matrix[2][1]         0.0000000000 
_pdbx_struct_oper_list.matrix[2][2]         1.0000000000 
_pdbx_struct_oper_list.matrix[2][3]         0.0000000000 
_pdbx_struct_oper_list.vector[2]            0.0000000000 
_pdbx_struct_oper_list.matrix[3][1]         0.0000000000 
_pdbx_struct_oper_list.matrix[3][2]         0.0000000000 
_pdbx_struct_oper_list.matrix[3][3]         1.0000000000 
_pdbx_struct_oper_list.vector[3]            0.0000000000 
# 
_pdbx_struct_special_symmetry.id              1 
_pdbx_struct_special_symmetry.PDB_model_num   1 
_pdbx_struct_special_symmetry.auth_asym_id    B 
_pdbx_struct_special_symmetry.auth_comp_id    HOH 
_pdbx_struct_special_symmetry.auth_seq_id     259 
_pdbx_struct_special_symmetry.PDB_ins_code    ? 
_pdbx_struct_special_symmetry.label_asym_id   K 
_pdbx_struct_special_symmetry.label_comp_id   HOH 
_pdbx_struct_special_symmetry.label_seq_id    . 
# 
loop_
_pdbx_struct_conn_angle.id 
_pdbx_struct_conn_angle.ptnr1_label_atom_id 
_pdbx_struct_conn_angle.ptnr1_label_alt_id 
_pdbx_struct_conn_angle.ptnr1_label_asym_id 
_pdbx_struct_conn_angle.ptnr1_label_comp_id 
_pdbx_struct_conn_angle.ptnr1_label_seq_id 
_pdbx_struct_conn_angle.ptnr1_auth_atom_id 
_pdbx_struct_conn_angle.ptnr1_auth_asym_id 
_pdbx_struct_conn_angle.ptnr1_auth_comp_id 
_pdbx_struct_conn_angle.ptnr1_auth_seq_id 
_pdbx_struct_conn_angle.ptnr1_PDB_ins_code 
_pdbx_struct_conn_angle.ptnr1_symmetry 
_pdbx_struct_conn_angle.ptnr2_label_atom_id 
_pdbx_struct_conn_angle.ptnr2_label_alt_id 
_pdbx_struct_conn_angle.ptnr2_label_asym_id 
_pdbx_struct_conn_angle.ptnr2_label_comp_id 
_pdbx_struct_conn_angle.ptnr2_label_seq_id 
_pdbx_struct_conn_angle.ptnr2_auth_atom_id 
_pdbx_struct_conn_angle.ptnr2_auth_asym_id 
_pdbx_struct_conn_angle.ptnr2_auth_comp_id 
_pdbx_struct_conn_angle.ptnr2_auth_seq_id 
_pdbx_struct_conn_angle.ptnr2_PDB_ins_code 
_pdbx_struct_conn_angle.ptnr2_symmetry 
_pdbx_struct_conn_angle.ptnr3_label_atom_id 
_pdbx_struct_conn_angle.ptnr3_label_alt_id 
_pdbx_struct_conn_angle.ptnr3_label_asym_id 
_pdbx_struct_conn_angle.ptnr3_label_comp_id 
_pdbx_struct_conn_angle.ptnr3_label_seq_id 
_pdbx_struct_conn_angle.ptnr3_auth_atom_id 
_pdbx_struct_conn_angle.ptnr3_auth_asym_id 
_pdbx_struct_conn_angle.ptnr3_auth_comp_id 
_pdbx_struct_conn_angle.ptnr3_auth_seq_id 
_pdbx_struct_conn_angle.ptnr3_PDB_ins_code 
_pdbx_struct_conn_angle.ptnr3_symmetry 
_pdbx_struct_conn_angle.value 
_pdbx_struct_conn_angle.value_esd 
1   O6  ? A DG  2  ? A DG  2   ? 1_555 BA B C BA . ? A BA 101 ? 1_555 O   ? J HOH .  ? A HOH 211 ? 4_445 151.5 ? 
2   O6  ? A DG  2  ? A DG  2   ? 1_555 BA B C BA . ? A BA 101 ? 1_555 O   ? J HOH .  ? A HOH 222 ? 4_445 130.0 ? 
3   O   ? J HOH .  ? A HOH 211 ? 4_445 BA B C BA . ? A BA 101 ? 1_555 O   ? J HOH .  ? A HOH 222 ? 4_445 65.4  ? 
4   O6  ? A DG  2  ? A DG  2   ? 1_555 BA B C BA . ? A BA 101 ? 1_555 O   ? J HOH .  ? A HOH 229 ? 1_555 64.4  ? 
5   O   ? J HOH .  ? A HOH 211 ? 4_445 BA B C BA . ? A BA 101 ? 1_555 O   ? J HOH .  ? A HOH 229 ? 1_555 90.4  ? 
6   O   ? J HOH .  ? A HOH 222 ? 4_445 BA B C BA . ? A BA 101 ? 1_555 O   ? J HOH .  ? A HOH 229 ? 1_555 146.5 ? 
7   O6  ? A DG  2  ? A DG  2   ? 1_555 BA B C BA . ? A BA 101 ? 1_555 O   ? J HOH .  ? A HOH 239 ? 1_555 75.5  ? 
8   O   ? J HOH .  ? A HOH 211 ? 4_445 BA B C BA . ? A BA 101 ? 1_555 O   ? J HOH .  ? A HOH 239 ? 1_555 85.4  ? 
9   O   ? J HOH .  ? A HOH 222 ? 4_445 BA B C BA . ? A BA 101 ? 1_555 O   ? J HOH .  ? A HOH 239 ? 1_555 81.0  ? 
10  O   ? J HOH .  ? A HOH 229 ? 1_555 BA B C BA . ? A BA 101 ? 1_555 O   ? J HOH .  ? A HOH 239 ? 1_555 73.9  ? 
11  O6  ? A DG  2  ? A DG  2   ? 1_555 BA B C BA . ? A BA 101 ? 1_555 O   ? K HOH .  ? B HOH 224 ? 1_555 75.8  ? 
12  O   ? J HOH .  ? A HOH 211 ? 4_445 BA B C BA . ? A BA 101 ? 1_555 O   ? K HOH .  ? B HOH 224 ? 1_555 131.6 ? 
13  O   ? J HOH .  ? A HOH 222 ? 4_445 BA B C BA . ? A BA 101 ? 1_555 O   ? K HOH .  ? B HOH 224 ? 1_555 72.3  ? 
14  O   ? J HOH .  ? A HOH 229 ? 1_555 BA B C BA . ? A BA 101 ? 1_555 O   ? K HOH .  ? B HOH 224 ? 1_555 137.5 ? 
15  O   ? J HOH .  ? A HOH 239 ? 1_555 BA B C BA . ? A BA 101 ? 1_555 O   ? K HOH .  ? B HOH 224 ? 1_555 110.8 ? 
16  O6  ? A DG  5  ? A DG  5   ? 1_555 BA ? F BA . ? A BA 104 ? 1_555 O   ? J HOH .  ? A HOH 206 ? 1_555 61.1  ? 
17  O6  ? A DG  5  ? A DG  5   ? 1_555 BA ? F BA . ? A BA 104 ? 1_555 O   ? J HOH .  ? A HOH 219 ? 1_555 101.2 ? 
18  O   ? J HOH .  ? A HOH 206 ? 1_555 BA ? F BA . ? A BA 104 ? 1_555 O   ? J HOH .  ? A HOH 219 ? 1_555 65.1  ? 
19  O6  ? A DG  5  ? A DG  5   ? 1_555 BA ? F BA . ? A BA 104 ? 1_555 O   ? J HOH .  ? A HOH 225 ? 4_455 137.6 ? 
20  O   ? J HOH .  ? A HOH 206 ? 1_555 BA ? F BA . ? A BA 104 ? 1_555 O   ? J HOH .  ? A HOH 225 ? 4_455 77.8  ? 
21  O   ? J HOH .  ? A HOH 219 ? 1_555 BA ? F BA . ? A BA 104 ? 1_555 O   ? J HOH .  ? A HOH 225 ? 4_455 67.7  ? 
22  O6  ? A DG  5  ? A DG  5   ? 1_555 BA ? F BA . ? A BA 104 ? 1_555 O   ? J HOH .  ? A HOH 257 ? 1_555 132.2 ? 
23  O   ? J HOH .  ? A HOH 206 ? 1_555 BA ? F BA . ? A BA 104 ? 1_555 O   ? J HOH .  ? A HOH 257 ? 1_555 149.4 ? 
24  O   ? J HOH .  ? A HOH 219 ? 1_555 BA ? F BA . ? A BA 104 ? 1_555 O   ? J HOH .  ? A HOH 257 ? 1_555 123.9 ? 
25  O   ? J HOH .  ? A HOH 225 ? 4_455 BA ? F BA . ? A BA 104 ? 1_555 O   ? J HOH .  ? A HOH 257 ? 1_555 80.0  ? 
26  O6  ? A DG  5  ? A DG  5   ? 1_555 BA ? F BA . ? A BA 104 ? 1_555 O   ? K HOH .  ? B HOH 210 ? 4_455 139.9 ? 
27  O   ? J HOH .  ? A HOH 206 ? 1_555 BA ? F BA . ? A BA 104 ? 1_555 O   ? K HOH .  ? B HOH 210 ? 4_455 113.4 ? 
28  O   ? J HOH .  ? A HOH 219 ? 1_555 BA ? F BA . ? A BA 104 ? 1_555 O   ? K HOH .  ? B HOH 210 ? 4_455 50.5  ? 
29  O   ? J HOH .  ? A HOH 225 ? 4_455 BA ? F BA . ? A BA 104 ? 1_555 O   ? K HOH .  ? B HOH 210 ? 4_455 64.8  ? 
30  O   ? J HOH .  ? A HOH 257 ? 1_555 BA ? F BA . ? A BA 104 ? 1_555 O   ? K HOH .  ? B HOH 210 ? 4_455 74.6  ? 
31  O6  ? A DG  8  ? A DG  8   ? 1_555 BA ? E BA . ? A BA 103 ? 1_555 O   ? J HOH .  ? A HOH 231 ? 1_555 56.6  ? 
32  O6  ? A DG  8  ? A DG  8   ? 1_555 BA ? E BA . ? A BA 103 ? 1_555 O   ? J HOH .  ? A HOH 235 ? 1_555 75.3  ? 
33  O   ? J HOH .  ? A HOH 231 ? 1_555 BA ? E BA . ? A BA 103 ? 1_555 O   ? J HOH .  ? A HOH 235 ? 1_555 42.6  ? 
34  O6  ? A DG  8  ? A DG  8   ? 1_555 BA ? E BA . ? A BA 103 ? 1_555 O   ? J HOH .  ? A HOH 251 ? 1_555 132.9 ? 
35  O   ? J HOH .  ? A HOH 231 ? 1_555 BA ? E BA . ? A BA 103 ? 1_555 O   ? J HOH .  ? A HOH 251 ? 1_555 169.4 ? 
36  O   ? J HOH .  ? A HOH 235 ? 1_555 BA ? E BA . ? A BA 103 ? 1_555 O   ? J HOH .  ? A HOH 251 ? 1_555 130.0 ? 
37  O6  ? A DG  11 ? A DG  11  ? 1_555 BA A D BA . ? A BA 102 ? 4_445 O   ? J HOH .  ? A HOH 204 ? 1_555 73.7  ? 
38  O6  ? A DG  11 ? A DG  11  ? 1_555 BA A D BA . ? A BA 102 ? 4_445 O   ? J HOH .  ? A HOH 206 ? 1_555 76.1  ? 
39  O   ? J HOH .  ? A HOH 204 ? 1_555 BA A D BA . ? A BA 102 ? 4_445 O   ? J HOH .  ? A HOH 206 ? 1_555 4.1   ? 
40  O6  ? A DG  11 ? A DG  11  ? 1_555 BA A D BA . ? A BA 102 ? 4_445 O   ? J HOH .  ? A HOH 207 ? 4_455 78.2  ? 
41  O   ? J HOH .  ? A HOH 204 ? 1_555 BA A D BA . ? A BA 102 ? 4_445 O   ? J HOH .  ? A HOH 207 ? 4_455 8.6   ? 
42  O   ? J HOH .  ? A HOH 206 ? 1_555 BA A D BA . ? A BA 102 ? 4_445 O   ? J HOH .  ? A HOH 207 ? 4_455 10.9  ? 
43  O6  ? A DG  11 ? A DG  11  ? 1_555 BA A D BA . ? A BA 102 ? 4_445 O   ? J HOH .  ? A HOH 218 ? 1_555 79.2  ? 
44  O   ? J HOH .  ? A HOH 204 ? 1_555 BA A D BA . ? A BA 102 ? 4_445 O   ? J HOH .  ? A HOH 218 ? 1_555 5.5   ? 
45  O   ? J HOH .  ? A HOH 206 ? 1_555 BA A D BA . ? A BA 102 ? 4_445 O   ? J HOH .  ? A HOH 218 ? 1_555 5.0   ? 
46  O   ? J HOH .  ? A HOH 207 ? 4_455 BA A D BA . ? A BA 102 ? 4_445 O   ? J HOH .  ? A HOH 218 ? 1_555 6.9   ? 
47  O6  ? A DG  11 ? A DG  11  ? 1_555 BA A D BA . ? A BA 102 ? 4_445 O   ? J HOH .  ? A HOH 224 ? 1_555 72.5  ? 
48  O   ? J HOH .  ? A HOH 204 ? 1_555 BA A D BA . ? A BA 102 ? 4_445 O   ? J HOH .  ? A HOH 224 ? 1_555 1.5   ? 
49  O   ? J HOH .  ? A HOH 206 ? 1_555 BA A D BA . ? A BA 102 ? 4_445 O   ? J HOH .  ? A HOH 224 ? 1_555 5.5   ? 
50  O   ? J HOH .  ? A HOH 207 ? 4_455 BA A D BA . ? A BA 102 ? 4_445 O   ? J HOH .  ? A HOH 224 ? 1_555 8.6   ? 
51  O   ? J HOH .  ? A HOH 218 ? 1_555 BA A D BA . ? A BA 102 ? 4_445 O   ? J HOH .  ? A HOH 224 ? 1_555 6.7   ? 
52  O6  ? A DG  11 ? A DG  11  ? 1_555 BA A D BA . ? A BA 102 ? 4_445 O   ? J HOH .  ? A HOH 225 ? 4_455 83.4  ? 
53  O   ? J HOH .  ? A HOH 204 ? 1_555 BA A D BA . ? A BA 102 ? 4_445 O   ? J HOH .  ? A HOH 225 ? 4_455 9.7   ? 
54  O   ? J HOH .  ? A HOH 206 ? 1_555 BA A D BA . ? A BA 102 ? 4_445 O   ? J HOH .  ? A HOH 225 ? 4_455 8.2   ? 
55  O   ? J HOH .  ? A HOH 207 ? 4_455 BA A D BA . ? A BA 102 ? 4_445 O   ? J HOH .  ? A HOH 225 ? 4_455 8.8   ? 
56  O   ? J HOH .  ? A HOH 218 ? 1_555 BA A D BA . ? A BA 102 ? 4_445 O   ? J HOH .  ? A HOH 225 ? 4_455 4.2   ? 
57  O   ? J HOH .  ? A HOH 224 ? 1_555 BA A D BA . ? A BA 102 ? 4_445 O   ? J HOH .  ? A HOH 225 ? 4_455 10.9  ? 
58  O6  ? A DG  11 ? A DG  11  ? 1_555 BA A D BA . ? A BA 102 ? 4_445 O   ? J HOH .  ? A HOH 240 ? 4_455 71.0  ? 
59  O   ? J HOH .  ? A HOH 204 ? 1_555 BA A D BA . ? A BA 102 ? 4_445 O   ? J HOH .  ? A HOH 240 ? 4_455 6.2   ? 
60  O   ? J HOH .  ? A HOH 206 ? 1_555 BA A D BA . ? A BA 102 ? 4_445 O   ? J HOH .  ? A HOH 240 ? 4_455 10.2  ? 
61  O   ? J HOH .  ? A HOH 207 ? 4_455 BA A D BA . ? A BA 102 ? 4_445 O   ? J HOH .  ? A HOH 240 ? 4_455 7.3   ? 
62  O   ? J HOH .  ? A HOH 218 ? 1_555 BA A D BA . ? A BA 102 ? 4_445 O   ? J HOH .  ? A HOH 240 ? 4_455 9.6   ? 
63  O   ? J HOH .  ? A HOH 224 ? 1_555 BA A D BA . ? A BA 102 ? 4_445 O   ? J HOH .  ? A HOH 240 ? 4_455 4.9   ? 
64  O   ? J HOH .  ? A HOH 225 ? 4_455 BA A D BA . ? A BA 102 ? 4_445 O   ? J HOH .  ? A HOH 240 ? 4_455 13.4  ? 
65  O6  ? A DG  14 ? A DG  14  ? 1_555 BA ? G BA . ? A BA 105 ? 1_555 O   ? J HOH .  ? A HOH 222 ? 1_555 57.1  ? 
66  O6  ? A DG  14 ? A DG  14  ? 1_555 BA ? G BA . ? A BA 105 ? 1_555 O   ? J HOH .  ? A HOH 227 ? 1_555 103.5 ? 
67  O   ? J HOH .  ? A HOH 222 ? 1_555 BA ? G BA . ? A BA 105 ? 1_555 O   ? J HOH .  ? A HOH 227 ? 1_555 66.8  ? 
68  O6  ? A DG  14 ? A DG  14  ? 1_555 BA ? G BA . ? A BA 105 ? 1_555 O   ? J HOH .  ? A HOH 239 ? 4_455 79.6  ? 
69  O   ? J HOH .  ? A HOH 222 ? 1_555 BA ? G BA . ? A BA 105 ? 1_555 O   ? J HOH .  ? A HOH 239 ? 4_455 66.6  ? 
70  O   ? J HOH .  ? A HOH 227 ? 1_555 BA ? G BA . ? A BA 105 ? 1_555 O   ? J HOH .  ? A HOH 239 ? 4_455 120.4 ? 
71  O6  ? A DG  14 ? A DG  14  ? 1_555 BA ? G BA . ? A BA 105 ? 1_555 O   ? K HOH .  ? B HOH 220 ? 2_454 84.5  ? 
72  O   ? J HOH .  ? A HOH 222 ? 1_555 BA ? G BA . ? A BA 105 ? 1_555 O   ? K HOH .  ? B HOH 220 ? 2_454 140.9 ? 
73  O   ? J HOH .  ? A HOH 227 ? 1_555 BA ? G BA . ? A BA 105 ? 1_555 O   ? K HOH .  ? B HOH 220 ? 2_454 137.2 ? 
74  O   ? J HOH .  ? A HOH 239 ? 4_455 BA ? G BA . ? A BA 105 ? 1_555 O   ? K HOH .  ? B HOH 220 ? 2_454 102.3 ? 
75  O6  ? A DG  14 ? A DG  14  ? 1_555 BA ? G BA . ? A BA 105 ? 1_555 O   ? K HOH .  ? B HOH 230 ? 2_454 131.7 ? 
76  O   ? J HOH .  ? A HOH 222 ? 1_555 BA ? G BA . ? A BA 105 ? 1_555 O   ? K HOH .  ? B HOH 230 ? 2_454 123.5 ? 
77  O   ? J HOH .  ? A HOH 227 ? 1_555 BA ? G BA . ? A BA 105 ? 1_555 O   ? K HOH .  ? B HOH 230 ? 2_454 121.2 ? 
78  O   ? J HOH .  ? A HOH 239 ? 4_455 BA ? G BA . ? A BA 105 ? 1_555 O   ? K HOH .  ? B HOH 230 ? 2_454 63.2  ? 
79  O   ? K HOH .  ? B HOH 220 ? 2_454 BA ? G BA . ? A BA 105 ? 1_555 O   ? K HOH .  ? B HOH 230 ? 2_454 75.2  ? 
80  O6  ? A DG  14 ? A DG  14  ? 1_555 BA ? G BA . ? A BA 105 ? 1_555 O   ? K HOH .  ? B HOH 250 ? 2_454 143.2 ? 
81  O   ? J HOH .  ? A HOH 222 ? 1_555 BA ? G BA . ? A BA 105 ? 1_555 O   ? K HOH .  ? B HOH 250 ? 2_454 158.3 ? 
82  O   ? J HOH .  ? A HOH 227 ? 1_555 BA ? G BA . ? A BA 105 ? 1_555 O   ? K HOH .  ? B HOH 250 ? 2_454 95.4  ? 
83  O   ? J HOH .  ? A HOH 239 ? 4_455 BA ? G BA . ? A BA 105 ? 1_555 O   ? K HOH .  ? B HOH 250 ? 2_454 117.2 ? 
84  O   ? K HOH .  ? B HOH 220 ? 2_454 BA ? G BA . ? A BA 105 ? 1_555 O   ? K HOH .  ? B HOH 250 ? 2_454 60.7  ? 
85  O   ? K HOH .  ? B HOH 230 ? 2_454 BA ? G BA . ? A BA 105 ? 1_555 O   ? K HOH .  ? B HOH 250 ? 2_454 54.1  ? 
86  O   ? J HOH .  ? A HOH 211 ? 4_445 BA A C BA . ? A BA 101 ? 1_555 O   ? J HOH .  ? A HOH 217 ? 4_445 116.5 ? 
87  O   ? J HOH .  ? A HOH 211 ? 4_445 BA A C BA . ? A BA 101 ? 1_555 O   ? J HOH .  ? A HOH 222 ? 4_445 66.5  ? 
88  O   ? J HOH .  ? A HOH 217 ? 4_445 BA A C BA . ? A BA 101 ? 1_555 O   ? J HOH .  ? A HOH 222 ? 4_445 89.7  ? 
89  O   ? J HOH .  ? A HOH 211 ? 4_445 BA A C BA . ? A BA 101 ? 1_555 O   ? J HOH .  ? A HOH 229 ? 1_555 86.8  ? 
90  O   ? J HOH .  ? A HOH 217 ? 4_445 BA A C BA . ? A BA 101 ? 1_555 O   ? J HOH .  ? A HOH 229 ? 1_555 150.6 ? 
91  O   ? J HOH .  ? A HOH 222 ? 4_445 BA A C BA . ? A BA 101 ? 1_555 O   ? J HOH .  ? A HOH 229 ? 1_555 117.3 ? 
92  O   ? J HOH .  ? A HOH 211 ? 4_445 BA A C BA . ? A BA 101 ? 1_555 O   ? J HOH .  ? A HOH 243 ? 1_555 82.8  ? 
93  O   ? J HOH .  ? A HOH 217 ? 4_445 BA A C BA . ? A BA 101 ? 1_555 O   ? J HOH .  ? A HOH 243 ? 1_555 72.2  ? 
94  O   ? J HOH .  ? A HOH 222 ? 4_445 BA A C BA . ? A BA 101 ? 1_555 O   ? J HOH .  ? A HOH 243 ? 1_555 132.6 ? 
95  O   ? J HOH .  ? A HOH 229 ? 1_555 BA A C BA . ? A BA 101 ? 1_555 O   ? J HOH .  ? A HOH 243 ? 1_555 94.7  ? 
96  O   ? J HOH .  ? A HOH 211 ? 4_445 BA A C BA . ? A BA 101 ? 1_555 O   ? J HOH .  ? A HOH 245 ? 4_445 54.8  ? 
97  O   ? J HOH .  ? A HOH 217 ? 4_445 BA A C BA . ? A BA 101 ? 1_555 O   ? J HOH .  ? A HOH 245 ? 4_445 64.4  ? 
98  O   ? J HOH .  ? A HOH 222 ? 4_445 BA A C BA . ? A BA 101 ? 1_555 O   ? J HOH .  ? A HOH 245 ? 4_445 81.7  ? 
99  O   ? J HOH .  ? A HOH 229 ? 1_555 BA A C BA . ? A BA 101 ? 1_555 O   ? J HOH .  ? A HOH 245 ? 4_445 127.4 ? 
100 O   ? J HOH .  ? A HOH 243 ? 1_555 BA A C BA . ? A BA 101 ? 1_555 O   ? J HOH .  ? A HOH 245 ? 4_445 51.0  ? 
101 O   ? J HOH .  ? A HOH 211 ? 4_445 BA A C BA . ? A BA 101 ? 1_555 O   ? K HOH .  ? B HOH 224 ? 1_555 132.2 ? 
102 O   ? J HOH .  ? A HOH 217 ? 4_445 BA A C BA . ? A BA 101 ? 1_555 O   ? K HOH .  ? B HOH 224 ? 1_555 68.7  ? 
103 O   ? J HOH .  ? A HOH 222 ? 4_445 BA A C BA . ? A BA 101 ? 1_555 O   ? K HOH .  ? B HOH 224 ? 1_555 66.1  ? 
104 O   ? J HOH .  ? A HOH 229 ? 1_555 BA A C BA . ? A BA 101 ? 1_555 O   ? K HOH .  ? B HOH 224 ? 1_555 109.9 ? 
105 O   ? J HOH .  ? A HOH 243 ? 1_555 BA A C BA . ? A BA 101 ? 1_555 O   ? K HOH .  ? B HOH 224 ? 1_555 136.4 ? 
106 O   ? J HOH .  ? A HOH 245 ? 4_445 BA A C BA . ? A BA 101 ? 1_555 O   ? K HOH .  ? B HOH 224 ? 1_555 122.3 ? 
107 O   ? J HOH .  ? A HOH 204 ? 1_555 BA B D BA . ? A BA 102 ? 1_555 O   ? J HOH .  ? A HOH 206 ? 1_555 73.3  ? 
108 O   ? J HOH .  ? A HOH 204 ? 1_555 BA B D BA . ? A BA 102 ? 1_555 O   ? J HOH .  ? A HOH 207 ? 4_455 164.6 ? 
109 O   ? J HOH .  ? A HOH 206 ? 1_555 BA B D BA . ? A BA 102 ? 1_555 O   ? J HOH .  ? A HOH 207 ? 4_455 119.4 ? 
110 O   ? J HOH .  ? A HOH 204 ? 1_555 BA B D BA . ? A BA 102 ? 1_555 O   ? J HOH .  ? A HOH 218 ? 1_555 58.8  ? 
111 O   ? J HOH .  ? A HOH 206 ? 1_555 BA B D BA . ? A BA 102 ? 1_555 O   ? J HOH .  ? A HOH 218 ? 1_555 75.0  ? 
112 O   ? J HOH .  ? A HOH 207 ? 4_455 BA B D BA . ? A BA 102 ? 1_555 O   ? J HOH .  ? A HOH 218 ? 1_555 113.6 ? 
113 O   ? J HOH .  ? A HOH 204 ? 1_555 BA B D BA . ? A BA 102 ? 1_555 O   ? J HOH .  ? A HOH 224 ? 1_555 109.8 ? 
114 O   ? J HOH .  ? A HOH 206 ? 1_555 BA B D BA . ? A BA 102 ? 1_555 O   ? J HOH .  ? A HOH 224 ? 1_555 66.0  ? 
115 O   ? J HOH .  ? A HOH 207 ? 4_455 BA B D BA . ? A BA 102 ? 1_555 O   ? J HOH .  ? A HOH 224 ? 1_555 84.5  ? 
116 O   ? J HOH .  ? A HOH 218 ? 1_555 BA B D BA . ? A BA 102 ? 1_555 O   ? J HOH .  ? A HOH 224 ? 1_555 141.0 ? 
117 O   ? J HOH .  ? A HOH 204 ? 1_555 BA B D BA . ? A BA 102 ? 1_555 O   ? J HOH .  ? A HOH 232 ? 4_455 125.3 ? 
118 O   ? J HOH .  ? A HOH 206 ? 1_555 BA B D BA . ? A BA 102 ? 1_555 O   ? J HOH .  ? A HOH 232 ? 4_455 66.6  ? 
119 O   ? J HOH .  ? A HOH 207 ? 4_455 BA B D BA . ? A BA 102 ? 1_555 O   ? J HOH .  ? A HOH 232 ? 4_455 59.4  ? 
120 O   ? J HOH .  ? A HOH 218 ? 1_555 BA B D BA . ? A BA 102 ? 1_555 O   ? J HOH .  ? A HOH 232 ? 4_455 75.7  ? 
121 O   ? J HOH .  ? A HOH 224 ? 1_555 BA B D BA . ? A BA 102 ? 1_555 O   ? J HOH .  ? A HOH 232 ? 4_455 86.4  ? 
122 O   ? J HOH .  ? A HOH 204 ? 1_555 BA B D BA . ? A BA 102 ? 1_555 O   ? J HOH .  ? A HOH 240 ? 4_455 92.2  ? 
123 O   ? J HOH .  ? A HOH 206 ? 1_555 BA B D BA . ? A BA 102 ? 1_555 O   ? J HOH .  ? A HOH 240 ? 4_455 129.0 ? 
124 O   ? J HOH .  ? A HOH 207 ? 4_455 BA B D BA . ? A BA 102 ? 1_555 O   ? J HOH .  ? A HOH 240 ? 4_455 86.0  ? 
125 O   ? J HOH .  ? A HOH 218 ? 1_555 BA B D BA . ? A BA 102 ? 1_555 O   ? J HOH .  ? A HOH 240 ? 4_455 137.7 ? 
126 O   ? J HOH .  ? A HOH 224 ? 1_555 BA B D BA . ? A BA 102 ? 1_555 O   ? J HOH .  ? A HOH 240 ? 4_455 74.4  ? 
127 O   ? J HOH .  ? A HOH 232 ? 4_455 BA B D BA . ? A BA 102 ? 1_555 O   ? J HOH .  ? A HOH 240 ? 4_455 142.1 ? 
128 O   ? J HOH .  ? A HOH 213 ? 1_555 BA ? H BA . ? B BA 101 ? 1_555 OP2 ? B DC  10 ? B DC  10  ? 1_555 143.2 ? 
129 O   ? J HOH .  ? A HOH 213 ? 1_555 BA ? H BA . ? B BA 101 ? 1_555 O6  ? B DG  11 ? B DG  11  ? 1_555 76.2  ? 
130 OP2 ? B DC  10 ? B DC  10  ? 1_555 BA ? H BA . ? B BA 101 ? 1_555 O6  ? B DG  11 ? B DG  11  ? 1_555 90.2  ? 
131 O   ? J HOH .  ? A HOH 213 ? 1_555 BA ? H BA . ? B BA 101 ? 1_555 O   ? K HOH .  ? B HOH 215 ? 1_555 157.7 ? 
132 OP2 ? B DC  10 ? B DC  10  ? 1_555 BA ? H BA . ? B BA 101 ? 1_555 O   ? K HOH .  ? B HOH 215 ? 1_555 53.3  ? 
133 O6  ? B DG  11 ? B DG  11  ? 1_555 BA ? H BA . ? B BA 101 ? 1_555 O   ? K HOH .  ? B HOH 215 ? 1_555 91.5  ? 
134 O   ? J HOH .  ? A HOH 213 ? 1_555 BA ? H BA . ? B BA 101 ? 1_555 O   ? K HOH .  ? B HOH 244 ? 4_454 125.9 ? 
135 OP2 ? B DC  10 ? B DC  10  ? 1_555 BA ? H BA . ? B BA 101 ? 1_555 O   ? K HOH .  ? B HOH 244 ? 4_454 80.0  ? 
136 O6  ? B DG  11 ? B DG  11  ? 1_555 BA ? H BA . ? B BA 101 ? 1_555 O   ? K HOH .  ? B HOH 244 ? 4_454 152.1 ? 
137 O   ? K HOH .  ? B HOH 215 ? 1_555 BA ? H BA . ? B BA 101 ? 1_555 O   ? K HOH .  ? B HOH 244 ? 4_454 61.7  ? 
138 O   ? J HOH .  ? A HOH 213 ? 1_555 BA ? H BA . ? B BA 101 ? 1_555 O   ? K HOH .  ? B HOH 248 ? 4_454 87.5  ? 
139 OP2 ? B DC  10 ? B DC  10  ? 1_555 BA ? H BA . ? B BA 101 ? 1_555 O   ? K HOH .  ? B HOH 248 ? 4_454 74.4  ? 
140 O6  ? B DG  11 ? B DG  11  ? 1_555 BA ? H BA . ? B BA 101 ? 1_555 O   ? K HOH .  ? B HOH 248 ? 4_454 128.3 ? 
141 O   ? K HOH .  ? B HOH 215 ? 1_555 BA ? H BA . ? B BA 101 ? 1_555 O   ? K HOH .  ? B HOH 248 ? 4_454 114.5 ? 
142 O   ? K HOH .  ? B HOH 244 ? 4_454 BA ? H BA . ? B BA 101 ? 1_555 O   ? K HOH .  ? B HOH 248 ? 4_454 74.3  ? 
143 O   ? J HOH .  ? A HOH 213 ? 1_555 BA ? H BA . ? B BA 101 ? 1_555 O   ? K HOH .  ? B HOH 252 ? 1_555 43.7  ? 
144 OP2 ? B DC  10 ? B DC  10  ? 1_555 BA ? H BA . ? B BA 101 ? 1_555 O   ? K HOH .  ? B HOH 252 ? 1_555 164.4 ? 
145 O6  ? B DG  11 ? B DG  11  ? 1_555 BA ? H BA . ? B BA 101 ? 1_555 O   ? K HOH .  ? B HOH 252 ? 1_555 105.3 ? 
146 O   ? K HOH .  ? B HOH 215 ? 1_555 BA ? H BA . ? B BA 101 ? 1_555 O   ? K HOH .  ? B HOH 252 ? 1_555 126.2 ? 
147 O   ? K HOH .  ? B HOH 244 ? 4_454 BA ? H BA . ? B BA 101 ? 1_555 O   ? K HOH .  ? B HOH 252 ? 1_555 86.7  ? 
148 O   ? K HOH .  ? B HOH 248 ? 4_454 BA ? H BA . ? B BA 101 ? 1_555 O   ? K HOH .  ? B HOH 252 ? 1_555 94.3  ? 
149 O   ? J HOH .  ? A HOH 256 ? 4_445 BA A I BA . ? B BA 102 ? 1_555 O   ? K HOH .  ? B HOH 223 ? 1_555 56.6  ? 
150 O   ? J HOH .  ? A HOH 256 ? 4_445 BA A I BA . ? B BA 102 ? 1_555 O   ? K HOH .  ? B HOH 226 ? 1_555 127.7 ? 
151 O   ? K HOH .  ? B HOH 223 ? 1_555 BA A I BA . ? B BA 102 ? 1_555 O   ? K HOH .  ? B HOH 226 ? 1_555 73.2  ? 
152 O   ? J HOH .  ? A HOH 256 ? 4_445 BA A I BA . ? B BA 102 ? 1_555 O   ? K HOH .  ? B HOH 260 ? 1_555 53.1  ? 
153 O   ? K HOH .  ? B HOH 223 ? 1_555 BA A I BA . ? B BA 102 ? 1_555 O   ? K HOH .  ? B HOH 260 ? 1_555 79.2  ? 
154 O   ? K HOH .  ? B HOH 226 ? 1_555 BA A I BA . ? B BA 102 ? 1_555 O   ? K HOH .  ? B HOH 260 ? 1_555 133.7 ? 
155 O6  ? B DG  14 ? B DG  14  ? 1_555 BA B I BA . ? B BA 102 ? 1_555 O   ? K HOH .  ? B HOH 223 ? 1_555 130.1 ? 
156 O6  ? B DG  14 ? B DG  14  ? 1_555 BA B I BA . ? B BA 102 ? 1_555 O   ? K HOH .  ? B HOH 226 ? 1_555 67.3  ? 
157 O   ? K HOH .  ? B HOH 223 ? 1_555 BA B I BA . ? B BA 102 ? 1_555 O   ? K HOH .  ? B HOH 226 ? 1_555 62.8  ? 
158 O6  ? B DG  14 ? B DG  14  ? 1_555 BA B I BA . ? B BA 102 ? 1_555 O   ? K HOH .  ? B HOH 235 ? 1_555 64.4  ? 
159 O   ? K HOH .  ? B HOH 223 ? 1_555 BA B I BA . ? B BA 102 ? 1_555 O   ? K HOH .  ? B HOH 235 ? 1_555 82.9  ? 
160 O   ? K HOH .  ? B HOH 226 ? 1_555 BA B I BA . ? B BA 102 ? 1_555 O   ? K HOH .  ? B HOH 235 ? 1_555 48.1  ? 
161 O6  ? B DG  14 ? B DG  14  ? 1_555 BA B I BA . ? B BA 102 ? 1_555 O   ? K HOH .  ? B HOH 241 ? 1_555 76.8  ? 
162 O   ? K HOH .  ? B HOH 223 ? 1_555 BA B I BA . ? B BA 102 ? 1_555 O   ? K HOH .  ? B HOH 241 ? 1_555 113.9 ? 
163 O   ? K HOH .  ? B HOH 226 ? 1_555 BA B I BA . ? B BA 102 ? 1_555 O   ? K HOH .  ? B HOH 241 ? 1_555 101.9 ? 
164 O   ? K HOH .  ? B HOH 235 ? 1_555 BA B I BA . ? B BA 102 ? 1_555 O   ? K HOH .  ? B HOH 241 ? 1_555 54.0  ? 
165 O6  ? B DG  14 ? B DG  14  ? 1_555 BA B I BA . ? B BA 102 ? 1_555 O   ? K HOH .  ? B HOH 260 ? 1_555 161.5 ? 
166 O   ? K HOH .  ? B HOH 223 ? 1_555 BA B I BA . ? B BA 102 ? 1_555 O   ? K HOH .  ? B HOH 260 ? 1_555 68.3  ? 
167 O   ? K HOH .  ? B HOH 226 ? 1_555 BA B I BA . ? B BA 102 ? 1_555 O   ? K HOH .  ? B HOH 260 ? 1_555 131.0 ? 
168 O   ? K HOH .  ? B HOH 235 ? 1_555 BA B I BA . ? B BA 102 ? 1_555 O   ? K HOH .  ? B HOH 260 ? 1_555 127.6 ? 
169 O   ? K HOH .  ? B HOH 241 ? 1_555 BA B I BA . ? B BA 102 ? 1_555 O   ? K HOH .  ? B HOH 260 ? 1_555 98.8  ? 
# 
loop_
_pdbx_audit_revision_history.ordinal 
_pdbx_audit_revision_history.data_content_type 
_pdbx_audit_revision_history.major_revision 
_pdbx_audit_revision_history.minor_revision 
_pdbx_audit_revision_history.revision_date 
1 'Structure model' 1 0 2021-12-22 
2 'Structure model' 1 1 2022-03-16 
3 'Structure model' 1 2 2023-10-18 
# 
_pdbx_audit_revision_details.ordinal             1 
_pdbx_audit_revision_details.revision_ordinal    1 
_pdbx_audit_revision_details.data_content_type   'Structure model' 
_pdbx_audit_revision_details.provider            repository 
_pdbx_audit_revision_details.type                'Initial release' 
_pdbx_audit_revision_details.description         ? 
_pdbx_audit_revision_details.details             ? 
# 
loop_
_pdbx_audit_revision_group.ordinal 
_pdbx_audit_revision_group.revision_ordinal 
_pdbx_audit_revision_group.data_content_type 
_pdbx_audit_revision_group.group 
1 2 'Structure model' 'Database references'    
2 3 'Structure model' 'Data collection'        
3 3 'Structure model' 'Refinement description' 
# 
loop_
_pdbx_audit_revision_category.ordinal 
_pdbx_audit_revision_category.revision_ordinal 
_pdbx_audit_revision_category.data_content_type 
_pdbx_audit_revision_category.category 
1 2 'Structure model' citation                      
2 2 'Structure model' citation_author               
3 3 'Structure model' chem_comp_atom                
4 3 'Structure model' chem_comp_bond                
5 3 'Structure model' pdbx_initial_refinement_model 
# 
loop_
_pdbx_audit_revision_item.ordinal 
_pdbx_audit_revision_item.revision_ordinal 
_pdbx_audit_revision_item.data_content_type 
_pdbx_audit_revision_item.item 
1  2 'Structure model' '_citation.journal_abbrev'          
2  2 'Structure model' '_citation.journal_id_CSD'          
3  2 'Structure model' '_citation.journal_id_ISSN'         
4  2 'Structure model' '_citation.journal_volume'          
5  2 'Structure model' '_citation.page_first'              
6  2 'Structure model' '_citation.page_last'               
7  2 'Structure model' '_citation.pdbx_database_id_DOI'    
8  2 'Structure model' '_citation.pdbx_database_id_PubMed' 
9  2 'Structure model' '_citation.title'                   
10 2 'Structure model' '_citation.year'                    
11 2 'Structure model' '_citation_author.identifier_ORCID' 
# 
loop_
_software.citation_id 
_software.classification 
_software.compiler_name 
_software.compiler_version 
_software.contact_author 
_software.contact_author_email 
_software.date 
_software.description 
_software.dependencies 
_software.hardware 
_software.language 
_software.location 
_software.mods 
_software.name 
_software.os 
_software.os_version 
_software.type 
_software.version 
_software.pdbx_ordinal 
? refinement        ? ? ? ? ? ? ? ? ? ? ? PHENIX      ? ? ? 1.14_3260 1 
? 'data extraction' ? ? ? ? ? ? ? ? ? ? ? PDB_EXTRACT ? ? ? 3.27      2 
? 'data reduction'  ? ? ? ? ? ? ? ? ? ? ? XDS         ? ? ? .         3 
? 'data scaling'    ? ? ? ? ? ? ? ? ? ? ? Aimless     ? ? ? .         4 
? phasing           ? ? ? ? ? ? ? ? ? ? ? PHASER      ? ? ? .         5 
# 
_pdbx_entry_details.entry_id                 7T6Y 
_pdbx_entry_details.has_ligand_of_interest   N 
_pdbx_entry_details.compound_details         ? 
_pdbx_entry_details.source_details           ? 
_pdbx_entry_details.nonpolymer_details       ? 
_pdbx_entry_details.sequence_details         ? 
# 
loop_
_chem_comp_atom.comp_id 
_chem_comp_atom.atom_id 
_chem_comp_atom.type_symbol 
_chem_comp_atom.pdbx_aromatic_flag 
_chem_comp_atom.pdbx_stereo_config 
_chem_comp_atom.pdbx_ordinal 
BA  BA     BA N N 1   
DA  OP3    O  N N 2   
DA  P      P  N N 3   
DA  OP1    O  N N 4   
DA  OP2    O  N N 5   
DA  "O5'"  O  N N 6   
DA  "C5'"  C  N N 7   
DA  "C4'"  C  N R 8   
DA  "O4'"  O  N N 9   
DA  "C3'"  C  N S 10  
DA  "O3'"  O  N N 11  
DA  "C2'"  C  N N 12  
DA  "C1'"  C  N R 13  
DA  N9     N  Y N 14  
DA  C8     C  Y N 15  
DA  N7     N  Y N 16  
DA  C5     C  Y N 17  
DA  C6     C  Y N 18  
DA  N6     N  N N 19  
DA  N1     N  Y N 20  
DA  C2     C  Y N 21  
DA  N3     N  Y N 22  
DA  C4     C  Y N 23  
DA  HOP3   H  N N 24  
DA  HOP2   H  N N 25  
DA  "H5'"  H  N N 26  
DA  "H5''" H  N N 27  
DA  "H4'"  H  N N 28  
DA  "H3'"  H  N N 29  
DA  "HO3'" H  N N 30  
DA  "H2'"  H  N N 31  
DA  "H2''" H  N N 32  
DA  "H1'"  H  N N 33  
DA  H8     H  N N 34  
DA  H61    H  N N 35  
DA  H62    H  N N 36  
DA  H2     H  N N 37  
DC  OP3    O  N N 38  
DC  P      P  N N 39  
DC  OP1    O  N N 40  
DC  OP2    O  N N 41  
DC  "O5'"  O  N N 42  
DC  "C5'"  C  N N 43  
DC  "C4'"  C  N R 44  
DC  "O4'"  O  N N 45  
DC  "C3'"  C  N S 46  
DC  "O3'"  O  N N 47  
DC  "C2'"  C  N N 48  
DC  "C1'"  C  N R 49  
DC  N1     N  N N 50  
DC  C2     C  N N 51  
DC  O2     O  N N 52  
DC  N3     N  N N 53  
DC  C4     C  N N 54  
DC  N4     N  N N 55  
DC  C5     C  N N 56  
DC  C6     C  N N 57  
DC  HOP3   H  N N 58  
DC  HOP2   H  N N 59  
DC  "H5'"  H  N N 60  
DC  "H5''" H  N N 61  
DC  "H4'"  H  N N 62  
DC  "H3'"  H  N N 63  
DC  "HO3'" H  N N 64  
DC  "H2'"  H  N N 65  
DC  "H2''" H  N N 66  
DC  "H1'"  H  N N 67  
DC  H41    H  N N 68  
DC  H42    H  N N 69  
DC  H5     H  N N 70  
DC  H6     H  N N 71  
DG  OP3    O  N N 72  
DG  P      P  N N 73  
DG  OP1    O  N N 74  
DG  OP2    O  N N 75  
DG  "O5'"  O  N N 76  
DG  "C5'"  C  N N 77  
DG  "C4'"  C  N R 78  
DG  "O4'"  O  N N 79  
DG  "C3'"  C  N S 80  
DG  "O3'"  O  N N 81  
DG  "C2'"  C  N N 82  
DG  "C1'"  C  N R 83  
DG  N9     N  Y N 84  
DG  C8     C  Y N 85  
DG  N7     N  Y N 86  
DG  C5     C  Y N 87  
DG  C6     C  N N 88  
DG  O6     O  N N 89  
DG  N1     N  N N 90  
DG  C2     C  N N 91  
DG  N2     N  N N 92  
DG  N3     N  N N 93  
DG  C4     C  Y N 94  
DG  HOP3   H  N N 95  
DG  HOP2   H  N N 96  
DG  "H5'"  H  N N 97  
DG  "H5''" H  N N 98  
DG  "H4'"  H  N N 99  
DG  "H3'"  H  N N 100 
DG  "HO3'" H  N N 101 
DG  "H2'"  H  N N 102 
DG  "H2''" H  N N 103 
DG  "H1'"  H  N N 104 
DG  H8     H  N N 105 
DG  H1     H  N N 106 
DG  H21    H  N N 107 
DG  H22    H  N N 108 
DT  OP3    O  N N 109 
DT  P      P  N N 110 
DT  OP1    O  N N 111 
DT  OP2    O  N N 112 
DT  "O5'"  O  N N 113 
DT  "C5'"  C  N N 114 
DT  "C4'"  C  N R 115 
DT  "O4'"  O  N N 116 
DT  "C3'"  C  N S 117 
DT  "O3'"  O  N N 118 
DT  "C2'"  C  N N 119 
DT  "C1'"  C  N R 120 
DT  N1     N  N N 121 
DT  C2     C  N N 122 
DT  O2     O  N N 123 
DT  N3     N  N N 124 
DT  C4     C  N N 125 
DT  O4     O  N N 126 
DT  C5     C  N N 127 
DT  C7     C  N N 128 
DT  C6     C  N N 129 
DT  HOP3   H  N N 130 
DT  HOP2   H  N N 131 
DT  "H5'"  H  N N 132 
DT  "H5''" H  N N 133 
DT  "H4'"  H  N N 134 
DT  "H3'"  H  N N 135 
DT  "HO3'" H  N N 136 
DT  "H2'"  H  N N 137 
DT  "H2''" H  N N 138 
DT  "H1'"  H  N N 139 
DT  H3     H  N N 140 
DT  H71    H  N N 141 
DT  H72    H  N N 142 
DT  H73    H  N N 143 
DT  H6     H  N N 144 
HOH O      O  N N 145 
HOH H1     H  N N 146 
HOH H2     H  N N 147 
# 
loop_
_chem_comp_bond.comp_id 
_chem_comp_bond.atom_id_1 
_chem_comp_bond.atom_id_2 
_chem_comp_bond.value_order 
_chem_comp_bond.pdbx_aromatic_flag 
_chem_comp_bond.pdbx_stereo_config 
_chem_comp_bond.pdbx_ordinal 
DA  OP3   P      sing N N 1   
DA  OP3   HOP3   sing N N 2   
DA  P     OP1    doub N N 3   
DA  P     OP2    sing N N 4   
DA  P     "O5'"  sing N N 5   
DA  OP2   HOP2   sing N N 6   
DA  "O5'" "C5'"  sing N N 7   
DA  "C5'" "C4'"  sing N N 8   
DA  "C5'" "H5'"  sing N N 9   
DA  "C5'" "H5''" sing N N 10  
DA  "C4'" "O4'"  sing N N 11  
DA  "C4'" "C3'"  sing N N 12  
DA  "C4'" "H4'"  sing N N 13  
DA  "O4'" "C1'"  sing N N 14  
DA  "C3'" "O3'"  sing N N 15  
DA  "C3'" "C2'"  sing N N 16  
DA  "C3'" "H3'"  sing N N 17  
DA  "O3'" "HO3'" sing N N 18  
DA  "C2'" "C1'"  sing N N 19  
DA  "C2'" "H2'"  sing N N 20  
DA  "C2'" "H2''" sing N N 21  
DA  "C1'" N9     sing N N 22  
DA  "C1'" "H1'"  sing N N 23  
DA  N9    C8     sing Y N 24  
DA  N9    C4     sing Y N 25  
DA  C8    N7     doub Y N 26  
DA  C8    H8     sing N N 27  
DA  N7    C5     sing Y N 28  
DA  C5    C6     sing Y N 29  
DA  C5    C4     doub Y N 30  
DA  C6    N6     sing N N 31  
DA  C6    N1     doub Y N 32  
DA  N6    H61    sing N N 33  
DA  N6    H62    sing N N 34  
DA  N1    C2     sing Y N 35  
DA  C2    N3     doub Y N 36  
DA  C2    H2     sing N N 37  
DA  N3    C4     sing Y N 38  
DC  OP3   P      sing N N 39  
DC  OP3   HOP3   sing N N 40  
DC  P     OP1    doub N N 41  
DC  P     OP2    sing N N 42  
DC  P     "O5'"  sing N N 43  
DC  OP2   HOP2   sing N N 44  
DC  "O5'" "C5'"  sing N N 45  
DC  "C5'" "C4'"  sing N N 46  
DC  "C5'" "H5'"  sing N N 47  
DC  "C5'" "H5''" sing N N 48  
DC  "C4'" "O4'"  sing N N 49  
DC  "C4'" "C3'"  sing N N 50  
DC  "C4'" "H4'"  sing N N 51  
DC  "O4'" "C1'"  sing N N 52  
DC  "C3'" "O3'"  sing N N 53  
DC  "C3'" "C2'"  sing N N 54  
DC  "C3'" "H3'"  sing N N 55  
DC  "O3'" "HO3'" sing N N 56  
DC  "C2'" "C1'"  sing N N 57  
DC  "C2'" "H2'"  sing N N 58  
DC  "C2'" "H2''" sing N N 59  
DC  "C1'" N1     sing N N 60  
DC  "C1'" "H1'"  sing N N 61  
DC  N1    C2     sing N N 62  
DC  N1    C6     sing N N 63  
DC  C2    O2     doub N N 64  
DC  C2    N3     sing N N 65  
DC  N3    C4     doub N N 66  
DC  C4    N4     sing N N 67  
DC  C4    C5     sing N N 68  
DC  N4    H41    sing N N 69  
DC  N4    H42    sing N N 70  
DC  C5    C6     doub N N 71  
DC  C5    H5     sing N N 72  
DC  C6    H6     sing N N 73  
DG  OP3   P      sing N N 74  
DG  OP3   HOP3   sing N N 75  
DG  P     OP1    doub N N 76  
DG  P     OP2    sing N N 77  
DG  P     "O5'"  sing N N 78  
DG  OP2   HOP2   sing N N 79  
DG  "O5'" "C5'"  sing N N 80  
DG  "C5'" "C4'"  sing N N 81  
DG  "C5'" "H5'"  sing N N 82  
DG  "C5'" "H5''" sing N N 83  
DG  "C4'" "O4'"  sing N N 84  
DG  "C4'" "C3'"  sing N N 85  
DG  "C4'" "H4'"  sing N N 86  
DG  "O4'" "C1'"  sing N N 87  
DG  "C3'" "O3'"  sing N N 88  
DG  "C3'" "C2'"  sing N N 89  
DG  "C3'" "H3'"  sing N N 90  
DG  "O3'" "HO3'" sing N N 91  
DG  "C2'" "C1'"  sing N N 92  
DG  "C2'" "H2'"  sing N N 93  
DG  "C2'" "H2''" sing N N 94  
DG  "C1'" N9     sing N N 95  
DG  "C1'" "H1'"  sing N N 96  
DG  N9    C8     sing Y N 97  
DG  N9    C4     sing Y N 98  
DG  C8    N7     doub Y N 99  
DG  C8    H8     sing N N 100 
DG  N7    C5     sing Y N 101 
DG  C5    C6     sing N N 102 
DG  C5    C4     doub Y N 103 
DG  C6    O6     doub N N 104 
DG  C6    N1     sing N N 105 
DG  N1    C2     sing N N 106 
DG  N1    H1     sing N N 107 
DG  C2    N2     sing N N 108 
DG  C2    N3     doub N N 109 
DG  N2    H21    sing N N 110 
DG  N2    H22    sing N N 111 
DG  N3    C4     sing N N 112 
DT  OP3   P      sing N N 113 
DT  OP3   HOP3   sing N N 114 
DT  P     OP1    doub N N 115 
DT  P     OP2    sing N N 116 
DT  P     "O5'"  sing N N 117 
DT  OP2   HOP2   sing N N 118 
DT  "O5'" "C5'"  sing N N 119 
DT  "C5'" "C4'"  sing N N 120 
DT  "C5'" "H5'"  sing N N 121 
DT  "C5'" "H5''" sing N N 122 
DT  "C4'" "O4'"  sing N N 123 
DT  "C4'" "C3'"  sing N N 124 
DT  "C4'" "H4'"  sing N N 125 
DT  "O4'" "C1'"  sing N N 126 
DT  "C3'" "O3'"  sing N N 127 
DT  "C3'" "C2'"  sing N N 128 
DT  "C3'" "H3'"  sing N N 129 
DT  "O3'" "HO3'" sing N N 130 
DT  "C2'" "C1'"  sing N N 131 
DT  "C2'" "H2'"  sing N N 132 
DT  "C2'" "H2''" sing N N 133 
DT  "C1'" N1     sing N N 134 
DT  "C1'" "H1'"  sing N N 135 
DT  N1    C2     sing N N 136 
DT  N1    C6     sing N N 137 
DT  C2    O2     doub N N 138 
DT  C2    N3     sing N N 139 
DT  N3    C4     sing N N 140 
DT  N3    H3     sing N N 141 
DT  C4    O4     doub N N 142 
DT  C4    C5     sing N N 143 
DT  C5    C7     sing N N 144 
DT  C5    C6     doub N N 145 
DT  C7    H71    sing N N 146 
DT  C7    H72    sing N N 147 
DT  C7    H73    sing N N 148 
DT  C6    H6     sing N N 149 
HOH O     H1     sing N N 150 
HOH O     H2     sing N N 151 
# 
_ndb_struct_conf_na.entry_id   7T6Y 
_ndb_struct_conf_na.feature    'double helix' 
# 
loop_
_ndb_struct_na_base_pair.model_number 
_ndb_struct_na_base_pair.i_label_asym_id 
_ndb_struct_na_base_pair.i_label_comp_id 
_ndb_struct_na_base_pair.i_label_seq_id 
_ndb_struct_na_base_pair.i_symmetry 
_ndb_struct_na_base_pair.j_label_asym_id 
_ndb_struct_na_base_pair.j_label_comp_id 
_ndb_struct_na_base_pair.j_label_seq_id 
_ndb_struct_na_base_pair.j_symmetry 
_ndb_struct_na_base_pair.shear 
_ndb_struct_na_base_pair.stretch 
_ndb_struct_na_base_pair.stagger 
_ndb_struct_na_base_pair.buckle 
_ndb_struct_na_base_pair.propeller 
_ndb_struct_na_base_pair.opening 
_ndb_struct_na_base_pair.pair_number 
_ndb_struct_na_base_pair.pair_name 
_ndb_struct_na_base_pair.i_auth_asym_id 
_ndb_struct_na_base_pair.i_auth_seq_id 
_ndb_struct_na_base_pair.i_PDB_ins_code 
_ndb_struct_na_base_pair.j_auth_asym_id 
_ndb_struct_na_base_pair.j_auth_seq_id 
_ndb_struct_na_base_pair.j_PDB_ins_code 
_ndb_struct_na_base_pair.hbond_type_28 
_ndb_struct_na_base_pair.hbond_type_12 
1 A DC 1  1_555 B DC 1  1_555 1.637  1.300  0.112  6.221   1.032   179.683  1  A_DC1:DC1_B   A 1  ? B 1  ? 15 2  
1 A DG 2  1_555 B DG 2  1_555 3.222  7.972  -0.109 -9.307  31.977  178.183  2  A_DG2:DG2_B   A 2  ? B 2  ? 4  12 
1 A DA 3  1_555 B DA 3  1_555 5.663  -5.201 -0.781 23.672  -33.543 165.765  3  A_DA3:DA3_B   A 3  ? B 3  ? 2  7  
1 A DC 4  1_555 B DC 4  1_555 1.925  1.393  0.020  -10.436 -11.232 179.782  4  A_DC4:DC4_B   A 4  ? B 4  ? 15 2  
1 A DG 5  1_555 B DG 5  1_555 -3.321 -8.097 0.012  8.832   -38.804 -178.772 5  A_DG5:DG5_B   A 5  ? B 5  ? 4  12 
1 A DA 6  1_555 B DA 6  1_555 5.702  -5.288 -0.445 24.768  -33.752 170.380  6  A_DA6:DA6_B   A 6  ? B 6  ? 2  7  
1 A DC 7  1_555 B DC 7  1_555 1.935  1.411  -0.007 -8.505  -11.949 179.017  7  A_DC7:DC7_B   A 7  ? B 7  ? 15 2  
1 A DG 8  1_555 B DG 8  1_555 -3.383 -8.007 -0.002 12.424  -37.621 -179.866 8  A_DG8:DG8_B   A 8  ? B 8  ? 4  12 
1 A DA 9  1_555 B DA 9  1_555 5.928  -5.141 -0.088 21.770  -33.449 171.097  9  A_DA9:DA9_B   A 9  ? B 9  ? 2  7  
1 A DC 10 1_555 B DC 10 1_555 -1.882 -1.336 0.318  11.496  7.891   -179.079 10 A_DC10:DC10_B A 10 ? B 10 ? 15 2  
1 A DG 11 1_555 B DG 11 1_555 3.416  7.983  -0.026 -9.233  34.635  179.411  11 A_DG11:DG11_B A 11 ? B 11 ? 4  12 
1 A DA 12 1_555 B DA 12 1_555 5.810  -5.175 -0.063 16.274  -29.904 173.304  12 A_DA12:DA12_B A 12 ? B 12 ? 2  7  
1 A DC 13 1_555 B DC 13 1_555 -1.951 -1.298 0.482  2.140   6.127   -178.852 13 A_DC13:DC13_B A 13 ? B 13 ? 15 2  
1 A DG 14 1_555 B DG 14 1_555 3.263  8.007  -0.063 -8.349  32.389  178.441  14 A_DG14:DG14_B A 14 ? B 14 ? 4  12 
1 A DA 15 1_555 B DA 15 1_555 -5.802 5.098  -0.175 -20.423 21.476  -176.745 15 A_DA15:DA15_B A 15 ? B 15 ? 2  7  
1 A DT 16 1_555 B DT 16 1_555 -1.533 1.224  0.601  9.738   -7.913  -170.103 16 A_DT16:DT16_B A 16 ? B 16 ? 12 2  
1 A DG 17 1_555 B DG 17 1_555 -3.400 -7.964 0.816  -13.051 -39.323 -176.603 17 A_DG17:DG17_B A 17 ? B 17 ? 4  12 
1 A DA 18 1_555 B DA 18 1_555 -5.672 5.537  0.779  -11.120 41.312  -175.035 18 A_DA18:DA18_B A 18 ? B 18 ? 2  7  
# 
loop_
_ndb_struct_na_base_pair_step.model_number 
_ndb_struct_na_base_pair_step.i_label_asym_id_1 
_ndb_struct_na_base_pair_step.i_label_comp_id_1 
_ndb_struct_na_base_pair_step.i_label_seq_id_1 
_ndb_struct_na_base_pair_step.i_symmetry_1 
_ndb_struct_na_base_pair_step.j_label_asym_id_1 
_ndb_struct_na_base_pair_step.j_label_comp_id_1 
_ndb_struct_na_base_pair_step.j_label_seq_id_1 
_ndb_struct_na_base_pair_step.j_symmetry_1 
_ndb_struct_na_base_pair_step.i_label_asym_id_2 
_ndb_struct_na_base_pair_step.i_label_comp_id_2 
_ndb_struct_na_base_pair_step.i_label_seq_id_2 
_ndb_struct_na_base_pair_step.i_symmetry_2 
_ndb_struct_na_base_pair_step.j_label_asym_id_2 
_ndb_struct_na_base_pair_step.j_label_comp_id_2 
_ndb_struct_na_base_pair_step.j_label_seq_id_2 
_ndb_struct_na_base_pair_step.j_symmetry_2 
_ndb_struct_na_base_pair_step.shift 
_ndb_struct_na_base_pair_step.slide 
_ndb_struct_na_base_pair_step.rise 
_ndb_struct_na_base_pair_step.tilt 
_ndb_struct_na_base_pair_step.roll 
_ndb_struct_na_base_pair_step.twist 
_ndb_struct_na_base_pair_step.x_displacement 
_ndb_struct_na_base_pair_step.y_displacement 
_ndb_struct_na_base_pair_step.helical_rise 
_ndb_struct_na_base_pair_step.inclination 
_ndb_struct_na_base_pair_step.tip 
_ndb_struct_na_base_pair_step.helical_twist 
_ndb_struct_na_base_pair_step.step_number 
_ndb_struct_na_base_pair_step.step_name 
_ndb_struct_na_base_pair_step.i_auth_asym_id_1 
_ndb_struct_na_base_pair_step.i_auth_seq_id_1 
_ndb_struct_na_base_pair_step.i_PDB_ins_code_1 
_ndb_struct_na_base_pair_step.j_auth_asym_id_1 
_ndb_struct_na_base_pair_step.j_auth_seq_id_1 
_ndb_struct_na_base_pair_step.j_PDB_ins_code_1 
_ndb_struct_na_base_pair_step.i_auth_asym_id_2 
_ndb_struct_na_base_pair_step.i_auth_seq_id_2 
_ndb_struct_na_base_pair_step.i_PDB_ins_code_2 
_ndb_struct_na_base_pair_step.j_auth_asym_id_2 
_ndb_struct_na_base_pair_step.j_auth_seq_id_2 
_ndb_struct_na_base_pair_step.j_PDB_ins_code_2 
1 A DC 1  1_555 B DC 1  1_555 A DG 2  1_555 B DG 2  1_555 0.139  -0.028 2.861 3.561  1.094  58.629   -0.079 0.019   2.863 1.116  
-3.632  58.737   1  AA_DC1DG2:DG2DC1_BB     A 1  ? B 1  ? A 2  ? B 2  ? 
1 A DG 2  1_555 B DG 2  1_555 A DA 3  1_555 B DA 3  1_555 -0.256 -0.959 4.889 -2.809 -0.407 -7.262   8.903  -14.628 4.412 3.066  
-21.143 -7.796   2  AA_DG2DA3:DA3DG2_BB     A 2  ? B 2  ? A 3  ? B 3  ? 
1 A DA 3  1_555 B DA 3  1_555 A DC 4  1_555 B DC 4  1_555 0.398  1.183  3.046 14.489 4.423  66.812   0.895  0.166   3.129 3.964  
-12.986 68.313   3  AA_DA3DC4:DC4DA3_BB     A 3  ? B 3  ? A 4  ? B 4  ? 
1 A DC 4  1_555 B DC 4  1_555 A DG 5  1_555 B DG 5  1_555 0.153  -0.321 2.523 -3.586 1.070  -118.446 0.178  0.062   2.527 -0.622 
-2.087  -118.482 4  AA_DC4DG5:DG5DC4_BB     A 4  ? B 4  ? A 5  ? B 5  ? 
1 A DG 5  1_555 B DG 5  1_555 A DA 6  1_555 B DA 6  1_555 0.779  -0.401 5.084 -1.540 0.052  170.650  -0.201 -0.394  5.084 0.026  
0.772   170.651  5  AA_DG5DA6:DA6DG5_BB     A 5  ? B 5  ? A 6  ? B 6  ? 
1 A DA 6  1_555 B DA 6  1_555 A DC 7  1_555 B DC 7  1_555 0.205  1.150  3.147 10.847 5.250  68.137   0.826  0.209   3.215 4.649  
-9.605  69.067   6  AA_DA6DC7:DC7DA6_BB     A 6  ? B 6  ? A 7  ? B 7  ? 
1 A DC 7  1_555 B DC 7  1_555 A DG 8  1_555 B DG 8  1_555 0.208  0.254  2.344 -1.100 0.020  -119.627 -0.147 0.113   2.345 -0.012 
-0.636  -119.630 7  AA_DC7DG8:DG8DC7_BB     A 7  ? B 7  ? A 8  ? B 8  ? 
1 A DG 8  1_555 B DG 8  1_555 A DA 9  1_555 B DA 9  1_555 0.570  -0.456 5.102 -2.011 4.469  169.807  -0.238 -0.290  5.100 2.243  
1.009   169.817  8  AA_DG8DA9:DA9DG8_BB     A 8  ? B 8  ? A 9  ? B 9  ? 
1 A DA 9  1_555 B DA 9  1_555 A DC 10 1_555 B DC 10 1_555 -1.187 0.577  2.930 -2.839 7.348  -111.991 -0.423 -0.744  2.882 -4.429 
-1.711  -112.174 9  AA_DA9DC10:DC10DA9_BB   A 9  ? B 9  ? A 10 ? B 10 ? 
1 A DC 10 1_555 B DC 10 1_555 A DG 11 1_555 B DG 11 1_555 -0.232 -0.267 2.883 1.456  -7.452 -118.043 0.221  -0.123  2.872 4.344  
0.849   -118.194 10 AA_DC10DG11:DG11DC10_BB A 10 ? B 10 ? A 11 ? B 11 ? 
1 A DG 11 1_555 B DG 11 1_555 A DA 12 1_555 B DA 12 1_555 -0.330 -0.541 5.025 3.227  -3.513 -8.509   13.712 7.734   4.300 21.585 
19.828  -9.753   11 AA_DG11DA12:DA12DG11_BB A 11 ? B 11 ? A 12 ? B 12 ? 
1 A DA 12 1_555 B DA 12 1_555 A DC 13 1_555 B DC 13 1_555 -1.029 0.694  2.977 -3.525 7.243  -114.023 -0.485 -0.648  2.925 -4.315 
-2.100  -114.207 12 AA_DA12DC13:DC13DA12_BB A 12 ? B 12 ? A 13 ? B 13 ? 
1 A DC 13 1_555 B DC 13 1_555 A DG 14 1_555 B DG 14 1_555 -0.724 -0.159 2.877 4.469  -6.826 -116.394 0.156  -0.385  2.886 4.013  
2.628   -116.574 13 AA_DC13DG14:DG14DC13_BB A 13 ? B 13 ? A 14 ? B 14 ? 
1 A DG 14 1_555 B DG 14 1_555 A DA 15 1_555 B DA 15 1_555 0.032  -0.122 4.722 0.384  3.109  174.626  -0.064 -0.016  4.722 1.556  
-0.192  174.628  14 AA_DG14DA15:DA15DG14_BB A 14 ? B 14 ? A 15 ? B 15 ? 
1 A DA 15 1_555 B DA 15 1_555 A DT 16 1_555 B DT 16 1_555 0.696  -0.147 2.692 -4.496 8.754  54.794   -0.571 -0.959  2.582 9.427  
4.842   55.603   15 AA_DA15DT16:DT16DA15_BB A 15 ? B 15 ? A 16 ? B 16 ? 
1 A DT 16 1_555 B DT 16 1_555 A DG 17 1_555 B DG 17 1_555 -0.421 0.184  3.191 0.035  7.440  72.669   -0.081 0.355   3.194 6.262  
-0.030  72.997   16 AA_DT16DG17:DG17DT16_BB A 16 ? B 16 ? A 17 ? B 17 ? 
1 A DG 17 1_555 B DG 17 1_555 A DA 18 1_555 B DA 18 1_555 -0.547 0.052  5.342 -6.698 -4.457 -4.152   15.518 -27.283 2.073 34.757 
-52.238 -9.052   17 AA_DG17DA18:DA18DG17_BB A 17 ? B 17 ? A 18 ? B 18 ? 
# 
_pdbx_audit_support.funding_organization   'Not funded' 
_pdbx_audit_support.country                ? 
_pdbx_audit_support.grant_number           ? 
_pdbx_audit_support.ordinal                1 
# 
loop_
_pdbx_entity_nonpoly.entity_id 
_pdbx_entity_nonpoly.name 
_pdbx_entity_nonpoly.comp_id 
2 'BARIUM ION' BA  
3 water        HOH 
# 
_pdbx_initial_refinement_model.id               1 
_pdbx_initial_refinement_model.entity_id_list   ? 
_pdbx_initial_refinement_model.type             'experimental model' 
_pdbx_initial_refinement_model.source_name      PDB 
_pdbx_initial_refinement_model.accession_code   1IXJ 
_pdbx_initial_refinement_model.details          ? 
# 
_pdbx_struct_assembly_auth_evidence.id                     1 
_pdbx_struct_assembly_auth_evidence.assembly_id            1 
_pdbx_struct_assembly_auth_evidence.experimental_support   'light scattering' 
_pdbx_struct_assembly_auth_evidence.details                ? 
# 
